data_8EEX
#
_entry.id   8EEX
#
_cell.length_a   1.00
_cell.length_b   1.00
_cell.length_c   1.00
_cell.angle_alpha   90.00
_cell.angle_beta   90.00
_cell.angle_gamma   90.00
#
_symmetry.space_group_name_H-M   'P 1'
#
loop_
_entity.id
_entity.type
_entity.pdbx_description
1 polymer Cas7-11
2 polymer Csx29
3 polymer crRNA
4 non-polymer 'ZINC ION'
#
loop_
_entity_poly.entity_id
_entity_poly.type
_entity_poly.pdbx_seq_one_letter_code
_entity_poly.pdbx_strand_id
1 'polypeptide(L)'
;MTTTMKISIEFLEPFRMTKWQESTRRNKNNKEFVRGQAFARWHRNKKDNTKGRPYITGTLLRSAVIRSAENLLTLSDGKI
SEKTCCPGKFDTEDKDRLLQLRQRSTLRWTDKNPCPDNAETYCPFCELLGRSGNDGKKAEKKDWRFRIHFGNLSLPGKPD
FDGPKAIGSQRVLNRVDFKSGKAHDFFKAYEVDHTRFPRFEGEITIDNKVSAEARKLLCDSLKFTDRLCGALCVIRFDEY
TPAADSGKQTENVQAEPNANLAEKTAEQIISILDDNKKTEYTRLLADAIRSLRRSSKLVAGLPKDHDGKDDHYLWDIGKK
KKDENSVTIRQILTTSADTKELKNAGKWREFCEKLGEALYLKSKDMSGGLKITRRILGDAEFHGKPDRLEKSRSVSIGSV
LKETVVCGELVAKTPFFFGAIDEDAKQTALQVLLTPDNKYRLPRSAVRGILRRDLQTYFDSPCNAELGGRPCMCKTCRIM
RGITVMDARSEYNAPPEIRHRTRINPFTGTVAEGALFNMEVAPEGIVFPFQLRYRGSEDGLPDALKTVLKWWAEGQAFMS
GAASTGKGRFRMENAKYETLDLSDENQRNDYLKNWGWRDEKGLEELKKRLNSGLPEPGNYRDPKWHEINVSIEMASPFIN
GDPIRAAVDKRGTAVVTFVKYKAEGEEAKPVCAYKAESFRGVIRSAVARIHMEDGVPLTELTHSDCECLLCQIFGSEYEA
GKIRFEDLVFESDPEPVTFDHVAIDRFTGGAADKKKFDDSPLPGSPARPLMLKGSFWIRRDVLEDEEYCKALGKALADVN
NGLYPLGGKSAIGYGQVKSLGIKGDDKRISRLMNPAFDETDVAVPEKPKTDAEVRIEAEKVYYPHYFVEPHKKVEREEKP
CGHQKFHEGRLTGKIRCKLITKTPLIVPDTSNDDFFRPADKEARKEKDEYHKSYAFFRLHKQIMIPGSELRGMVSSVYET
VTNSCFRIFDETKRLSWRMDADHQNVLQDFLPGRVTADGKHIQKFSETARVPFYDKTQKHFDILDEQEIAGEKPVRMWVK
RFIKRLSLVDPAKHPQKKQDNKWKRRKEGIATFIEQKNGSYYFNVVTNNGCTSFHLWHKPDNFDQEKLEGIQNGEKLDCW
VRDSRYQKAFQEIPENDPDGWECKEGYLHVVGPSKVEFSDKKGDVINNFQGTLPSVPNDWKTIRTNDFKNRKRKNEPVFC
CEDDKGNYYTMAKYCETFFFDLKENEEYEIPEKARIKYKELLRVYNNNPQAVPESVFQSRVARENVEKLKSGDLVYFKHN
EKYVEDIVPVRISRTVDDRMIGKRMSADLRPCHGDWVEDGDLSALNAYPEKRLLLRHPKGLCPACRLFGTGSYKGRVRFG
FASLENDPEWLIPGKNPGDPFHGGPVMLSLLERPRPTWSIPGSDNKFKVPGRKFYVHHHAWKTIKDGNHPTTGKAIEQSP
NNRTVEALAGGNSFSFEIAFENLKEWELGLLIHSLQLEKGLAHKLGMAKSMGFGSVEIDVESVRLRKDWKQWRNGNSEIP
NWLGKGFAKLKEWFRDELDFIENLKKLLWFPEGDQAPRVCYPMLRKKDDPNGNSGYEELKDGEFKKEDRQKKLTTPWTPW
A
;
A
2 'polypeptide(L)'
;MSNPIRDIQDRLKTAKFDNKDDMMNLASSLYKYEKQLMDSSEATLCQQGLSNRPNSFSQLSQFRDSDIQSKAGGQTGKFW
QNEYEACKNFQTHKERRETLEQIIRFLQNGAEEKDADDLLLKTLARAYFHRGLLYRPKGFSVPARKVEAMKKAIAYCEII
LDKNEEESEALRIWLYAAMELRRCGEEYPENFAEKLFYLANDGFISELYDIRLFLEYTEREEDNNFLDMILQENQDRERL
FELCLYKARACFHLNQLNDVRIYGESAIDNAPGAFADPFWDELVEFIRMLRNKKSELWKEIAIKAWDKCREKEMKVGNNI
YLSWYWARQRELYDLAFMAQDGIEKKTRIADSLKSRTTLRIQELNELRKDAHRKQNRRLEDKLDRIIEQENEARDGAYLR
RNPPCFTGGKREEIPFARLPQNWIAVHFYLNELESHEGGKGGHALIYDPQKAEKDQWQDKSFDYKELHRKFLEWQENYIL
NEEGSADFLVTLCREIEKAMPFLFKSEVIPEDRPVLWIPHGFLHRLPLHAAMKSGNNSNIEIFWERHASRYLPAWHLFDP
APYSREESSTLLKNFEEYDFQNLENGEIEVYAPSSPKKVKEAIRENPAILLLLCHGEADMTNPFRSCLKLKNKDMTIFDL
LTVEDVRLSGSRILLGACESDMVPPLEFSVDEHLSVSGAFLSHKAGEIVAGLWTVDSEKVDECYSYLVEEKDFLRNLQEW
QMAETENFRSENDSSLFYKIAPFRIIGFPAE
;
B
3 'polyribonucleotide' UUGAUGUCACGGAACCUUUGUUGUCUUCGACAUGGG C
#
# COMPACT_ATOMS: atom_id res chain seq x y z
N MET A 1 -11.16 -11.21 -63.18
CA MET A 1 -10.06 -10.19 -63.16
C MET A 1 -10.25 -9.23 -61.99
N THR A 2 -9.15 -8.64 -61.54
CA THR A 2 -9.14 -7.86 -60.31
C THR A 2 -8.33 -6.58 -60.52
N THR A 3 -8.44 -5.69 -59.54
CA THR A 3 -7.66 -4.47 -59.46
C THR A 3 -7.23 -4.27 -58.01
N THR A 4 -6.20 -3.46 -57.81
CA THR A 4 -5.47 -3.39 -56.56
C THR A 4 -5.43 -1.97 -56.02
N MET A 5 -5.51 -1.86 -54.70
CA MET A 5 -5.51 -0.58 -53.99
C MET A 5 -4.41 -0.60 -52.94
N LYS A 6 -3.49 0.36 -53.03
CA LYS A 6 -2.42 0.48 -52.04
C LYS A 6 -2.93 1.16 -50.78
N ILE A 7 -2.43 0.69 -49.63
CA ILE A 7 -2.92 1.09 -48.32
C ILE A 7 -1.71 1.30 -47.40
N SER A 8 -1.81 2.26 -46.49
CA SER A 8 -0.83 2.42 -45.43
C SER A 8 -1.51 2.94 -44.17
N ILE A 9 -1.01 2.47 -43.02
CA ILE A 9 -1.51 2.87 -41.71
C ILE A 9 -0.42 3.68 -41.03
N GLU A 10 -0.79 4.87 -40.53
CA GLU A 10 0.11 5.73 -39.78
C GLU A 10 -0.37 5.79 -38.33
N PHE A 11 0.46 5.35 -37.40
CA PHE A 11 0.11 5.32 -35.99
C PHE A 11 0.45 6.62 -35.29
N LEU A 12 -0.46 7.06 -34.42
CA LEU A 12 -0.29 8.27 -33.63
C LEU A 12 0.06 8.00 -32.17
N GLU A 13 0.04 6.74 -31.75
CA GLU A 13 0.36 6.35 -30.39
C GLU A 13 1.19 5.07 -30.43
N PRO A 14 1.86 4.73 -29.33
CA PRO A 14 2.50 3.41 -29.24
C PRO A 14 1.47 2.30 -29.36
N PHE A 15 1.67 1.40 -30.32
CA PHE A 15 0.77 0.30 -30.58
C PHE A 15 1.24 -0.97 -29.89
N ARG A 16 0.30 -1.90 -29.68
CA ARG A 16 0.53 -3.10 -28.90
C ARG A 16 0.78 -4.31 -29.80
N MET A 17 1.63 -5.22 -29.32
CA MET A 17 2.04 -6.41 -30.06
C MET A 17 2.04 -7.61 -29.13
N THR A 18 1.65 -8.76 -29.66
CA THR A 18 1.52 -9.99 -28.88
C THR A 18 2.73 -10.90 -29.05
N LYS A 19 2.94 -11.78 -28.07
CA LYS A 19 4.05 -12.73 -28.10
C LYS A 19 3.90 -13.71 -29.25
N TRP A 20 5.04 -14.23 -29.71
CA TRP A 20 5.05 -15.33 -30.68
C TRP A 20 4.63 -16.62 -29.99
N GLN A 21 3.88 -17.45 -30.72
CA GLN A 21 3.38 -18.73 -30.25
C GLN A 21 3.76 -19.83 -31.23
N GLU A 22 4.08 -21.00 -30.70
CA GLU A 22 4.30 -22.16 -31.57
C GLU A 22 3.03 -22.50 -32.32
N SER A 23 3.20 -23.03 -33.53
CA SER A 23 2.08 -23.21 -34.44
C SER A 23 1.00 -24.12 -33.88
N THR A 24 1.33 -25.03 -32.98
CA THR A 24 0.31 -25.89 -32.40
C THR A 24 -0.59 -25.11 -31.44
N ARG A 25 -0.02 -24.12 -30.75
CA ARG A 25 -0.76 -23.40 -29.73
C ARG A 25 -1.61 -22.27 -30.29
N ARG A 26 -1.55 -22.04 -31.61
CA ARG A 26 -2.35 -20.99 -32.26
C ARG A 26 -3.77 -21.50 -32.54
N ASN A 27 -4.50 -21.76 -31.46
CA ASN A 27 -5.84 -22.33 -31.56
C ASN A 27 -6.71 -21.77 -30.44
N LYS A 28 -8.01 -22.01 -30.58
CA LYS A 28 -9.03 -21.35 -29.76
C LYS A 28 -8.99 -21.75 -28.28
N ASN A 29 -8.24 -22.78 -27.92
CA ASN A 29 -8.14 -23.19 -26.52
C ASN A 29 -7.05 -22.46 -25.76
N ASN A 30 -6.13 -21.78 -26.46
CA ASN A 30 -5.01 -21.09 -25.83
C ASN A 30 -5.45 -19.67 -25.46
N LYS A 31 -5.60 -19.41 -24.17
CA LYS A 31 -6.14 -18.12 -23.71
C LYS A 31 -5.22 -16.97 -24.11
N GLU A 32 -3.91 -17.16 -24.00
CA GLU A 32 -2.98 -16.08 -24.31
C GLU A 32 -3.02 -15.72 -25.79
N PHE A 33 -3.26 -16.71 -26.65
CA PHE A 33 -3.34 -16.45 -28.09
C PHE A 33 -4.63 -15.74 -28.46
N VAL A 34 -5.75 -16.18 -27.88
CA VAL A 34 -7.04 -15.59 -28.22
C VAL A 34 -7.12 -14.16 -27.70
N ARG A 35 -6.58 -13.88 -26.53
CA ARG A 35 -6.64 -12.54 -25.98
C ARG A 35 -5.79 -11.55 -26.76
N GLY A 36 -4.80 -12.02 -27.50
CA GLY A 36 -3.91 -11.18 -28.28
C GLY A 36 -4.31 -10.94 -29.71
N GLN A 37 -5.51 -11.37 -30.13
CA GLN A 37 -5.88 -11.24 -31.53
C GLN A 37 -6.02 -9.79 -31.97
N ALA A 38 -6.34 -8.89 -31.05
CA ALA A 38 -6.51 -7.49 -31.41
C ALA A 38 -5.18 -6.75 -31.59
N PHE A 39 -4.05 -7.39 -31.30
CA PHE A 39 -2.74 -6.74 -31.34
C PHE A 39 -2.00 -7.10 -32.62
N ALA A 40 -0.86 -6.45 -32.80
CA ALA A 40 0.06 -6.79 -33.87
C ALA A 40 0.80 -8.09 -33.54
N ARG A 41 1.38 -8.70 -34.56
CA ARG A 41 2.01 -10.01 -34.45
C ARG A 41 3.51 -9.92 -34.73
N TRP A 42 4.26 -10.86 -34.16
CA TRP A 42 5.67 -11.02 -34.44
C TRP A 42 5.88 -12.21 -35.38
N HIS A 43 6.64 -12.00 -36.44
CA HIS A 43 7.04 -13.06 -37.36
C HIS A 43 8.47 -13.49 -37.07
N ARG A 44 8.66 -14.68 -36.53
CA ARG A 44 10.00 -15.25 -36.46
C ARG A 44 10.48 -15.56 -37.87
N ASN A 45 11.65 -15.03 -38.23
CA ASN A 45 12.18 -15.25 -39.57
C ASN A 45 12.46 -16.73 -39.80
N LYS A 46 12.92 -17.43 -38.77
CA LYS A 46 13.10 -18.87 -38.77
C LYS A 46 12.67 -19.35 -37.40
N LYS A 47 12.08 -20.55 -37.34
CA LYS A 47 11.29 -20.93 -36.16
C LYS A 47 12.13 -20.82 -34.90
N ASP A 48 13.36 -21.34 -34.93
CA ASP A 48 14.12 -21.54 -33.72
C ASP A 48 14.92 -20.32 -33.28
N ASN A 49 14.67 -19.15 -33.86
CA ASN A 49 15.43 -17.94 -33.56
C ASN A 49 14.48 -16.75 -33.49
N THR A 50 14.75 -15.85 -32.55
CA THR A 50 13.87 -14.70 -32.32
C THR A 50 13.94 -13.66 -33.43
N LYS A 51 14.94 -13.75 -34.31
CA LYS A 51 15.10 -12.77 -35.39
C LYS A 51 13.84 -12.71 -36.23
N GLY A 52 13.37 -11.49 -36.51
CA GLY A 52 12.06 -11.35 -37.14
C GLY A 52 11.67 -9.89 -37.29
N ARG A 53 10.37 -9.67 -37.51
CA ARG A 53 9.84 -8.33 -37.71
C ARG A 53 8.33 -8.36 -37.42
N PRO A 54 7.72 -7.23 -37.12
CA PRO A 54 6.28 -7.20 -36.82
C PRO A 54 5.42 -7.12 -38.08
N TYR A 55 4.15 -7.47 -37.93
CA TYR A 55 3.18 -7.34 -39.01
C TYR A 55 1.77 -7.34 -38.45
N ILE A 56 0.82 -6.91 -39.29
CA ILE A 56 -0.59 -6.82 -38.96
C ILE A 56 -1.37 -7.63 -40.00
N THR A 57 -2.32 -8.43 -39.52
CA THR A 57 -3.12 -9.25 -40.41
C THR A 57 -4.20 -8.42 -41.10
N GLY A 58 -4.52 -8.81 -42.33
CA GLY A 58 -5.66 -8.22 -43.02
C GLY A 58 -6.98 -8.59 -42.41
N THR A 59 -7.05 -9.77 -41.77
CA THR A 59 -8.28 -10.16 -41.10
C THR A 59 -8.64 -9.18 -40.00
N LEU A 60 -7.63 -8.65 -39.30
CA LEU A 60 -7.90 -7.65 -38.28
C LEU A 60 -8.41 -6.36 -38.90
N LEU A 61 -7.80 -5.93 -40.01
CA LEU A 61 -8.24 -4.69 -40.63
C LEU A 61 -9.66 -4.81 -41.17
N ARG A 62 -10.00 -5.96 -41.76
CA ARG A 62 -11.36 -6.16 -42.25
C ARG A 62 -12.38 -6.04 -41.13
N SER A 63 -12.07 -6.63 -39.97
CA SER A 63 -13.00 -6.59 -38.85
C SER A 63 -13.26 -5.15 -38.41
N ALA A 64 -12.21 -4.32 -38.36
CA ALA A 64 -12.39 -2.92 -38.04
C ALA A 64 -13.22 -2.20 -39.12
N VAL A 65 -12.96 -2.51 -40.39
CA VAL A 65 -13.68 -1.85 -41.48
C VAL A 65 -15.16 -2.18 -41.41
N ILE A 66 -15.50 -3.44 -41.12
CA ILE A 66 -16.91 -3.83 -41.03
C ILE A 66 -17.61 -3.06 -39.92
N ARG A 67 -16.94 -2.92 -38.78
CA ARG A 67 -17.53 -2.17 -37.67
C ARG A 67 -17.77 -0.72 -38.07
N SER A 68 -16.83 -0.14 -38.82
CA SER A 68 -17.03 1.22 -39.33
C SER A 68 -18.20 1.31 -40.29
N ALA A 69 -18.34 0.31 -41.16
CA ALA A 69 -19.42 0.34 -42.15
C ALA A 69 -20.79 0.29 -41.50
N GLU A 70 -20.94 -0.50 -40.44
CA GLU A 70 -22.21 -0.54 -39.71
C GLU A 70 -22.56 0.84 -39.17
N ASN A 71 -21.57 1.56 -38.65
CA ASN A 71 -21.83 2.87 -38.06
C ASN A 71 -22.23 3.88 -39.13
N LEU A 72 -21.57 3.84 -40.28
CA LEU A 72 -21.93 4.77 -41.36
C LEU A 72 -23.31 4.46 -41.93
N LEU A 73 -23.71 3.19 -41.95
CA LEU A 73 -25.02 2.84 -42.49
C LEU A 73 -26.15 3.27 -41.57
N THR A 74 -25.96 3.14 -40.26
CA THR A 74 -27.02 3.57 -39.34
C THR A 74 -27.20 5.09 -39.37
N LEU A 75 -26.13 5.84 -39.57
CA LEU A 75 -26.26 7.30 -39.72
C LEU A 75 -27.03 7.66 -40.99
N SER A 76 -26.73 6.99 -42.10
CA SER A 76 -27.37 7.29 -43.38
C SER A 76 -28.67 6.52 -43.58
N ASP A 77 -29.24 5.94 -42.51
CA ASP A 77 -30.52 5.23 -42.59
C ASP A 77 -30.48 4.08 -43.61
N GLY A 78 -29.33 3.44 -43.73
CA GLY A 78 -29.20 2.24 -44.53
C GLY A 78 -29.01 2.45 -46.02
N LYS A 79 -28.92 3.70 -46.48
CA LYS A 79 -28.81 4.01 -47.90
C LYS A 79 -27.40 4.46 -48.23
N ILE A 80 -26.84 3.90 -49.29
CA ILE A 80 -25.53 4.30 -49.83
C ILE A 80 -25.74 4.66 -51.29
N SER A 81 -25.42 5.91 -51.64
CA SER A 81 -25.69 6.44 -52.98
C SER A 81 -27.15 6.26 -53.35
N GLU A 82 -28.04 6.44 -52.37
CA GLU A 82 -29.47 6.26 -52.55
C GLU A 82 -29.79 4.86 -53.08
N LYS A 83 -29.06 3.87 -52.57
CA LYS A 83 -29.32 2.46 -52.80
C LYS A 83 -29.24 1.76 -51.45
N THR A 84 -30.08 0.75 -51.24
CA THR A 84 -30.42 0.28 -49.91
C THR A 84 -29.68 -1.00 -49.56
N CYS A 85 -29.34 -1.14 -48.27
CA CYS A 85 -28.63 -2.30 -47.74
C CYS A 85 -29.51 -3.03 -46.74
N CYS A 86 -29.46 -4.37 -46.77
CA CYS A 86 -30.09 -5.23 -45.78
C CYS A 86 -29.16 -5.36 -44.57
N PRO A 87 -29.57 -6.06 -43.50
CA PRO A 87 -28.75 -6.05 -42.28
C PRO A 87 -27.42 -6.80 -42.39
N GLY A 88 -27.21 -7.64 -43.40
CA GLY A 88 -26.08 -8.54 -43.42
C GLY A 88 -26.39 -9.82 -42.67
N LYS A 89 -25.44 -10.77 -42.76
CA LYS A 89 -25.59 -12.09 -42.16
C LYS A 89 -24.40 -12.40 -41.27
N PHE A 90 -24.67 -12.84 -40.04
CA PHE A 90 -23.65 -13.09 -39.02
C PHE A 90 -23.94 -14.36 -38.22
N ASP A 91 -24.24 -15.46 -38.91
CA ASP A 91 -24.35 -16.75 -38.22
C ASP A 91 -23.96 -17.88 -39.16
N THR A 92 -23.22 -18.84 -38.63
CA THR A 92 -22.71 -19.97 -39.40
C THR A 92 -23.07 -21.29 -38.72
N GLU A 93 -23.17 -22.34 -39.53
CA GLU A 93 -22.98 -23.68 -39.00
C GLU A 93 -21.50 -23.87 -38.64
N ASP A 94 -21.23 -24.96 -37.94
CA ASP A 94 -19.84 -25.36 -37.65
C ASP A 94 -19.07 -24.22 -37.01
N LYS A 95 -19.64 -23.65 -35.94
CA LYS A 95 -19.01 -22.54 -35.25
C LYS A 95 -17.63 -22.89 -34.72
N ASP A 96 -17.33 -24.18 -34.56
CA ASP A 96 -16.06 -24.59 -33.98
C ASP A 96 -14.86 -24.22 -34.85
N ARG A 97 -15.06 -24.02 -36.17
CA ARG A 97 -13.94 -23.64 -37.03
C ARG A 97 -13.62 -22.16 -36.97
N LEU A 98 -14.51 -21.34 -36.40
CA LEU A 98 -14.21 -19.93 -36.16
C LEU A 98 -13.38 -19.77 -34.91
N LEU A 99 -12.29 -19.01 -35.01
CA LEU A 99 -11.45 -18.74 -33.86
C LEU A 99 -12.15 -17.83 -32.85
N GLN A 100 -13.00 -16.92 -33.33
CA GLN A 100 -13.70 -15.98 -32.46
C GLN A 100 -15.12 -15.77 -32.94
N LEU A 101 -16.01 -15.42 -32.01
CA LEU A 101 -17.42 -15.16 -32.28
C LEU A 101 -17.78 -13.78 -31.74
N ARG A 102 -18.76 -13.14 -32.39
CA ARG A 102 -19.06 -11.76 -32.06
C ARG A 102 -19.76 -11.70 -30.70
N GLN A 103 -19.18 -10.96 -29.76
CA GLN A 103 -19.85 -10.71 -28.49
C GLN A 103 -20.77 -9.51 -28.59
N ARG A 104 -20.30 -8.44 -29.24
CA ARG A 104 -21.06 -7.21 -29.33
C ARG A 104 -22.35 -7.38 -30.11
N SER A 105 -23.30 -6.49 -29.85
CA SER A 105 -24.53 -6.43 -30.63
C SER A 105 -24.26 -5.81 -31.99
N THR A 106 -24.77 -6.46 -33.04
CA THR A 106 -24.76 -5.86 -34.36
C THR A 106 -25.81 -4.76 -34.47
N LEU A 107 -25.48 -3.71 -35.21
CA LEU A 107 -26.41 -2.60 -35.39
C LEU A 107 -27.44 -2.96 -36.47
N ARG A 108 -28.60 -2.31 -36.40
CA ARG A 108 -29.60 -2.43 -37.44
C ARG A 108 -30.09 -1.07 -37.90
N TRP A 109 -30.41 -1.01 -39.18
CA TRP A 109 -30.98 0.18 -39.81
C TRP A 109 -32.26 -0.13 -40.57
N THR A 110 -32.59 -1.41 -40.78
CA THR A 110 -33.83 -1.85 -41.39
C THR A 110 -34.24 -3.16 -40.75
N ASP A 111 -35.51 -3.52 -40.92
CA ASP A 111 -36.06 -4.77 -40.39
C ASP A 111 -36.15 -5.88 -41.43
N LYS A 112 -35.77 -5.61 -42.67
CA LYS A 112 -35.84 -6.62 -43.72
C LYS A 112 -34.94 -7.82 -43.43
N ASN A 113 -35.34 -8.97 -43.94
CA ASN A 113 -34.51 -10.16 -43.87
C ASN A 113 -33.29 -10.01 -44.78
N PRO A 114 -32.18 -10.67 -44.46
CA PRO A 114 -30.99 -10.57 -45.31
C PRO A 114 -31.18 -11.31 -46.64
N CYS A 115 -30.22 -11.10 -47.54
CA CYS A 115 -30.29 -11.69 -48.87
C CYS A 115 -30.20 -13.22 -48.77
N PRO A 116 -30.79 -13.96 -49.71
CA PRO A 116 -30.62 -15.42 -49.70
C PRO A 116 -29.16 -15.82 -49.85
N ASP A 117 -28.80 -16.95 -49.23
CA ASP A 117 -27.41 -17.40 -49.18
C ASP A 117 -26.95 -18.09 -50.46
N ASN A 118 -27.76 -18.08 -51.53
CA ASN A 118 -27.30 -18.60 -52.82
C ASN A 118 -27.76 -17.68 -53.95
N ALA A 119 -28.05 -16.42 -53.66
CA ALA A 119 -28.53 -15.47 -54.66
C ALA A 119 -27.38 -14.96 -55.52
N GLU A 120 -27.73 -14.09 -56.46
CA GLU A 120 -26.77 -13.42 -57.34
C GLU A 120 -26.60 -11.94 -57.02
N THR A 121 -27.70 -11.21 -56.79
CA THR A 121 -27.68 -9.75 -56.71
C THR A 121 -27.65 -9.34 -55.24
N TYR A 122 -26.45 -9.35 -54.68
CA TYR A 122 -26.23 -8.95 -53.30
C TYR A 122 -26.12 -7.44 -53.17
N CYS A 123 -26.60 -6.92 -52.03
CA CYS A 123 -26.53 -5.50 -51.74
C CYS A 123 -25.13 -5.10 -51.31
N PRO A 124 -24.83 -3.79 -51.31
CA PRO A 124 -23.42 -3.35 -51.11
C PRO A 124 -22.77 -3.85 -49.83
N PHE A 125 -23.49 -3.88 -48.71
CA PHE A 125 -22.89 -4.35 -47.46
C PHE A 125 -22.54 -5.82 -47.55
N CYS A 126 -23.35 -6.62 -48.26
CA CYS A 126 -23.01 -8.02 -48.47
C CYS A 126 -21.84 -8.20 -49.41
N GLU A 127 -21.55 -7.23 -50.29
CA GLU A 127 -20.33 -7.28 -51.08
C GLU A 127 -19.10 -7.06 -50.20
N LEU A 128 -19.21 -6.12 -49.26
CA LEU A 128 -18.10 -5.85 -48.35
C LEU A 128 -17.83 -7.05 -47.44
N LEU A 129 -18.89 -7.75 -47.02
CA LEU A 129 -18.73 -8.95 -46.22
C LEU A 129 -18.18 -10.12 -47.02
N GLY A 130 -18.25 -10.08 -48.34
CA GLY A 130 -17.81 -11.17 -49.18
C GLY A 130 -18.85 -12.25 -49.42
N ARG A 131 -20.09 -12.02 -49.01
CA ARG A 131 -21.15 -12.93 -49.41
C ARG A 131 -21.40 -12.85 -50.91
N SER A 132 -21.18 -11.69 -51.53
CA SER A 132 -21.15 -11.62 -52.97
C SER A 132 -20.01 -12.48 -53.51
N GLY A 133 -20.33 -13.32 -54.47
CA GLY A 133 -19.37 -14.32 -54.94
C GLY A 133 -19.29 -15.54 -54.06
N ASN A 134 -19.03 -15.33 -52.76
CA ASN A 134 -18.91 -16.40 -51.75
C ASN A 134 -18.19 -17.66 -52.27
N ASP A 143 -7.94 -21.88 -55.10
CA ASP A 143 -9.26 -22.51 -55.11
C ASP A 143 -10.31 -21.51 -54.64
N TRP A 144 -10.06 -20.94 -53.47
CA TRP A 144 -10.97 -19.95 -52.90
C TRP A 144 -10.86 -18.62 -53.64
N ARG A 145 -11.99 -18.02 -53.98
CA ARG A 145 -12.05 -16.74 -54.67
C ARG A 145 -12.59 -15.68 -53.73
N PHE A 146 -11.93 -14.51 -53.73
CA PHE A 146 -12.30 -13.39 -52.87
C PHE A 146 -12.93 -12.27 -53.70
N ARG A 147 -14.02 -11.71 -53.19
CA ARG A 147 -14.67 -10.59 -53.85
C ARG A 147 -14.04 -9.26 -53.46
N ILE A 148 -13.72 -9.08 -52.18
CA ILE A 148 -12.78 -8.07 -51.71
C ILE A 148 -11.81 -8.78 -50.78
N HIS A 149 -10.51 -8.51 -50.96
CA HIS A 149 -9.45 -9.20 -50.25
C HIS A 149 -8.58 -8.18 -49.52
N PHE A 150 -8.27 -8.47 -48.27
CA PHE A 150 -7.38 -7.65 -47.44
C PHE A 150 -6.08 -8.41 -47.23
N GLY A 151 -4.97 -7.81 -47.66
CA GLY A 151 -3.67 -8.39 -47.41
C GLY A 151 -3.09 -7.96 -46.08
N ASN A 152 -2.02 -8.64 -45.69
CA ASN A 152 -1.31 -8.26 -44.47
C ASN A 152 -0.52 -6.98 -44.68
N LEU A 153 -0.30 -6.25 -43.60
CA LEU A 153 0.45 -5.00 -43.61
C LEU A 153 1.78 -5.20 -42.90
N SER A 154 2.85 -4.69 -43.51
CA SER A 154 4.21 -4.93 -43.05
C SER A 154 5.00 -3.64 -43.07
N LEU A 155 6.13 -3.64 -42.37
CA LEU A 155 7.02 -2.50 -42.41
C LEU A 155 7.54 -2.30 -43.82
N PRO A 156 7.71 -1.06 -44.30
CA PRO A 156 8.22 -0.86 -45.65
C PRO A 156 9.61 -1.48 -45.83
N GLY A 157 9.75 -2.32 -46.86
CA GLY A 157 11.00 -2.96 -47.17
C GLY A 157 11.28 -4.24 -46.43
N LYS A 158 10.41 -4.65 -45.51
CA LYS A 158 10.59 -5.82 -44.66
C LYS A 158 12.00 -5.92 -44.08
N PRO A 159 12.40 -4.98 -43.23
CA PRO A 159 13.63 -5.14 -42.46
C PRO A 159 13.48 -6.20 -41.39
N ASP A 160 14.61 -6.70 -40.90
CA ASP A 160 14.65 -7.71 -39.85
C ASP A 160 15.36 -7.17 -38.62
N PHE A 161 14.97 -7.70 -37.46
CA PHE A 161 15.51 -7.30 -36.18
C PHE A 161 15.72 -8.56 -35.35
N ASP A 162 16.63 -8.49 -34.39
CA ASP A 162 17.03 -9.70 -33.68
C ASP A 162 16.02 -10.19 -32.65
N GLY A 163 14.97 -9.41 -32.37
CA GLY A 163 13.91 -9.87 -31.49
C GLY A 163 12.93 -8.77 -31.15
N PRO A 164 11.84 -9.14 -30.47
CA PRO A 164 10.85 -8.12 -30.08
C PRO A 164 11.44 -7.02 -29.21
N LYS A 165 12.38 -7.36 -28.34
CA LYS A 165 12.96 -6.37 -27.44
C LYS A 165 13.79 -5.33 -28.17
N ALA A 166 14.16 -5.58 -29.42
CA ALA A 166 14.75 -4.53 -30.24
C ALA A 166 13.69 -3.55 -30.74
N ILE A 167 12.46 -4.02 -30.92
CA ILE A 167 11.40 -3.20 -31.47
C ILE A 167 10.67 -2.44 -30.38
N GLY A 168 10.35 -3.10 -29.27
CA GLY A 168 9.58 -2.50 -28.21
C GLY A 168 9.92 -3.06 -26.85
N SER A 169 9.09 -2.77 -25.85
CA SER A 169 9.32 -3.17 -24.47
C SER A 169 8.04 -3.74 -23.89
N GLN A 170 8.17 -4.83 -23.15
CA GLN A 170 7.00 -5.50 -22.58
C GLN A 170 6.66 -4.89 -21.23
N ARG A 171 5.36 -4.63 -21.03
CA ARG A 171 4.88 -3.82 -19.91
C ARG A 171 3.67 -4.46 -19.26
N VAL A 172 3.61 -4.37 -17.93
CA VAL A 172 2.52 -4.94 -17.15
C VAL A 172 1.34 -3.96 -17.15
N LEU A 173 0.14 -4.48 -17.35
CA LEU A 173 -1.09 -3.71 -17.36
C LEU A 173 -2.02 -4.24 -16.29
N ASN A 174 -2.57 -3.33 -15.49
CA ASN A 174 -3.20 -3.63 -14.21
C ASN A 174 -4.68 -3.98 -14.37
N ARG A 175 -5.27 -4.43 -13.28
CA ARG A 175 -6.71 -4.39 -13.07
C ARG A 175 -6.96 -4.17 -11.60
N VAL A 176 -7.54 -3.01 -11.25
CA VAL A 176 -7.63 -2.56 -9.86
C VAL A 176 -9.06 -2.75 -9.38
N ASP A 177 -9.20 -3.26 -8.16
CA ASP A 177 -10.51 -3.41 -7.53
C ASP A 177 -10.96 -2.06 -6.98
N PHE A 178 -12.16 -1.62 -7.38
CA PHE A 178 -12.65 -0.31 -6.95
C PHE A 178 -12.86 -0.26 -5.44
N LYS A 179 -13.39 -1.32 -4.85
CA LYS A 179 -13.68 -1.31 -3.42
C LYS A 179 -12.40 -1.30 -2.59
N SER A 180 -11.40 -2.10 -2.98
CA SER A 180 -10.18 -2.21 -2.18
C SER A 180 -9.18 -1.12 -2.51
N GLY A 181 -9.07 -0.75 -3.78
CA GLY A 181 -7.99 0.10 -4.24
C GLY A 181 -6.71 -0.64 -4.57
N LYS A 182 -6.75 -1.96 -4.63
CA LYS A 182 -5.60 -2.81 -4.89
C LYS A 182 -5.86 -3.65 -6.13
N ALA A 183 -4.79 -3.98 -6.85
CA ALA A 183 -4.87 -4.84 -8.03
C ALA A 183 -4.71 -6.29 -7.61
N HIS A 184 -5.57 -7.17 -8.15
CA HIS A 184 -5.52 -8.59 -7.87
C HIS A 184 -5.07 -9.44 -9.06
N ASP A 185 -4.97 -8.86 -10.26
CA ASP A 185 -4.41 -9.58 -11.40
C ASP A 185 -3.96 -8.55 -12.43
N PHE A 186 -3.22 -9.03 -13.42
CA PHE A 186 -2.63 -8.18 -14.44
C PHE A 186 -2.39 -9.00 -15.70
N PHE A 187 -1.99 -8.31 -16.77
CA PHE A 187 -1.55 -8.94 -18.00
C PHE A 187 -0.47 -8.09 -18.63
N LYS A 188 0.17 -8.63 -19.68
CA LYS A 188 1.32 -8.01 -20.31
C LYS A 188 1.11 -7.82 -21.80
N ALA A 189 1.79 -6.82 -22.36
CA ALA A 189 1.84 -6.63 -23.81
C ALA A 189 3.13 -5.88 -24.15
N TYR A 190 3.61 -6.09 -25.38
CA TYR A 190 4.68 -5.27 -25.93
C TYR A 190 4.10 -3.97 -26.46
N GLU A 191 4.67 -2.84 -26.03
CA GLU A 191 4.32 -1.53 -26.58
C GLU A 191 5.46 -1.08 -27.49
N VAL A 192 5.12 -0.73 -28.72
CA VAL A 192 6.08 -0.34 -29.76
C VAL A 192 5.85 1.13 -30.07
N ASP A 193 6.89 1.94 -29.93
CA ASP A 193 6.75 3.38 -30.02
C ASP A 193 6.59 3.81 -31.48
N HIS A 194 5.63 4.70 -31.72
CA HIS A 194 5.30 5.11 -33.08
C HIS A 194 6.35 6.02 -33.71
N THR A 195 7.09 6.79 -32.92
CA THR A 195 8.13 7.63 -33.51
C THR A 195 9.21 6.79 -34.17
N ARG A 196 9.51 5.61 -33.62
CA ARG A 196 10.46 4.71 -34.24
C ARG A 196 9.87 3.99 -35.44
N PHE A 197 8.60 3.58 -35.35
CA PHE A 197 7.95 2.75 -36.37
C PHE A 197 6.58 3.31 -36.70
N PRO A 198 6.54 4.39 -37.48
CA PRO A 198 5.26 5.07 -37.70
C PRO A 198 4.32 4.36 -38.65
N ARG A 199 4.83 3.74 -39.72
CA ARG A 199 3.98 3.31 -40.83
C ARG A 199 4.09 1.81 -41.13
N PHE A 200 2.95 1.23 -41.49
CA PHE A 200 2.84 -0.10 -42.08
C PHE A 200 2.16 0.03 -43.42
N GLU A 201 2.54 -0.83 -44.38
CA GLU A 201 2.03 -0.77 -45.74
C GLU A 201 1.45 -2.12 -46.16
N GLY A 202 0.38 -2.07 -46.93
CA GLY A 202 -0.27 -3.26 -47.44
C GLY A 202 -1.10 -2.92 -48.65
N GLU A 203 -1.98 -3.86 -49.05
CA GLU A 203 -2.81 -3.63 -50.22
C GLU A 203 -4.15 -4.35 -50.09
N ILE A 204 -5.15 -3.78 -50.75
CA ILE A 204 -6.47 -4.36 -50.92
C ILE A 204 -6.68 -4.59 -52.41
N THR A 205 -7.24 -5.73 -52.77
CA THR A 205 -7.53 -6.04 -54.17
C THR A 205 -9.00 -6.41 -54.32
N ILE A 206 -9.58 -6.00 -55.45
CA ILE A 206 -11.02 -5.96 -55.65
C ILE A 206 -11.33 -6.60 -57.00
N ASP A 207 -12.34 -7.46 -57.03
CA ASP A 207 -12.78 -8.06 -58.28
C ASP A 207 -13.60 -7.04 -59.07
N ASN A 208 -13.51 -7.13 -60.40
CA ASN A 208 -14.07 -6.08 -61.25
C ASN A 208 -15.60 -6.00 -61.19
N LYS A 209 -16.27 -7.05 -60.71
CA LYS A 209 -17.73 -7.00 -60.60
C LYS A 209 -18.24 -6.30 -59.36
N VAL A 210 -17.36 -5.91 -58.43
CA VAL A 210 -17.80 -5.20 -57.24
C VAL A 210 -18.40 -3.87 -57.64
N SER A 211 -19.56 -3.54 -57.07
CA SER A 211 -20.31 -2.37 -57.48
C SER A 211 -19.63 -1.08 -57.01
N ALA A 212 -20.03 0.02 -57.63
CA ALA A 212 -19.51 1.32 -57.23
C ALA A 212 -19.96 1.70 -55.82
N GLU A 213 -21.18 1.31 -55.43
CA GLU A 213 -21.66 1.65 -54.10
C GLU A 213 -20.89 0.90 -53.02
N ALA A 214 -20.50 -0.34 -53.30
CA ALA A 214 -19.63 -1.06 -52.38
C ALA A 214 -18.27 -0.38 -52.29
N ARG A 215 -17.74 0.12 -53.41
CA ARG A 215 -16.44 0.78 -53.38
C ARG A 215 -16.49 2.06 -52.55
N LYS A 216 -17.58 2.83 -52.65
CA LYS A 216 -17.72 4.00 -51.80
C LYS A 216 -17.78 3.60 -50.32
N LEU A 217 -18.59 2.60 -50.00
CA LEU A 217 -18.74 2.18 -48.61
C LEU A 217 -17.41 1.73 -48.03
N LEU A 218 -16.56 1.09 -48.85
CA LEU A 218 -15.24 0.69 -48.40
C LEU A 218 -14.38 1.90 -48.08
N CYS A 219 -14.30 2.86 -49.01
CA CYS A 219 -13.41 4.00 -48.82
C CYS A 219 -13.82 4.84 -47.61
N ASP A 220 -15.12 5.08 -47.45
CA ASP A 220 -15.59 5.81 -46.28
C ASP A 220 -15.29 5.07 -45.00
N SER A 221 -15.46 3.74 -45.02
CA SER A 221 -15.19 2.95 -43.82
C SER A 221 -13.71 2.99 -43.45
N LEU A 222 -12.82 3.05 -44.44
CA LEU A 222 -11.39 3.17 -44.13
C LEU A 222 -11.08 4.52 -43.50
N LYS A 223 -11.67 5.60 -44.02
CA LYS A 223 -11.41 6.91 -43.47
C LYS A 223 -12.05 7.08 -42.09
N PHE A 224 -13.16 6.39 -41.85
CA PHE A 224 -13.83 6.44 -40.55
C PHE A 224 -13.16 5.56 -39.50
N THR A 225 -12.32 4.61 -39.91
CA THR A 225 -11.62 3.75 -38.96
C THR A 225 -10.49 4.53 -38.30
N ASP A 226 -10.51 4.60 -36.97
CA ASP A 226 -9.58 5.43 -36.22
C ASP A 226 -8.70 4.68 -35.22
N ARG A 227 -8.87 3.36 -35.08
CA ARG A 227 -8.05 2.60 -34.13
C ARG A 227 -7.65 1.26 -34.73
N LEU A 228 -6.42 0.85 -34.44
CA LEU A 228 -5.95 -0.50 -34.73
C LEU A 228 -4.79 -0.81 -33.80
N CYS A 229 -4.75 -2.05 -33.32
CA CYS A 229 -3.69 -2.51 -32.43
C CYS A 229 -3.57 -1.64 -31.19
N GLY A 230 -4.69 -1.09 -30.72
CA GLY A 230 -4.71 -0.30 -29.52
C GLY A 230 -4.17 1.10 -29.64
N ALA A 231 -3.96 1.61 -30.86
CA ALA A 231 -3.42 2.93 -31.07
C ALA A 231 -4.26 3.69 -32.09
N LEU A 232 -4.39 4.99 -31.88
CA LEU A 232 -5.05 5.86 -32.85
C LEU A 232 -4.21 5.93 -34.12
N CYS A 233 -4.88 5.92 -35.27
CA CYS A 233 -4.20 5.77 -36.54
C CYS A 233 -4.94 6.52 -37.65
N VAL A 234 -4.21 6.78 -38.73
CA VAL A 234 -4.74 7.37 -39.95
C VAL A 234 -4.43 6.41 -41.08
N ILE A 235 -5.44 6.09 -41.88
CA ILE A 235 -5.32 5.16 -43.01
C ILE A 235 -5.40 5.99 -44.28
N ARG A 236 -4.38 5.87 -45.12
CA ARG A 236 -4.25 6.63 -46.35
C ARG A 236 -4.16 5.66 -47.53
N PHE A 237 -4.71 6.09 -48.66
CA PHE A 237 -4.78 5.24 -49.84
C PHE A 237 -3.50 5.40 -50.66
N ASN A 260 33.50 -2.82 -22.72
CA ASN A 260 33.11 -1.42 -22.84
C ASN A 260 33.41 -0.64 -21.56
N LEU A 261 33.38 0.68 -21.68
CA LEU A 261 33.98 1.55 -20.67
C LEU A 261 33.33 1.39 -19.31
N ALA A 262 31.99 1.35 -19.28
CA ALA A 262 31.29 1.19 -18.00
C ALA A 262 31.60 -0.15 -17.36
N GLU A 263 31.82 -1.19 -18.16
CA GLU A 263 32.15 -2.50 -17.61
C GLU A 263 33.57 -2.53 -17.08
N LYS A 264 34.52 -1.96 -17.83
CA LYS A 264 35.90 -1.92 -17.38
C LYS A 264 36.03 -1.11 -16.09
N THR A 265 35.41 0.07 -16.06
CA THR A 265 35.52 0.94 -14.89
C THR A 265 34.95 0.27 -13.65
N ALA A 266 33.93 -0.57 -13.82
CA ALA A 266 33.33 -1.23 -12.66
C ALA A 266 34.30 -2.20 -11.99
N GLU A 267 34.90 -3.10 -12.79
CA GLU A 267 35.83 -4.07 -12.22
C GLU A 267 37.10 -3.41 -11.72
N GLN A 268 37.51 -2.30 -12.36
CA GLN A 268 38.64 -1.52 -11.87
C GLN A 268 38.36 -0.97 -10.48
N ILE A 269 37.22 -0.30 -10.32
CA ILE A 269 36.86 0.27 -9.02
C ILE A 269 36.69 -0.84 -7.99
N ILE A 270 36.07 -1.95 -8.40
CA ILE A 270 35.85 -3.06 -7.47
C ILE A 270 37.18 -3.61 -6.98
N SER A 271 38.15 -3.76 -7.87
CA SER A 271 39.46 -4.25 -7.46
C SER A 271 40.15 -3.26 -6.52
N ILE A 272 40.04 -1.96 -6.81
CA ILE A 272 40.64 -0.95 -5.95
C ILE A 272 40.02 -1.00 -4.56
N LEU A 273 38.69 -1.02 -4.51
CA LEU A 273 38.01 -1.01 -3.22
C LEU A 273 38.30 -2.27 -2.43
N ASP A 274 38.55 -3.39 -3.11
CA ASP A 274 38.93 -4.63 -2.44
C ASP A 274 40.38 -4.59 -1.96
N ASP A 275 41.28 -4.08 -2.80
CA ASP A 275 42.70 -4.09 -2.46
C ASP A 275 42.94 -3.25 -1.21
N ASN A 276 42.28 -2.11 -1.11
CA ASN A 276 42.39 -1.25 0.06
C ASN A 276 41.55 -1.75 1.24
N LYS A 277 40.81 -2.85 1.07
CA LYS A 277 40.02 -3.44 2.16
C LYS A 277 38.98 -2.47 2.70
N LYS A 278 38.21 -1.87 1.79
CA LYS A 278 37.14 -0.94 2.16
C LYS A 278 35.85 -1.25 1.40
N THR A 279 35.59 -2.53 1.11
CA THR A 279 34.40 -2.94 0.37
C THR A 279 33.11 -2.76 1.16
N GLU A 280 33.18 -2.34 2.43
CA GLU A 280 31.96 -2.02 3.17
C GLU A 280 31.21 -0.83 2.56
N TYR A 281 31.86 -0.04 1.71
CA TYR A 281 31.28 1.13 1.06
C TYR A 281 30.77 0.86 -0.35
N THR A 282 30.72 -0.39 -0.79
CA THR A 282 30.32 -0.67 -2.16
C THR A 282 28.90 -0.19 -2.45
N ARG A 283 27.97 -0.43 -1.53
CA ARG A 283 26.60 0.01 -1.72
C ARG A 283 26.52 1.53 -1.82
N LEU A 284 27.20 2.23 -0.90
CA LEU A 284 27.17 3.68 -0.90
C LEU A 284 27.80 4.25 -2.16
N LEU A 285 28.93 3.68 -2.59
CA LEU A 285 29.55 4.13 -3.83
C LEU A 285 28.64 3.89 -5.03
N ALA A 286 27.95 2.76 -5.06
CA ALA A 286 27.05 2.46 -6.17
C ALA A 286 25.94 3.49 -6.28
N ASP A 287 25.33 3.85 -5.15
CA ASP A 287 24.23 4.80 -5.18
C ASP A 287 24.72 6.22 -5.44
N ALA A 288 25.89 6.57 -4.89
CA ALA A 288 26.40 7.92 -5.08
C ALA A 288 26.86 8.15 -6.52
N ILE A 289 27.48 7.15 -7.14
CA ILE A 289 27.91 7.29 -8.52
C ILE A 289 26.70 7.35 -9.44
N ARG A 290 25.67 6.55 -9.16
CA ARG A 290 24.46 6.62 -9.95
C ARG A 290 23.79 7.99 -9.82
N SER A 291 24.01 8.67 -8.69
CA SER A 291 23.45 10.01 -8.52
C SER A 291 24.07 11.03 -9.47
N LEU A 292 25.23 10.71 -10.07
CA LEU A 292 25.91 11.64 -10.97
C LEU A 292 25.29 11.70 -12.36
N ARG A 293 24.21 10.96 -12.61
CA ARG A 293 23.52 11.04 -13.90
C ARG A 293 23.14 12.46 -14.25
N ARG A 294 22.83 13.28 -13.23
CA ARG A 294 22.24 14.59 -13.46
C ARG A 294 23.15 15.48 -14.29
N SER A 295 24.46 15.45 -14.03
CA SER A 295 25.39 16.27 -14.80
C SER A 295 26.81 15.78 -14.61
N SER A 296 27.60 15.81 -15.69
CA SER A 296 29.01 15.48 -15.59
C SER A 296 29.77 16.51 -14.77
N LYS A 297 29.25 17.73 -14.67
CA LYS A 297 29.92 18.79 -13.94
C LYS A 297 29.99 18.52 -12.44
N LEU A 298 29.25 17.53 -11.94
CA LEU A 298 29.31 17.20 -10.52
C LEU A 298 30.63 16.54 -10.14
N VAL A 299 31.30 15.89 -11.09
CA VAL A 299 32.54 15.18 -10.78
C VAL A 299 33.62 16.16 -10.32
N ALA A 300 33.63 17.38 -10.86
CA ALA A 300 34.61 18.37 -10.45
C ALA A 300 34.32 18.95 -9.06
N GLY A 301 33.15 18.69 -8.51
CA GLY A 301 32.73 19.28 -7.25
C GLY A 301 32.64 18.33 -6.09
N LEU A 302 33.09 17.10 -6.25
CA LEU A 302 32.92 16.10 -5.21
C LEU A 302 33.63 16.56 -3.93
N PRO A 303 33.07 16.28 -2.75
CA PRO A 303 33.60 16.89 -1.52
C PRO A 303 35.01 16.42 -1.18
N LYS A 304 35.73 17.29 -0.49
CA LYS A 304 37.09 17.04 -0.05
C LYS A 304 37.13 16.76 1.45
N ASP A 305 38.30 16.36 1.94
CA ASP A 305 38.48 16.09 3.36
C ASP A 305 38.35 17.38 4.16
N HIS A 306 38.26 17.25 5.47
CA HIS A 306 38.48 18.39 6.34
C HIS A 306 39.92 18.87 6.18
N ASP A 307 40.08 20.20 6.24
CA ASP A 307 41.28 20.94 5.85
C ASP A 307 41.41 21.05 4.33
N GLY A 308 40.47 20.50 3.56
CA GLY A 308 40.40 20.76 2.13
C GLY A 308 41.26 19.90 1.26
N LYS A 309 41.78 18.79 1.75
CA LYS A 309 42.65 17.93 0.97
C LYS A 309 41.86 16.84 0.26
N ASP A 310 42.45 16.32 -0.81
CA ASP A 310 41.91 15.16 -1.52
C ASP A 310 42.18 13.89 -0.74
N ASP A 311 41.54 13.74 0.43
CA ASP A 311 41.68 12.55 1.25
C ASP A 311 40.34 12.12 1.79
N HIS A 312 39.28 12.32 1.00
CA HIS A 312 37.93 11.99 1.41
C HIS A 312 37.77 10.47 1.49
N TYR A 313 36.99 10.02 2.48
CA TYR A 313 36.96 8.61 2.84
C TYR A 313 36.35 7.71 1.77
N LEU A 314 35.60 8.24 0.82
CA LEU A 314 35.12 7.47 -0.33
C LEU A 314 35.93 7.73 -1.60
N TRP A 315 35.95 8.98 -2.06
CA TRP A 315 36.47 9.27 -3.39
C TRP A 315 37.98 9.16 -3.50
N ASP A 316 38.71 9.29 -2.40
CA ASP A 316 40.17 9.17 -2.42
C ASP A 316 40.66 7.83 -1.88
N ILE A 317 39.79 6.81 -1.87
CA ILE A 317 40.27 5.44 -1.72
C ILE A 317 41.20 5.14 -2.88
N GLY A 318 42.27 4.39 -2.60
CA GLY A 318 43.33 4.19 -3.57
C GLY A 318 44.41 5.23 -3.45
N LYS A 319 44.96 5.37 -2.24
CA LYS A 319 45.97 6.39 -1.92
C LYS A 319 45.48 7.79 -2.30
N VAL A 327 45.42 4.64 -8.37
CA VAL A 327 44.73 5.91 -8.57
C VAL A 327 43.46 5.97 -7.73
N THR A 328 43.02 7.18 -7.45
CA THR A 328 41.81 7.38 -6.66
C THR A 328 40.57 7.18 -7.51
N ILE A 329 39.46 6.85 -6.85
CA ILE A 329 38.17 6.83 -7.53
C ILE A 329 37.87 8.21 -8.10
N ARG A 330 38.30 9.26 -7.42
CA ARG A 330 38.16 10.61 -7.94
C ARG A 330 38.82 10.76 -9.31
N GLN A 331 40.00 10.17 -9.47
CA GLN A 331 40.69 10.25 -10.76
C GLN A 331 40.00 9.40 -11.82
N ILE A 332 39.49 8.23 -11.43
CA ILE A 332 38.83 7.35 -12.39
C ILE A 332 37.58 8.05 -12.96
N LEU A 333 36.81 8.71 -12.10
CA LEU A 333 35.61 9.39 -12.58
C LEU A 333 35.95 10.62 -13.39
N THR A 334 36.94 11.40 -12.96
CA THR A 334 37.26 12.63 -13.67
C THR A 334 37.91 12.34 -15.03
N THR A 335 38.58 11.19 -15.16
CA THR A 335 39.08 10.78 -16.47
C THR A 335 37.96 10.17 -17.32
N SER A 336 36.98 9.51 -16.69
CA SER A 336 35.80 9.11 -17.44
C SER A 336 35.02 10.33 -17.90
N ALA A 337 34.97 11.37 -17.07
CA ALA A 337 34.24 12.58 -17.43
C ALA A 337 34.88 13.31 -18.61
N ASP A 338 36.21 13.33 -18.71
CA ASP A 338 36.85 14.04 -19.82
C ASP A 338 36.87 13.23 -21.10
N THR A 339 36.52 11.94 -21.04
CA THR A 339 36.56 11.07 -22.21
C THR A 339 35.51 11.51 -23.23
N LYS A 340 35.93 11.64 -24.49
CA LYS A 340 35.03 12.14 -25.52
C LYS A 340 33.82 11.23 -25.69
N GLU A 341 34.02 9.91 -25.53
CA GLU A 341 32.90 8.98 -25.66
C GLU A 341 31.82 9.22 -24.63
N LEU A 342 32.12 9.95 -23.55
CA LEU A 342 31.15 10.27 -22.50
C LEU A 342 30.88 11.75 -22.37
N LYS A 343 31.31 12.58 -23.32
CA LYS A 343 30.98 13.99 -23.26
C LYS A 343 29.54 14.27 -23.64
N ASN A 344 28.91 13.36 -24.39
CA ASN A 344 27.48 13.50 -24.68
C ASN A 344 26.67 13.22 -23.41
N ALA A 345 25.70 14.07 -23.14
CA ALA A 345 24.96 13.95 -21.88
C ALA A 345 24.19 12.64 -21.82
N GLY A 346 23.64 12.19 -22.95
CA GLY A 346 22.96 10.91 -22.96
C GLY A 346 23.88 9.76 -22.65
N LYS A 347 25.14 9.85 -23.08
CA LYS A 347 26.09 8.76 -22.84
C LYS A 347 26.68 8.82 -21.43
N TRP A 348 26.83 10.01 -20.85
CA TRP A 348 27.20 10.10 -19.45
C TRP A 348 26.13 9.47 -18.56
N ARG A 349 24.86 9.76 -18.85
CA ARG A 349 23.76 9.17 -18.11
C ARG A 349 23.82 7.65 -18.17
N GLU A 350 24.01 7.11 -19.37
CA GLU A 350 24.07 5.67 -19.57
C GLU A 350 25.27 5.07 -18.85
N PHE A 351 26.42 5.77 -18.91
CA PHE A 351 27.62 5.32 -18.21
C PHE A 351 27.37 5.21 -16.72
N CYS A 352 26.78 6.25 -16.12
CA CYS A 352 26.53 6.22 -14.70
C CYS A 352 25.53 5.12 -14.33
N GLU A 353 24.48 4.94 -15.14
CA GLU A 353 23.49 3.92 -14.83
C GLU A 353 24.13 2.53 -14.84
N LYS A 354 24.90 2.22 -15.88
CA LYS A 354 25.52 0.90 -15.98
C LYS A 354 26.55 0.68 -14.87
N LEU A 355 27.37 1.70 -14.59
CA LEU A 355 28.37 1.54 -13.53
C LEU A 355 27.72 1.36 -12.18
N GLY A 356 26.64 2.10 -11.90
CA GLY A 356 25.90 1.89 -10.67
C GLY A 356 25.32 0.49 -10.57
N GLU A 357 24.75 -0.02 -11.66
CA GLU A 357 24.22 -1.37 -11.64
C GLU A 357 25.31 -2.39 -11.38
N ALA A 358 26.48 -2.22 -12.00
CA ALA A 358 27.57 -3.17 -11.78
C ALA A 358 28.02 -3.17 -10.33
N LEU A 359 28.28 -1.98 -9.77
CA LEU A 359 28.71 -1.90 -8.38
C LEU A 359 27.64 -2.46 -7.44
N TYR A 360 26.36 -2.21 -7.75
CA TYR A 360 25.29 -2.75 -6.92
C TYR A 360 25.25 -4.27 -6.98
N LEU A 361 25.34 -4.83 -8.18
CA LEU A 361 25.30 -6.29 -8.30
C LEU A 361 26.49 -6.94 -7.61
N LYS A 362 27.62 -6.25 -7.56
CA LYS A 362 28.73 -6.73 -6.73
C LYS A 362 28.39 -6.61 -5.25
N SER A 363 27.77 -5.50 -4.84
CA SER A 363 27.75 -5.12 -3.43
C SER A 363 27.02 -6.14 -2.56
N LYS A 364 26.06 -6.88 -3.13
CA LYS A 364 25.24 -7.75 -2.31
C LYS A 364 26.06 -8.85 -1.63
N ASP A 365 27.14 -9.29 -2.27
CA ASP A 365 27.88 -10.44 -1.76
C ASP A 365 28.61 -10.15 -0.45
N MET A 366 28.81 -8.87 -0.12
CA MET A 366 29.43 -8.46 1.15
C MET A 366 28.51 -8.64 2.38
N SER A 367 27.36 -9.32 2.25
CA SER A 367 26.44 -9.49 3.37
C SER A 367 25.78 -10.85 3.25
N GLY A 368 25.15 -11.27 4.35
CA GLY A 368 24.55 -12.60 4.39
C GLY A 368 23.44 -12.81 3.38
N GLY A 369 22.77 -11.75 2.95
CA GLY A 369 21.73 -11.89 1.94
C GLY A 369 20.58 -12.75 2.38
N LEU A 370 20.07 -12.50 3.60
CA LEU A 370 19.21 -13.47 4.25
C LEU A 370 17.84 -13.58 3.57
N LYS A 371 17.27 -12.47 3.13
CA LYS A 371 15.93 -12.45 2.55
C LYS A 371 15.92 -11.96 1.10
N ILE A 372 14.88 -12.39 0.39
CA ILE A 372 14.43 -11.67 -0.81
C ILE A 372 13.52 -10.54 -0.37
N THR A 373 13.76 -9.35 -0.91
CA THR A 373 13.02 -8.16 -0.47
C THR A 373 11.65 -8.05 -1.12
N ARG A 374 11.48 -8.54 -2.36
CA ARG A 374 10.18 -8.54 -2.99
C ARG A 374 9.24 -9.49 -2.26
N ARG A 375 7.94 -9.21 -2.34
CA ARG A 375 6.94 -9.99 -1.62
C ARG A 375 6.21 -10.96 -2.56
N ILE A 376 5.26 -11.70 -1.96
CA ILE A 376 4.87 -13.02 -2.45
C ILE A 376 3.84 -12.92 -3.58
N LEU A 377 4.01 -13.78 -4.58
CA LEU A 377 3.06 -13.98 -5.68
C LEU A 377 2.60 -12.66 -6.30
N GLY A 378 3.59 -11.81 -6.62
CA GLY A 378 3.36 -10.72 -7.54
C GLY A 378 3.50 -11.19 -8.97
N ASP A 379 2.81 -12.28 -9.32
CA ASP A 379 3.04 -12.94 -10.61
C ASP A 379 1.74 -13.36 -11.30
N ALA A 380 0.58 -12.91 -10.83
CA ALA A 380 -0.71 -13.45 -11.27
C ALA A 380 -1.15 -12.86 -12.61
N GLU A 381 -0.60 -13.42 -13.69
CA GLU A 381 -1.05 -13.07 -15.03
C GLU A 381 -2.40 -13.73 -15.32
N PHE A 382 -3.41 -12.93 -15.64
CA PHE A 382 -4.74 -13.42 -15.95
C PHE A 382 -5.21 -12.81 -17.26
N HIS A 383 -5.61 -13.67 -18.19
CA HIS A 383 -6.13 -13.25 -19.49
C HIS A 383 -7.63 -13.44 -19.52
N GLY A 384 -8.35 -12.43 -19.99
CA GLY A 384 -9.80 -12.55 -20.10
C GLY A 384 -10.18 -13.59 -21.15
N LYS A 385 -11.24 -14.35 -20.85
CA LYS A 385 -11.70 -15.42 -21.72
C LYS A 385 -13.03 -15.02 -22.36
N PRO A 386 -13.15 -14.96 -23.70
CA PRO A 386 -14.45 -14.66 -24.29
C PRO A 386 -15.38 -15.87 -24.23
N ASP A 387 -16.68 -15.58 -24.15
CA ASP A 387 -17.71 -16.62 -24.02
C ASP A 387 -18.13 -17.08 -25.41
N ARG A 388 -17.78 -18.32 -25.76
CA ARG A 388 -18.21 -18.92 -27.02
C ARG A 388 -19.73 -19.03 -27.11
N LEU A 389 -20.40 -19.20 -25.97
CA LEU A 389 -21.81 -19.55 -25.92
C LEU A 389 -22.72 -18.32 -25.98
N GLU A 390 -22.18 -17.14 -26.26
CA GLU A 390 -22.90 -15.89 -26.09
C GLU A 390 -23.99 -15.74 -27.16
N LYS A 391 -25.09 -15.07 -26.78
CA LYS A 391 -26.30 -14.98 -27.59
C LYS A 391 -26.23 -13.78 -28.52
N SER A 392 -26.73 -13.95 -29.75
CA SER A 392 -26.70 -12.88 -30.75
C SER A 392 -27.84 -11.90 -30.52
N ARG A 393 -27.57 -10.60 -30.75
CA ARG A 393 -28.52 -9.53 -30.48
C ARG A 393 -28.37 -8.45 -31.54
N SER A 394 -29.42 -7.65 -31.70
CA SER A 394 -29.45 -6.56 -32.67
C SER A 394 -30.05 -5.32 -32.02
N VAL A 395 -29.43 -4.16 -32.27
CA VAL A 395 -29.78 -2.92 -31.58
C VAL A 395 -29.77 -1.78 -32.60
N SER A 396 -30.65 -0.80 -32.40
CA SER A 396 -30.87 0.24 -33.41
C SER A 396 -29.90 1.41 -33.28
N ILE A 397 -29.77 1.98 -32.08
CA ILE A 397 -28.95 3.17 -31.79
C ILE A 397 -29.47 4.44 -32.43
N GLY A 398 -29.91 4.40 -33.69
CA GLY A 398 -30.51 5.55 -34.33
C GLY A 398 -29.49 6.46 -35.00
N SER A 399 -30.03 7.47 -35.69
CA SER A 399 -29.23 8.33 -36.56
C SER A 399 -28.54 9.48 -35.82
N VAL A 400 -28.98 9.81 -34.61
CA VAL A 400 -28.40 10.92 -33.87
C VAL A 400 -27.06 10.48 -33.29
N LEU A 401 -25.99 11.18 -33.66
CA LEU A 401 -24.64 10.81 -33.25
C LEU A 401 -23.76 12.05 -33.36
N LYS A 402 -23.11 12.40 -32.25
CA LYS A 402 -22.29 13.61 -32.17
C LYS A 402 -20.96 13.26 -31.54
N GLU A 403 -19.95 14.07 -31.81
CA GLU A 403 -18.61 13.89 -31.26
C GLU A 403 -18.14 15.19 -30.63
N THR A 404 -17.80 15.14 -29.35
CA THR A 404 -17.30 16.29 -28.60
C THR A 404 -15.81 16.12 -28.35
N VAL A 405 -15.03 17.15 -28.69
CA VAL A 405 -13.59 17.17 -28.53
C VAL A 405 -13.24 18.12 -27.39
N VAL A 406 -12.40 17.66 -26.47
CA VAL A 406 -11.87 18.46 -25.38
C VAL A 406 -10.36 18.48 -25.48
N CYS A 407 -9.78 19.67 -25.48
CA CYS A 407 -8.33 19.86 -25.55
C CYS A 407 -7.87 20.70 -24.36
N GLY A 408 -6.68 20.39 -23.86
CA GLY A 408 -6.09 21.12 -22.75
C GLY A 408 -4.71 20.63 -22.37
N GLU A 409 -4.30 20.91 -21.13
CA GLU A 409 -3.05 20.39 -20.58
C GLU A 409 -3.31 19.79 -19.21
N LEU A 410 -2.50 18.80 -18.86
CA LEU A 410 -2.45 18.26 -17.50
C LEU A 410 -1.10 18.61 -16.90
N VAL A 411 -1.12 19.34 -15.79
CA VAL A 411 0.08 19.92 -15.19
C VAL A 411 0.29 19.25 -13.84
N ALA A 412 1.49 18.71 -13.64
CA ALA A 412 1.83 18.02 -12.40
C ALA A 412 2.02 19.04 -11.28
N LYS A 413 1.13 19.01 -10.30
CA LYS A 413 1.24 19.88 -9.14
C LYS A 413 2.07 19.26 -8.02
N THR A 414 2.32 17.97 -8.06
CA THR A 414 3.21 17.28 -7.14
C THR A 414 4.05 16.29 -7.95
N PRO A 415 5.12 15.74 -7.39
CA PRO A 415 5.82 14.65 -8.08
C PRO A 415 4.87 13.50 -8.34
N PHE A 416 5.19 12.70 -9.36
CA PHE A 416 4.29 11.64 -9.79
C PHE A 416 5.06 10.39 -10.16
N PHE A 417 4.34 9.26 -10.13
CA PHE A 417 4.93 7.91 -10.21
C PHE A 417 3.99 7.00 -11.00
N PHE A 418 4.32 6.80 -12.28
CA PHE A 418 3.71 5.75 -13.08
C PHE A 418 4.68 4.57 -13.11
N GLY A 419 4.34 3.53 -12.35
CA GLY A 419 5.31 2.47 -12.09
C GLY A 419 5.50 1.56 -13.29
N ALA A 420 6.76 1.36 -13.68
CA ALA A 420 7.11 0.40 -14.73
C ALA A 420 8.53 -0.12 -14.43
N ILE A 421 8.59 -1.29 -13.80
CA ILE A 421 9.88 -1.91 -13.48
C ILE A 421 10.48 -2.51 -14.73
N ASP A 422 11.80 -2.35 -14.88
CA ASP A 422 12.59 -3.08 -15.86
C ASP A 422 13.41 -4.14 -15.12
N GLU A 423 13.21 -5.41 -15.49
CA GLU A 423 13.92 -6.48 -14.80
C GLU A 423 15.40 -6.53 -15.15
N ASP A 424 15.83 -5.85 -16.20
CA ASP A 424 17.24 -5.74 -16.53
C ASP A 424 17.94 -4.63 -15.74
N ALA A 425 17.23 -3.93 -14.86
CA ALA A 425 17.80 -2.93 -13.97
C ALA A 425 17.26 -3.20 -12.58
N LYS A 426 18.16 -3.29 -11.59
CA LYS A 426 17.81 -3.77 -10.26
C LYS A 426 18.35 -2.92 -9.13
N GLN A 427 19.00 -1.79 -9.41
CA GLN A 427 19.49 -0.95 -8.33
C GLN A 427 18.34 -0.24 -7.62
N THR A 428 17.34 0.20 -8.38
CA THR A 428 16.14 0.83 -7.84
C THR A 428 15.03 -0.21 -7.70
N ALA A 429 14.40 -0.24 -6.52
CA ALA A 429 13.33 -1.19 -6.28
C ALA A 429 12.07 -0.81 -7.07
N LEU A 430 11.78 0.49 -7.18
CA LEU A 430 10.60 0.99 -7.86
C LEU A 430 11.03 2.00 -8.92
N GLN A 431 10.51 1.83 -10.13
CA GLN A 431 10.97 2.57 -11.29
C GLN A 431 9.78 3.19 -12.02
N VAL A 432 10.06 4.27 -12.75
CA VAL A 432 9.02 5.10 -13.37
C VAL A 432 9.09 4.94 -14.89
N LEU A 433 7.94 5.10 -15.54
CA LEU A 433 7.81 4.85 -16.97
C LEU A 433 8.37 6.00 -17.79
N LEU A 434 9.21 5.67 -18.77
CA LEU A 434 9.79 6.62 -19.70
C LEU A 434 9.67 6.11 -21.12
N THR A 435 9.73 7.02 -22.08
CA THR A 435 9.79 6.65 -23.47
C THR A 435 11.18 6.13 -23.82
N PRO A 436 11.34 5.49 -24.98
CA PRO A 436 12.68 5.03 -25.37
C PRO A 436 13.70 6.15 -25.49
N ASP A 437 13.28 7.39 -25.72
CA ASP A 437 14.18 8.55 -25.71
C ASP A 437 14.08 9.35 -24.41
N ASN A 438 13.67 8.70 -23.32
CA ASN A 438 13.78 9.20 -21.95
C ASN A 438 12.85 10.37 -21.63
N LYS A 439 11.86 10.66 -22.47
CA LYS A 439 10.83 11.61 -22.09
C LYS A 439 9.80 10.92 -21.19
N TYR A 440 9.26 11.68 -20.24
CA TYR A 440 8.25 11.13 -19.34
C TYR A 440 6.94 10.93 -20.08
N ARG A 441 6.24 9.87 -19.72
CA ARG A 441 5.04 9.43 -20.43
C ARG A 441 3.84 9.39 -19.49
N LEU A 442 2.69 9.82 -20.01
CA LEU A 442 1.41 9.74 -19.32
C LEU A 442 0.53 8.76 -20.07
N PRO A 443 0.45 7.49 -19.65
CA PRO A 443 -0.14 6.47 -20.52
C PRO A 443 -1.62 6.65 -20.77
N ARG A 444 -2.04 6.23 -21.96
CA ARG A 444 -3.46 6.05 -22.26
C ARG A 444 -4.13 5.13 -21.25
N SER A 445 -3.48 4.02 -20.91
CA SER A 445 -4.10 3.01 -20.07
C SER A 445 -4.40 3.56 -18.68
N ALA A 446 -3.53 4.42 -18.15
CA ALA A 446 -3.75 4.99 -16.83
C ALA A 446 -4.85 6.04 -16.84
N VAL A 447 -4.95 6.83 -17.91
CA VAL A 447 -5.96 7.88 -17.96
C VAL A 447 -7.35 7.27 -18.03
N ARG A 448 -7.53 6.22 -18.83
CA ARG A 448 -8.81 5.51 -18.85
C ARG A 448 -9.14 4.93 -17.49
N GLY A 449 -8.15 4.31 -16.83
CA GLY A 449 -8.41 3.68 -15.56
C GLY A 449 -8.87 4.65 -14.50
N ILE A 450 -8.39 5.89 -14.55
CA ILE A 450 -8.78 6.88 -13.56
C ILE A 450 -10.10 7.55 -13.95
N LEU A 451 -10.40 7.66 -15.24
CA LEU A 451 -11.74 8.08 -15.64
C LEU A 451 -12.79 7.10 -15.15
N ARG A 452 -12.57 5.80 -15.38
CA ARG A 452 -13.50 4.79 -14.92
C ARG A 452 -13.65 4.81 -13.40
N ARG A 453 -12.54 5.02 -12.68
CA ARG A 453 -12.64 5.15 -11.24
C ARG A 453 -13.47 6.36 -10.83
N ASP A 454 -13.24 7.50 -11.46
CA ASP A 454 -13.94 8.72 -11.06
C ASP A 454 -15.40 8.70 -11.50
N LEU A 455 -15.73 8.00 -12.57
CA LEU A 455 -17.13 7.88 -12.96
C LEU A 455 -17.89 7.00 -11.97
N GLN A 456 -17.30 5.90 -11.54
CA GLN A 456 -17.91 5.10 -10.48
C GLN A 456 -18.04 5.90 -9.19
N THR A 457 -17.13 6.86 -8.98
CA THR A 457 -17.24 7.72 -7.80
C THR A 457 -18.41 8.69 -7.94
N TYR A 458 -18.62 9.24 -9.14
CA TYR A 458 -19.75 10.13 -9.36
C TYR A 458 -21.06 9.42 -9.10
N PHE A 459 -21.23 8.23 -9.67
CA PHE A 459 -22.46 7.46 -9.49
C PHE A 459 -22.52 6.78 -8.13
N ASP A 460 -21.39 6.67 -7.43
CA ASP A 460 -21.35 6.09 -6.09
C ASP A 460 -21.85 4.64 -6.10
N SER A 461 -21.46 3.89 -7.11
CA SER A 461 -21.91 2.52 -7.29
C SER A 461 -20.83 1.68 -7.98
N PRO A 462 -20.17 0.75 -7.29
CA PRO A 462 -19.12 -0.04 -7.93
C PRO A 462 -19.65 -0.95 -9.03
N CYS A 463 -18.76 -1.27 -9.98
CA CYS A 463 -18.99 -2.31 -10.97
C CYS A 463 -18.18 -3.55 -10.62
N ASN A 464 -18.79 -4.73 -10.78
CA ASN A 464 -18.04 -5.98 -10.76
C ASN A 464 -17.45 -6.17 -12.15
N ALA A 465 -16.16 -5.81 -12.29
CA ALA A 465 -15.53 -5.64 -13.59
C ALA A 465 -15.11 -6.99 -14.19
N GLU A 466 -16.12 -7.80 -14.53
CA GLU A 466 -15.86 -9.10 -15.10
C GLU A 466 -15.33 -9.00 -16.53
N LEU A 467 -14.51 -9.97 -16.90
CA LEU A 467 -13.91 -10.06 -18.21
C LEU A 467 -14.61 -11.16 -19.02
N GLY A 468 -14.97 -10.84 -20.26
CA GLY A 468 -15.63 -11.77 -21.14
C GLY A 468 -17.15 -11.62 -21.13
N GLY A 469 -17.77 -12.16 -22.15
CA GLY A 469 -19.20 -12.08 -22.30
C GLY A 469 -19.63 -10.79 -22.97
N ARG A 470 -20.93 -10.67 -23.18
CA ARG A 470 -21.53 -9.52 -23.85
C ARG A 470 -21.20 -8.24 -23.10
N PRO A 471 -21.15 -7.08 -23.77
CA PRO A 471 -20.74 -5.84 -23.08
C PRO A 471 -21.62 -5.52 -21.89
N CYS A 472 -20.99 -5.01 -20.82
CA CYS A 472 -21.73 -4.60 -19.64
C CYS A 472 -22.53 -3.34 -19.94
N MET A 473 -23.80 -3.34 -19.52
CA MET A 473 -24.75 -2.30 -19.90
C MET A 473 -24.97 -1.26 -18.82
N CYS A 474 -24.19 -1.27 -17.74
CA CYS A 474 -24.39 -0.30 -16.69
C CYS A 474 -23.99 1.10 -17.18
N LYS A 475 -24.29 2.09 -16.34
CA LYS A 475 -24.21 3.47 -16.77
C LYS A 475 -22.77 3.96 -16.93
N THR A 476 -21.82 3.39 -16.18
CA THR A 476 -20.43 3.78 -16.35
C THR A 476 -19.82 3.17 -17.61
N CYS A 477 -20.08 1.88 -17.84
CA CYS A 477 -19.44 1.19 -18.96
C CYS A 477 -19.87 1.78 -20.30
N ARG A 478 -21.10 2.26 -20.40
CA ARG A 478 -21.56 2.88 -21.63
C ARG A 478 -20.89 4.22 -21.90
N ILE A 479 -20.49 4.95 -20.86
CA ILE A 479 -19.72 6.18 -21.07
C ILE A 479 -18.30 5.84 -21.53
N MET A 480 -17.67 4.89 -20.84
CA MET A 480 -16.29 4.54 -21.18
C MET A 480 -16.18 3.99 -22.59
N ARG A 481 -17.25 3.37 -23.08
CA ARG A 481 -17.27 2.82 -24.43
C ARG A 481 -17.35 3.91 -25.50
N GLY A 482 -17.68 5.15 -25.11
CA GLY A 482 -17.67 6.27 -26.02
C GLY A 482 -16.38 7.09 -25.99
N ILE A 483 -15.61 6.97 -24.91
CA ILE A 483 -14.48 7.86 -24.65
C ILE A 483 -13.26 7.43 -25.46
N THR A 484 -12.46 8.42 -25.85
CA THR A 484 -11.16 8.24 -26.47
C THR A 484 -10.20 9.26 -25.88
N VAL A 485 -8.97 8.81 -25.57
CA VAL A 485 -7.94 9.68 -25.02
C VAL A 485 -6.62 9.40 -25.73
N MET A 486 -5.72 10.39 -25.67
CA MET A 486 -4.43 10.34 -26.35
C MET A 486 -3.30 10.04 -25.37
N ASP A 487 -2.46 9.08 -25.73
CA ASP A 487 -1.19 8.89 -25.02
C ASP A 487 -0.32 10.12 -25.23
N ALA A 488 0.38 10.53 -24.17
CA ALA A 488 1.09 11.80 -24.15
C ALA A 488 2.47 11.63 -23.54
N ARG A 489 3.38 12.54 -23.92
CA ARG A 489 4.73 12.57 -23.37
C ARG A 489 5.19 14.01 -23.18
N SER A 490 6.08 14.20 -22.22
CA SER A 490 6.65 15.51 -21.95
C SER A 490 7.78 15.83 -22.94
N GLU A 491 8.14 17.11 -22.99
CA GLU A 491 9.35 17.54 -23.68
C GLU A 491 10.55 17.43 -22.76
N TYR A 492 10.37 17.77 -21.49
CA TYR A 492 11.37 17.59 -20.45
C TYR A 492 11.81 16.13 -20.37
N ASN A 493 13.14 15.92 -20.29
CA ASN A 493 13.66 14.54 -20.27
C ASN A 493 14.85 14.32 -19.33
N ALA A 494 15.06 15.17 -18.32
CA ALA A 494 16.15 14.95 -17.37
C ALA A 494 15.86 13.72 -16.51
N PRO A 495 16.89 13.09 -15.92
CA PRO A 495 16.69 11.81 -15.26
C PRO A 495 15.85 11.97 -13.99
N PRO A 496 15.15 10.91 -13.57
CA PRO A 496 14.33 11.02 -12.35
C PRO A 496 15.14 11.23 -11.09
N GLU A 497 14.47 11.79 -10.08
CA GLU A 497 14.97 11.82 -8.71
C GLU A 497 14.83 10.44 -8.06
N ILE A 498 15.73 10.15 -7.12
CA ILE A 498 15.62 8.98 -6.25
C ILE A 498 15.27 9.46 -4.85
N ARG A 499 14.26 8.84 -4.23
CA ARG A 499 13.89 9.11 -2.85
C ARG A 499 13.99 7.82 -2.04
N HIS A 500 14.78 7.87 -0.98
CA HIS A 500 15.03 6.72 -0.12
C HIS A 500 14.00 6.68 1.01
N ARG A 501 13.61 5.48 1.41
CA ARG A 501 12.61 5.28 2.45
C ARG A 501 13.11 4.24 3.45
N THR A 502 12.65 4.36 4.69
CA THR A 502 13.08 3.49 5.77
C THR A 502 11.87 3.11 6.61
N ARG A 503 12.07 2.14 7.50
CA ARG A 503 11.08 1.72 8.48
C ARG A 503 11.68 1.83 9.87
N ILE A 504 10.89 2.33 10.83
CA ILE A 504 11.36 2.56 12.19
C ILE A 504 10.89 1.42 13.08
N ASN A 505 11.81 0.86 13.84
CA ASN A 505 11.53 -0.17 14.83
C ASN A 505 10.83 0.53 15.99
N PRO A 506 9.53 0.30 16.23
CA PRO A 506 8.84 1.07 17.27
C PRO A 506 9.40 0.88 18.66
N PHE A 507 9.96 -0.29 18.95
CA PHE A 507 10.43 -0.55 20.31
C PHE A 507 11.73 0.18 20.61
N THR A 508 12.66 0.21 19.65
CA THR A 508 13.96 0.84 19.86
C THR A 508 14.03 2.28 19.37
N GLY A 509 13.13 2.70 18.49
CA GLY A 509 13.18 4.04 17.95
C GLY A 509 14.25 4.26 16.90
N THR A 510 14.79 3.18 16.35
CA THR A 510 15.80 3.22 15.30
C THR A 510 15.24 2.57 14.03
N VAL A 511 16.04 2.58 12.97
CA VAL A 511 15.63 1.89 11.76
C VAL A 511 15.59 0.38 12.01
N ALA A 512 14.67 -0.29 11.33
CA ALA A 512 14.59 -1.74 11.40
C ALA A 512 15.69 -2.35 10.55
N GLU A 513 16.07 -3.58 10.90
CA GLU A 513 17.17 -4.27 10.24
C GLU A 513 16.87 -4.49 8.77
N GLY A 514 17.69 -3.90 7.91
CA GLY A 514 17.57 -4.13 6.47
C GLY A 514 16.38 -3.48 5.79
N ALA A 515 15.79 -2.45 6.39
CA ALA A 515 14.53 -1.90 5.91
C ALA A 515 14.69 -0.83 4.84
N LEU A 516 15.91 -0.44 4.50
CA LEU A 516 16.13 0.63 3.53
C LEU A 516 15.69 0.20 2.13
N PHE A 517 14.95 1.08 1.46
CA PHE A 517 14.53 0.83 0.08
C PHE A 517 14.31 2.18 -0.61
N ASN A 518 14.26 2.15 -1.94
CA ASN A 518 14.36 3.37 -2.75
C ASN A 518 13.40 3.34 -3.92
N MET A 519 13.19 4.51 -4.51
CA MET A 519 12.12 4.78 -5.46
C MET A 519 12.48 5.92 -6.39
N GLU A 520 12.10 5.79 -7.66
CA GLU A 520 12.21 6.88 -8.63
C GLU A 520 10.91 7.68 -8.67
N VAL A 521 11.03 9.00 -8.88
CA VAL A 521 9.87 9.87 -9.03
C VAL A 521 10.13 10.91 -10.11
N ALA A 522 9.06 11.31 -10.79
CA ALA A 522 9.12 12.38 -11.79
C ALA A 522 8.92 13.75 -11.12
N PRO A 523 9.54 14.81 -11.62
CA PRO A 523 9.39 16.11 -10.96
C PRO A 523 8.00 16.69 -11.11
N GLU A 524 7.65 17.57 -10.18
CA GLU A 524 6.48 18.42 -10.33
C GLU A 524 6.75 19.53 -11.35
N GLY A 525 5.68 20.04 -11.94
CA GLY A 525 5.77 21.10 -12.92
C GLY A 525 5.78 20.66 -14.37
N ILE A 526 5.86 19.36 -14.64
CA ILE A 526 5.83 18.88 -16.00
C ILE A 526 4.44 19.06 -16.58
N VAL A 527 4.38 19.35 -17.88
CA VAL A 527 3.14 19.63 -18.59
C VAL A 527 2.96 18.56 -19.66
N PHE A 528 1.76 17.98 -19.73
CA PHE A 528 1.40 17.02 -20.77
C PHE A 528 0.28 17.57 -21.65
N PRO A 529 0.29 17.30 -22.96
CA PRO A 529 -0.90 17.55 -23.77
C PRO A 529 -2.02 16.60 -23.37
N PHE A 530 -3.24 17.14 -23.28
CA PHE A 530 -4.43 16.36 -22.97
C PHE A 530 -5.45 16.54 -24.10
N GLN A 531 -5.96 15.43 -24.62
CA GLN A 531 -7.06 15.44 -25.57
C GLN A 531 -8.00 14.29 -25.27
N LEU A 532 -9.28 14.60 -25.13
CA LEU A 532 -10.33 13.61 -24.95
C LEU A 532 -11.41 13.84 -26.00
N ARG A 533 -11.97 12.75 -26.51
CA ARG A 533 -13.13 12.80 -27.38
C ARG A 533 -14.21 11.88 -26.85
N TYR A 534 -15.45 12.35 -26.88
CA TYR A 534 -16.63 11.57 -26.55
C TYR A 534 -17.52 11.50 -27.79
N ARG A 535 -17.94 10.28 -28.14
CA ARG A 535 -18.85 10.04 -29.24
C ARG A 535 -20.09 9.36 -28.71
N GLY A 536 -21.25 9.98 -28.92
CA GLY A 536 -22.49 9.45 -28.38
C GLY A 536 -23.66 10.17 -28.99
N SER A 537 -24.85 9.87 -28.43
CA SER A 537 -26.10 10.39 -28.98
C SER A 537 -26.63 11.62 -28.27
N GLU A 538 -26.23 11.86 -27.02
CA GLU A 538 -26.69 13.06 -26.34
C GLU A 538 -25.92 14.27 -26.86
N ASP A 539 -26.53 15.44 -26.72
CA ASP A 539 -25.86 16.69 -27.10
C ASP A 539 -24.79 17.03 -26.06
N GLY A 540 -23.55 17.18 -26.51
CA GLY A 540 -22.47 17.47 -25.59
C GLY A 540 -22.11 16.25 -24.75
N LEU A 541 -21.30 16.50 -23.73
CA LEU A 541 -20.84 15.43 -22.87
C LEU A 541 -21.96 14.95 -21.95
N PRO A 542 -21.87 13.71 -21.44
CA PRO A 542 -22.78 13.31 -20.37
C PRO A 542 -22.52 14.12 -19.11
N ASP A 543 -23.56 14.26 -18.29
CA ASP A 543 -23.44 15.09 -17.09
C ASP A 543 -22.42 14.53 -16.10
N ALA A 544 -22.27 13.20 -16.04
CA ALA A 544 -21.25 12.63 -15.19
C ALA A 544 -19.85 13.04 -15.65
N LEU A 545 -19.64 13.06 -16.97
CA LEU A 545 -18.32 13.40 -17.49
C LEU A 545 -18.05 14.90 -17.37
N LYS A 546 -19.09 15.73 -17.52
CA LYS A 546 -18.93 17.15 -17.23
C LYS A 546 -18.42 17.38 -15.82
N THR A 547 -18.93 16.61 -14.86
CA THR A 547 -18.55 16.80 -13.46
C THR A 547 -17.12 16.32 -13.21
N VAL A 548 -16.77 15.15 -13.74
CA VAL A 548 -15.43 14.60 -13.50
C VAL A 548 -14.37 15.52 -14.08
N LEU A 549 -14.59 16.03 -15.29
CA LEU A 549 -13.66 16.99 -15.86
C LEU A 549 -13.60 18.27 -15.03
N LYS A 550 -14.70 18.64 -14.37
CA LYS A 550 -14.66 19.79 -13.48
C LYS A 550 -13.81 19.52 -12.25
N TRP A 551 -13.89 18.29 -11.70
CA TRP A 551 -12.98 17.94 -10.60
C TRP A 551 -11.52 18.05 -11.03
N TRP A 552 -11.21 17.58 -12.24
CA TRP A 552 -9.84 17.68 -12.72
C TRP A 552 -9.42 19.12 -12.90
N ALA A 553 -10.32 19.97 -13.42
CA ALA A 553 -9.99 21.37 -13.58
C ALA A 553 -9.81 22.07 -12.24
N GLU A 554 -10.52 21.61 -11.20
CA GLU A 554 -10.35 22.19 -9.86
C GLU A 554 -9.07 21.74 -9.18
N GLY A 555 -8.33 20.81 -9.77
CA GLY A 555 -7.07 20.35 -9.22
C GLY A 555 -7.10 19.03 -8.49
N GLN A 556 -8.13 18.21 -8.67
CA GLN A 556 -8.23 16.89 -8.06
C GLN A 556 -8.12 15.77 -9.08
N ALA A 557 -7.17 15.89 -10.01
CA ALA A 557 -6.83 14.78 -10.91
C ALA A 557 -5.73 13.97 -10.25
N PHE A 558 -6.13 13.04 -9.40
CA PHE A 558 -5.22 12.10 -8.77
C PHE A 558 -5.03 10.93 -9.72
N MET A 559 -3.86 10.87 -10.39
CA MET A 559 -3.71 10.04 -11.58
C MET A 559 -2.66 8.95 -11.49
N SER A 560 -1.69 9.04 -10.59
CA SER A 560 -0.57 8.11 -10.55
C SER A 560 -0.63 7.25 -9.30
N GLY A 561 0.33 6.34 -9.20
CA GLY A 561 0.49 5.51 -8.02
C GLY A 561 1.14 6.27 -6.88
N ALA A 562 1.32 5.56 -5.77
CA ALA A 562 1.95 6.13 -4.58
C ALA A 562 1.19 7.34 -4.07
N ALA A 563 -0.14 7.34 -4.22
CA ALA A 563 -0.94 8.50 -3.85
C ALA A 563 -0.87 8.78 -2.35
N SER A 564 -0.72 7.75 -1.53
CA SER A 564 -0.78 7.94 -0.09
C SER A 564 0.34 8.83 0.44
N THR A 565 1.44 8.96 -0.29
CA THR A 565 2.52 9.87 0.05
C THR A 565 2.57 11.06 -0.92
N GLY A 566 1.42 11.46 -1.44
CA GLY A 566 1.30 12.73 -2.14
C GLY A 566 1.67 12.73 -3.60
N LYS A 567 1.98 11.57 -4.18
CA LYS A 567 2.39 11.56 -5.58
C LYS A 567 1.19 11.59 -6.51
N GLY A 568 1.30 12.37 -7.58
CA GLY A 568 0.42 12.22 -8.73
C GLY A 568 -0.83 13.05 -8.78
N ARG A 569 -0.81 14.27 -8.25
CA ARG A 569 -1.95 15.19 -8.34
C ARG A 569 -1.72 16.18 -9.47
N PHE A 570 -2.66 16.25 -10.41
CA PHE A 570 -2.59 17.12 -11.57
C PHE A 570 -3.75 18.10 -11.56
N ARG A 571 -3.58 19.21 -12.28
CA ARG A 571 -4.68 20.09 -12.66
C ARG A 571 -4.80 20.15 -14.17
N MET A 572 -6.04 20.04 -14.66
CA MET A 572 -6.31 20.26 -16.08
C MET A 572 -6.46 21.76 -16.32
N GLU A 573 -5.70 22.29 -17.28
CA GLU A 573 -5.59 23.72 -17.48
C GLU A 573 -5.76 24.06 -18.96
N ASN A 574 -6.25 25.28 -19.20
CA ASN A 574 -6.46 25.79 -20.56
C ASN A 574 -7.42 24.91 -21.36
N ALA A 575 -8.50 24.46 -20.74
CA ALA A 575 -9.43 23.57 -21.42
C ALA A 575 -10.25 24.31 -22.46
N LYS A 576 -10.50 23.65 -23.59
CA LYS A 576 -11.32 24.16 -24.67
C LYS A 576 -12.11 22.99 -25.25
N TYR A 577 -13.28 23.28 -25.82
CA TYR A 577 -14.13 22.20 -26.30
C TYR A 577 -15.01 22.64 -27.47
N GLU A 578 -15.47 21.63 -28.22
CA GLU A 578 -16.32 21.80 -29.40
C GLU A 578 -17.08 20.50 -29.61
N THR A 579 -18.25 20.60 -30.24
CA THR A 579 -19.07 19.45 -30.59
C THR A 579 -19.30 19.43 -32.10
N LEU A 580 -19.09 18.26 -32.71
CA LEU A 580 -19.34 18.05 -34.13
C LEU A 580 -20.57 17.17 -34.30
N ASP A 581 -21.46 17.57 -35.20
CA ASP A 581 -22.71 16.84 -35.44
C ASP A 581 -22.54 15.94 -36.65
N LEU A 582 -22.05 14.72 -36.40
CA LEU A 582 -21.85 13.74 -37.45
C LEU A 582 -23.15 13.22 -38.05
N SER A 583 -24.29 13.44 -37.39
CA SER A 583 -25.55 13.07 -38.02
C SER A 583 -25.82 13.92 -39.26
N ASP A 584 -25.27 15.12 -39.31
CA ASP A 584 -25.44 15.99 -40.47
C ASP A 584 -24.57 15.49 -41.61
N GLU A 585 -25.17 15.27 -42.78
CA GLU A 585 -24.43 14.72 -43.91
C GLU A 585 -23.29 15.63 -44.33
N ASN A 586 -23.48 16.94 -44.25
CA ASN A 586 -22.43 17.86 -44.69
C ASN A 586 -21.25 17.85 -43.74
N GLN A 587 -21.53 17.82 -42.43
CA GLN A 587 -20.44 17.74 -41.46
C GLN A 587 -19.78 16.37 -41.48
N ARG A 588 -20.56 15.32 -41.71
CA ARG A 588 -20.01 13.97 -41.77
C ARG A 588 -19.01 13.83 -42.91
N ASN A 589 -19.35 14.35 -44.09
CA ASN A 589 -18.44 14.27 -45.21
C ASN A 589 -17.20 15.14 -45.01
N ASP A 590 -17.36 16.28 -44.34
CA ASP A 590 -16.18 17.08 -43.97
C ASP A 590 -15.34 16.35 -42.95
N TYR A 591 -15.98 15.67 -42.01
CA TYR A 591 -15.26 14.87 -41.02
C TYR A 591 -14.47 13.76 -41.69
N LEU A 592 -15.10 13.04 -42.63
CA LEU A 592 -14.42 11.96 -43.33
C LEU A 592 -13.28 12.49 -44.19
N LYS A 593 -13.52 13.61 -44.88
CA LYS A 593 -12.50 14.21 -45.74
C LYS A 593 -11.20 14.46 -45.01
N ASN A 594 -11.28 14.85 -43.73
CA ASN A 594 -10.12 15.30 -42.97
C ASN A 594 -9.64 14.26 -41.97
N TRP A 595 -10.10 13.00 -42.08
CA TRP A 595 -9.82 11.96 -41.07
C TRP A 595 -10.12 12.46 -39.66
N GLY A 596 -11.23 13.16 -39.50
CA GLY A 596 -11.63 13.63 -38.18
C GLY A 596 -10.65 14.57 -37.52
N TRP A 597 -9.72 15.16 -38.28
CA TRP A 597 -8.67 16.02 -37.72
C TRP A 597 -7.89 15.32 -36.62
N ARG A 598 -7.57 14.04 -36.84
CA ARG A 598 -6.81 13.28 -35.86
C ARG A 598 -5.32 13.60 -35.92
N ASP A 599 -4.74 13.69 -37.11
CA ASP A 599 -3.31 13.92 -37.21
C ASP A 599 -2.98 15.38 -36.89
N GLU A 600 -1.68 15.64 -36.70
CA GLU A 600 -1.25 16.94 -36.18
C GLU A 600 -1.61 18.08 -37.11
N LYS A 601 -1.61 17.86 -38.43
CA LYS A 601 -2.02 18.93 -39.34
C LYS A 601 -3.50 19.25 -39.12
N GLY A 602 -4.33 18.21 -39.05
CA GLY A 602 -5.75 18.44 -38.82
C GLY A 602 -6.02 19.06 -37.46
N LEU A 603 -5.23 18.69 -36.45
CA LEU A 603 -5.53 19.13 -35.09
C LEU A 603 -5.29 20.62 -34.93
N GLU A 604 -4.23 21.18 -35.55
CA GLU A 604 -4.02 22.62 -35.45
C GLU A 604 -5.14 23.39 -36.14
N GLU A 605 -5.70 22.84 -37.22
CA GLU A 605 -6.85 23.49 -37.84
C GLU A 605 -8.09 23.41 -36.96
N LEU A 606 -8.21 22.34 -36.17
CA LEU A 606 -9.37 22.21 -35.29
C LEU A 606 -9.24 23.12 -34.07
N LYS A 607 -8.03 23.28 -33.54
CA LYS A 607 -7.85 24.11 -32.35
C LYS A 607 -8.11 25.59 -32.63
N LYS A 608 -8.22 25.98 -33.91
CA LYS A 608 -8.59 27.35 -34.22
C LYS A 608 -10.05 27.64 -33.93
N ARG A 609 -10.89 26.61 -33.81
CA ARG A 609 -12.33 26.78 -33.62
C ARG A 609 -12.88 25.90 -32.49
N LEU A 610 -12.10 25.68 -31.44
CA LEU A 610 -12.61 25.19 -30.17
C LEU A 610 -13.04 26.35 -29.28
N ASN A 611 -14.17 26.18 -28.61
CA ASN A 611 -14.64 27.18 -27.66
C ASN A 611 -13.87 27.08 -26.35
N SER A 612 -13.68 28.22 -25.70
CA SER A 612 -12.92 28.26 -24.45
C SER A 612 -13.76 27.78 -23.27
N GLY A 613 -13.11 27.09 -22.35
CA GLY A 613 -13.72 26.67 -21.11
C GLY A 613 -14.56 25.41 -21.26
N LEU A 614 -14.72 24.72 -20.12
CA LEU A 614 -15.52 23.51 -20.07
C LEU A 614 -17.01 23.85 -19.90
N PRO A 615 -17.91 22.94 -20.30
CA PRO A 615 -19.33 23.16 -20.03
C PRO A 615 -19.67 22.87 -18.57
N GLU A 616 -20.54 23.70 -18.00
CA GLU A 616 -20.94 23.53 -16.61
C GLU A 616 -21.87 22.34 -16.45
N PRO A 617 -21.68 21.48 -15.45
CA PRO A 617 -22.61 20.36 -15.25
C PRO A 617 -23.93 20.81 -14.64
N GLY A 618 -24.96 20.03 -14.89
CA GLY A 618 -26.24 20.23 -14.23
C GLY A 618 -26.29 19.68 -12.82
N ASN A 619 -26.17 18.36 -12.69
CA ASN A 619 -26.14 17.69 -11.38
C ASN A 619 -24.69 17.59 -10.90
N TYR A 620 -24.16 18.73 -10.48
CA TYR A 620 -22.83 18.75 -9.90
C TYR A 620 -22.83 18.02 -8.56
N ARG A 621 -21.75 17.28 -8.31
CA ARG A 621 -21.56 16.54 -7.06
C ARG A 621 -20.16 16.81 -6.54
N ASP A 622 -20.06 17.08 -5.25
CA ASP A 622 -18.79 17.47 -4.67
C ASP A 622 -17.80 16.30 -4.71
N PRO A 623 -16.51 16.57 -4.87
CA PRO A 623 -15.54 15.47 -4.95
C PRO A 623 -15.32 14.78 -3.61
N LYS A 624 -14.67 13.62 -3.70
CA LYS A 624 -14.51 12.69 -2.59
C LYS A 624 -13.38 13.05 -1.63
N TRP A 625 -12.56 14.06 -1.94
CA TRP A 625 -11.41 14.44 -1.12
C TRP A 625 -11.48 15.90 -0.71
N HIS A 626 -11.11 16.18 0.55
CA HIS A 626 -10.98 17.52 1.09
C HIS A 626 -9.51 17.86 1.29
N GLU A 627 -9.14 19.10 0.95
CA GLU A 627 -7.81 19.60 1.25
C GLU A 627 -7.77 20.19 2.66
N ILE A 628 -6.87 19.67 3.49
CA ILE A 628 -6.61 20.23 4.82
C ILE A 628 -5.25 20.91 4.76
N ASN A 629 -5.19 22.16 5.20
CA ASN A 629 -4.00 22.98 5.08
C ASN A 629 -3.25 23.01 6.41
N VAL A 630 -1.94 22.75 6.35
CA VAL A 630 -1.10 22.55 7.53
C VAL A 630 -0.13 23.72 7.64
N SER A 631 -0.02 24.26 8.85
CA SER A 631 0.97 25.29 9.17
C SER A 631 1.68 24.91 10.44
N ILE A 632 3.01 24.83 10.39
CA ILE A 632 3.83 24.40 11.51
C ILE A 632 4.90 25.46 11.76
N GLU A 633 5.15 25.75 13.03
CA GLU A 633 6.16 26.72 13.45
C GLU A 633 7.21 26.00 14.28
N MET A 634 8.48 26.19 13.90
CA MET A 634 9.61 25.62 14.63
C MET A 634 10.56 26.74 15.00
N ALA A 635 10.88 26.85 16.29
CA ALA A 635 11.84 27.83 16.80
C ALA A 635 13.20 27.20 17.04
N SER A 636 13.59 26.25 16.20
CA SER A 636 14.83 25.51 16.40
C SER A 636 15.34 25.10 15.02
N PRO A 637 16.63 24.73 14.93
CA PRO A 637 17.12 24.17 13.67
C PRO A 637 16.38 22.91 13.27
N PHE A 638 16.50 22.55 12.01
CA PHE A 638 15.76 21.44 11.42
C PHE A 638 16.66 20.70 10.43
N ILE A 639 16.61 19.38 10.47
CA ILE A 639 17.30 18.56 9.47
C ILE A 639 16.47 17.31 9.18
N ASN A 640 16.35 17.00 7.88
CA ASN A 640 15.70 15.78 7.40
C ASN A 640 16.72 15.15 6.45
N GLY A 641 17.44 14.15 6.95
CA GLY A 641 18.72 13.80 6.35
C GLY A 641 18.61 13.17 4.98
N ASP A 642 19.73 13.22 4.26
CA ASP A 642 19.83 12.67 2.90
C ASP A 642 21.25 12.19 2.69
N PRO A 643 21.57 10.94 3.07
CA PRO A 643 22.98 10.50 3.03
C PRO A 643 23.61 10.52 1.65
N ILE A 644 22.89 10.16 0.58
CA ILE A 644 23.52 10.16 -0.74
C ILE A 644 23.90 11.57 -1.15
N ARG A 645 23.05 12.55 -0.87
CA ARG A 645 23.39 13.93 -1.16
C ARG A 645 24.60 14.38 -0.37
N ALA A 646 24.71 13.93 0.88
CA ALA A 646 25.88 14.29 1.69
C ALA A 646 27.17 13.76 1.07
N ALA A 647 27.10 12.64 0.36
CA ALA A 647 28.29 12.08 -0.27
C ALA A 647 28.68 12.88 -1.51
N VAL A 648 27.69 13.29 -2.31
CA VAL A 648 27.97 13.90 -3.60
C VAL A 648 28.19 15.40 -3.47
N ASP A 649 27.60 16.04 -2.46
CA ASP A 649 27.58 17.49 -2.41
C ASP A 649 28.95 18.05 -2.04
N LYS A 650 29.30 19.18 -2.66
CA LYS A 650 30.58 19.83 -2.42
C LYS A 650 30.75 20.30 -0.97
N ARG A 651 29.66 20.52 -0.25
CA ARG A 651 29.75 21.15 1.07
C ARG A 651 30.55 20.31 2.06
N GLY A 652 30.47 18.98 1.96
CA GLY A 652 31.35 18.09 2.69
C GLY A 652 30.91 17.74 4.09
N THR A 653 29.89 18.39 4.65
CA THR A 653 29.41 18.00 5.96
C THR A 653 28.76 16.61 5.89
N ALA A 654 28.74 15.94 7.04
CA ALA A 654 28.39 14.52 7.07
C ALA A 654 26.89 14.27 7.02
N VAL A 655 26.06 15.28 7.32
CA VAL A 655 24.61 15.16 7.18
C VAL A 655 24.09 16.44 6.57
N VAL A 656 23.18 16.31 5.61
CA VAL A 656 22.60 17.44 4.90
C VAL A 656 21.10 17.21 4.72
N THR A 657 20.37 18.30 4.52
CA THR A 657 18.92 18.24 4.36
C THR A 657 18.51 17.73 2.98
N PHE A 658 17.31 17.16 2.94
CA PHE A 658 16.63 16.81 1.71
C PHE A 658 16.28 18.04 0.88
N VAL A 659 16.53 17.97 -0.42
CA VAL A 659 16.07 18.97 -1.38
C VAL A 659 15.45 18.27 -2.57
N LYS A 660 14.42 18.90 -3.14
CA LYS A 660 13.65 18.37 -4.25
C LYS A 660 13.71 19.33 -5.43
N TYR A 661 13.68 18.77 -6.64
CA TYR A 661 13.85 19.53 -7.87
C TYR A 661 12.51 19.76 -8.56
N LYS A 662 12.30 20.98 -9.01
CA LYS A 662 11.06 21.44 -9.61
C LYS A 662 11.30 21.77 -11.08
N ALA A 663 10.53 21.15 -11.97
CA ALA A 663 10.65 21.41 -13.40
C ALA A 663 9.93 22.70 -13.76
N GLU A 664 10.62 23.58 -14.47
CA GLU A 664 10.05 24.80 -15.03
C GLU A 664 10.66 25.03 -16.39
N GLY A 665 9.87 24.85 -17.44
CA GLY A 665 10.44 24.80 -18.78
C GLY A 665 11.37 23.61 -18.89
N GLU A 666 12.59 23.86 -19.38
CA GLU A 666 13.60 22.81 -19.46
C GLU A 666 14.46 22.73 -18.20
N GLU A 667 14.37 23.71 -17.31
CA GLU A 667 15.25 23.77 -16.15
C GLU A 667 14.65 23.02 -14.96
N ALA A 668 15.54 22.59 -14.07
CA ALA A 668 15.16 21.97 -12.81
C ALA A 668 15.84 22.73 -11.68
N LYS A 669 15.05 23.23 -10.73
CA LYS A 669 15.55 24.12 -9.69
C LYS A 669 15.30 23.55 -8.29
N PRO A 670 16.28 23.59 -7.38
CA PRO A 670 16.14 22.87 -6.11
C PRO A 670 15.38 23.64 -5.05
N VAL A 671 14.71 22.91 -4.16
CA VAL A 671 13.95 23.48 -3.05
C VAL A 671 14.15 22.60 -1.83
N CYS A 672 14.33 23.23 -0.67
CA CYS A 672 14.35 22.50 0.59
C CYS A 672 12.92 22.17 1.02
N ALA A 673 12.71 20.94 1.50
CA ALA A 673 11.37 20.48 1.85
C ALA A 673 11.46 19.47 2.98
N TYR A 674 10.30 19.15 3.54
CA TYR A 674 10.13 18.05 4.49
C TYR A 674 9.31 16.97 3.82
N LYS A 675 9.86 15.75 3.76
CA LYS A 675 9.31 14.71 2.89
C LYS A 675 7.91 14.31 3.32
N ALA A 676 7.09 13.98 2.33
CA ALA A 676 5.76 13.42 2.60
C ALA A 676 5.85 12.11 3.36
N GLU A 677 6.84 11.28 3.02
CA GLU A 677 6.97 9.98 3.68
C GLU A 677 7.26 10.14 5.16
N SER A 678 8.20 11.02 5.51
CA SER A 678 8.55 11.21 6.92
C SER A 678 7.38 11.80 7.70
N PHE A 679 6.68 12.76 7.10
CA PHE A 679 5.56 13.39 7.79
C PHE A 679 4.42 12.39 7.98
N ARG A 680 4.17 11.54 6.98
CA ARG A 680 3.21 10.46 7.17
C ARG A 680 3.63 9.54 8.30
N GLY A 681 4.92 9.21 8.36
CA GLY A 681 5.39 8.34 9.43
C GLY A 681 5.19 8.94 10.80
N VAL A 682 5.43 10.24 10.95
CA VAL A 682 5.27 10.87 12.26
C VAL A 682 3.81 10.86 12.69
N ILE A 683 2.90 11.23 11.79
CA ILE A 683 1.49 11.28 12.17
C ILE A 683 0.95 9.87 12.39
N ARG A 684 1.39 8.91 11.60
CA ARG A 684 0.92 7.54 11.77
C ARG A 684 1.30 6.99 13.15
N SER A 685 2.52 7.24 13.59
CA SER A 685 2.94 6.75 14.90
C SER A 685 2.28 7.52 16.04
N ALA A 686 1.95 8.79 15.81
CA ALA A 686 1.25 9.55 16.85
C ALA A 686 -0.13 8.97 17.11
N VAL A 687 -0.81 8.51 16.07
CA VAL A 687 -2.09 7.80 16.25
C VAL A 687 -1.85 6.45 16.89
N ALA A 688 -0.81 5.75 16.45
CA ALA A 688 -0.60 4.35 16.86
C ALA A 688 -0.30 4.25 18.35
N ARG A 689 0.53 5.15 18.89
CA ARG A 689 1.03 4.98 20.24
C ARG A 689 -0.04 5.21 21.30
N ILE A 690 -1.18 5.82 20.92
CA ILE A 690 -2.22 6.22 21.87
C ILE A 690 -3.52 5.45 21.69
N HIS A 691 -3.54 4.37 20.90
CA HIS A 691 -4.72 3.55 20.71
C HIS A 691 -4.38 2.07 20.91
N MET A 692 -5.42 1.27 21.16
CA MET A 692 -5.26 -0.14 21.48
C MET A 692 -6.31 -0.97 20.74
N GLU A 693 -5.98 -2.24 20.56
CA GLU A 693 -6.89 -3.24 19.99
C GLU A 693 -7.01 -4.37 21.03
N ASP A 694 -7.97 -4.22 21.94
CA ASP A 694 -8.16 -5.17 23.05
C ASP A 694 -6.89 -5.30 23.88
N GLY A 695 -6.40 -4.17 24.38
CA GLY A 695 -5.31 -4.15 25.32
C GLY A 695 -3.92 -4.25 24.73
N VAL A 696 -3.79 -4.38 23.43
CA VAL A 696 -2.50 -4.41 22.73
C VAL A 696 -2.34 -3.10 21.98
N PRO A 697 -1.23 -2.35 22.16
CA PRO A 697 -1.06 -1.12 21.38
C PRO A 697 -1.00 -1.42 19.89
N LEU A 698 -1.52 -0.48 19.09
CA LEU A 698 -1.51 -0.64 17.65
C LEU A 698 -0.10 -0.64 17.07
N THR A 699 0.88 -0.13 17.83
CA THR A 699 2.26 -0.22 17.38
C THR A 699 2.80 -1.65 17.44
N GLU A 700 2.15 -2.53 18.20
CA GLU A 700 2.64 -3.88 18.41
C GLU A 700 2.03 -4.91 17.47
N LEU A 701 1.04 -4.52 16.66
CA LEU A 701 0.40 -5.45 15.75
C LEU A 701 1.20 -5.60 14.45
N THR A 702 0.84 -6.61 13.68
CA THR A 702 1.45 -6.84 12.37
C THR A 702 0.67 -6.19 11.23
N HIS A 703 -0.63 -5.94 11.41
CA HIS A 703 -1.45 -5.24 10.42
C HIS A 703 -1.56 -6.00 9.11
N SER A 704 -1.60 -7.33 9.16
CA SER A 704 -1.92 -8.18 8.02
C SER A 704 -3.26 -8.85 8.26
N ASP A 705 -4.13 -8.83 7.25
CA ASP A 705 -5.52 -9.28 7.40
C ASP A 705 -6.20 -8.53 8.55
N CYS A 706 -5.80 -7.28 8.73
CA CYS A 706 -6.12 -6.51 9.91
C CYS A 706 -7.13 -5.43 9.56
N GLU A 707 -7.99 -5.10 10.52
CA GLU A 707 -9.10 -4.18 10.33
C GLU A 707 -9.18 -3.18 11.47
N CYS A 708 -8.02 -2.83 12.04
CA CYS A 708 -7.98 -1.89 13.16
C CYS A 708 -8.05 -0.46 12.68
N LEU A 709 -7.95 0.46 13.65
CA LEU A 709 -8.10 1.89 13.37
C LEU A 709 -7.02 2.41 12.42
N LEU A 710 -5.77 1.97 12.59
CA LEU A 710 -4.72 2.41 11.67
C LEU A 710 -5.00 1.96 10.25
N CYS A 711 -5.41 0.70 10.08
CA CYS A 711 -5.65 0.19 8.73
C CYS A 711 -6.84 0.88 8.08
N GLN A 712 -7.83 1.26 8.90
CA GLN A 712 -9.00 1.93 8.36
C GLN A 712 -8.67 3.33 7.85
N ILE A 713 -7.70 4.01 8.47
CA ILE A 713 -7.33 5.37 8.07
C ILE A 713 -6.12 5.31 7.13
N PHE A 714 -5.01 4.77 7.62
CA PHE A 714 -3.74 4.87 6.91
C PHE A 714 -3.52 3.76 5.88
N GLY A 715 -4.40 2.76 5.81
CA GLY A 715 -4.29 1.75 4.79
C GLY A 715 -3.46 0.56 5.22
N SER A 716 -3.40 -0.42 4.32
CA SER A 716 -2.73 -1.69 4.59
C SER A 716 -2.20 -2.25 3.28
N GLU A 717 -1.47 -3.35 3.38
CA GLU A 717 -1.10 -4.11 2.19
C GLU A 717 -2.31 -4.78 1.54
N TYR A 718 -3.46 -4.80 2.21
CA TYR A 718 -4.70 -5.34 1.67
C TYR A 718 -5.68 -4.28 1.20
N GLU A 719 -5.44 -3.00 1.48
CA GLU A 719 -6.38 -1.97 1.04
C GLU A 719 -5.68 -0.62 1.09
N ALA A 720 -6.18 0.31 0.27
CA ALA A 720 -5.63 1.65 0.17
C ALA A 720 -6.02 2.50 1.38
N GLY A 721 -5.15 3.45 1.72
CA GLY A 721 -5.45 4.37 2.80
C GLY A 721 -6.35 5.50 2.36
N LYS A 722 -6.92 6.19 3.35
CA LYS A 722 -7.87 7.28 3.12
C LYS A 722 -7.32 8.65 3.48
N ILE A 723 -6.00 8.79 3.63
CA ILE A 723 -5.38 10.08 3.90
C ILE A 723 -4.09 10.17 3.10
N ARG A 724 -3.89 11.30 2.42
CA ARG A 724 -2.78 11.50 1.50
C ARG A 724 -1.96 12.70 1.93
N PHE A 725 -0.65 12.50 2.09
CA PHE A 725 0.26 13.52 2.58
C PHE A 725 1.13 14.06 1.44
N GLU A 726 1.16 15.38 1.29
CA GLU A 726 2.10 16.03 0.39
C GLU A 726 3.35 16.49 1.14
N ASP A 727 4.34 16.92 0.37
CA ASP A 727 5.53 17.53 0.96
C ASP A 727 5.20 18.88 1.57
N LEU A 728 5.86 19.18 2.68
CA LEU A 728 5.81 20.51 3.29
C LEU A 728 7.05 21.30 2.86
N VAL A 729 6.87 22.61 2.70
CA VAL A 729 7.95 23.49 2.23
C VAL A 729 8.05 24.70 3.13
N PHE A 730 9.23 25.30 3.15
CA PHE A 730 9.54 26.45 3.97
C PHE A 730 9.32 27.73 3.19
N GLU A 731 8.61 28.67 3.80
CA GLU A 731 8.50 30.01 3.23
C GLU A 731 9.67 30.88 3.67
N SER A 732 9.95 31.91 2.88
CA SER A 732 11.06 32.84 3.05
C SER A 732 12.41 32.24 2.68
N ASP A 733 12.45 30.99 2.18
CA ASP A 733 13.63 30.42 1.52
C ASP A 733 14.87 30.45 2.40
N PRO A 734 14.98 29.59 3.41
CA PRO A 734 16.18 29.59 4.26
C PRO A 734 17.38 28.91 3.60
N GLU A 735 18.58 29.18 4.15
CA GLU A 735 19.86 28.62 3.72
C GLU A 735 20.51 27.79 4.84
N PRO A 736 21.14 26.64 4.53
CA PRO A 736 21.76 25.85 5.58
C PRO A 736 22.93 26.54 6.26
N VAL A 737 23.24 26.06 7.48
CA VAL A 737 24.39 26.49 8.27
C VAL A 737 25.03 25.25 8.90
N THR A 738 26.35 25.25 9.00
CA THR A 738 27.09 24.13 9.55
C THR A 738 27.27 24.28 11.06
N PHE A 739 27.08 23.17 11.77
CA PHE A 739 27.49 23.03 13.18
C PHE A 739 28.43 21.85 13.31
N ASP A 740 29.57 22.08 13.95
CA ASP A 740 30.51 21.03 14.29
C ASP A 740 30.25 20.52 15.70
N HIS A 741 30.61 19.26 15.92
CA HIS A 741 30.42 18.59 17.18
C HIS A 741 31.70 17.81 17.49
N VAL A 742 31.89 17.47 18.76
CA VAL A 742 33.04 16.68 19.16
C VAL A 742 32.70 15.89 20.42
N ALA A 743 33.07 14.61 20.43
CA ALA A 743 32.88 13.76 21.60
C ALA A 743 34.08 13.90 22.53
N ILE A 744 33.82 13.93 23.83
CA ILE A 744 34.84 14.18 24.84
C ILE A 744 35.11 12.89 25.59
N ASP A 745 36.38 12.50 25.63
CA ASP A 745 36.78 11.32 26.39
C ASP A 745 36.59 11.60 27.87
N ARG A 746 35.88 10.71 28.56
CA ARG A 746 35.57 10.96 29.97
C ARG A 746 36.80 10.86 30.86
N PHE A 747 37.84 10.15 30.41
CA PHE A 747 39.07 10.04 31.18
C PHE A 747 39.97 11.26 30.98
N THR A 748 40.34 11.54 29.74
CA THR A 748 41.35 12.56 29.47
C THR A 748 40.76 13.96 29.34
N GLY A 749 39.48 14.10 29.06
CA GLY A 749 38.86 15.39 28.86
C GLY A 749 39.10 16.01 27.49
N GLY A 750 39.78 15.30 26.58
CA GLY A 750 40.00 15.76 25.23
C GLY A 750 39.08 15.09 24.23
N ALA A 751 39.24 15.48 22.97
CA ALA A 751 38.44 14.92 21.90
C ALA A 751 38.75 13.43 21.71
N ALA A 752 37.73 12.69 21.29
CA ALA A 752 37.80 11.23 21.23
C ALA A 752 38.02 10.68 19.82
N ASP A 753 38.40 11.53 18.86
CA ASP A 753 38.78 11.13 17.49
C ASP A 753 37.76 10.18 16.84
N LYS A 754 36.49 10.36 17.17
CA LYS A 754 35.40 9.68 16.48
C LYS A 754 35.36 10.06 15.01
N LYS A 755 34.63 9.26 14.23
CA LYS A 755 34.31 9.63 12.86
C LYS A 755 33.56 10.96 12.86
N LYS A 756 33.96 11.83 11.93
CA LYS A 756 33.41 13.19 11.88
C LYS A 756 31.90 13.15 11.67
N PHE A 757 31.18 14.03 12.35
CA PHE A 757 29.72 14.06 12.32
C PHE A 757 29.17 15.49 12.34
N ASP A 758 29.65 16.32 11.42
CA ASP A 758 29.02 17.61 11.16
C ASP A 758 27.61 17.41 10.59
N ASP A 759 26.79 18.45 10.72
CA ASP A 759 25.47 18.50 10.09
C ASP A 759 25.23 19.91 9.57
N SER A 760 24.27 20.03 8.65
CA SER A 760 23.94 21.29 7.99
C SER A 760 22.44 21.54 8.01
N PRO A 761 21.87 21.85 9.17
CA PRO A 761 20.43 22.08 9.25
C PRO A 761 20.02 23.42 8.70
N LEU A 762 18.71 23.59 8.50
CA LEU A 762 18.16 24.91 8.27
C LEU A 762 18.10 25.68 9.58
N PRO A 763 18.52 26.94 9.63
CA PRO A 763 18.58 27.64 10.92
C PRO A 763 17.21 28.17 11.33
N GLY A 764 16.84 27.92 12.58
CA GLY A 764 15.66 28.51 13.16
C GLY A 764 15.88 28.87 14.62
N SER A 765 15.26 29.94 15.10
CA SER A 765 15.45 30.37 16.47
C SER A 765 14.19 31.10 16.91
N PRO A 766 14.07 31.43 18.20
CA PRO A 766 12.87 32.13 18.67
C PRO A 766 12.58 33.43 17.93
N ALA A 767 13.61 34.18 17.57
CA ALA A 767 13.41 35.42 16.82
C ALA A 767 13.15 35.18 15.34
N ARG A 768 13.43 33.99 14.84
CA ARG A 768 13.30 33.68 13.41
C ARG A 768 12.84 32.24 13.26
N PRO A 769 11.57 31.97 13.52
CA PRO A 769 11.08 30.59 13.38
C PRO A 769 11.06 30.13 11.94
N LEU A 770 11.25 28.82 11.76
CA LEU A 770 10.98 28.17 10.48
C LEU A 770 9.48 27.94 10.35
N MET A 771 8.91 28.32 9.22
CA MET A 771 7.49 28.18 8.95
C MET A 771 7.29 27.13 7.86
N LEU A 772 6.73 25.99 8.25
CA LEU A 772 6.46 24.87 7.35
C LEU A 772 5.00 24.94 6.93
N LYS A 773 4.75 24.83 5.63
CA LYS A 773 3.39 24.91 5.10
C LYS A 773 3.16 23.85 4.04
N GLY A 774 1.93 23.37 3.99
CA GLY A 774 1.56 22.37 3.01
C GLY A 774 0.13 21.95 3.22
N SER A 775 -0.22 20.77 2.69
CA SER A 775 -1.57 20.26 2.78
C SER A 775 -1.54 18.74 2.80
N PHE A 776 -2.54 18.14 3.45
CA PHE A 776 -2.85 16.73 3.26
C PHE A 776 -4.33 16.60 2.92
N TRP A 777 -4.65 15.59 2.12
CA TRP A 777 -5.99 15.36 1.60
C TRP A 777 -6.63 14.20 2.36
N ILE A 778 -7.86 14.41 2.82
CA ILE A 778 -8.58 13.44 3.63
C ILE A 778 -9.91 13.13 2.96
N ARG A 779 -10.28 11.85 2.94
CA ARG A 779 -11.45 11.42 2.19
C ARG A 779 -12.73 11.84 2.91
N ARG A 780 -13.77 12.08 2.11
CA ARG A 780 -15.01 12.67 2.64
C ARG A 780 -15.66 11.78 3.68
N ASP A 781 -15.64 10.47 3.49
CA ASP A 781 -16.24 9.56 4.47
C ASP A 781 -15.46 9.48 5.77
N VAL A 782 -14.24 10.03 5.83
CA VAL A 782 -13.49 10.08 7.08
C VAL A 782 -13.90 11.29 7.91
N LEU A 783 -13.97 12.47 7.29
CA LEU A 783 -14.44 13.65 8.01
C LEU A 783 -15.86 13.47 8.52
N GLU A 784 -16.68 12.71 7.80
CA GLU A 784 -18.05 12.45 8.25
C GLU A 784 -18.12 11.50 9.43
N ASP A 785 -17.01 10.86 9.81
CA ASP A 785 -16.99 9.87 10.88
C ASP A 785 -16.32 10.50 12.10
N GLU A 786 -17.08 10.61 13.20
CA GLU A 786 -16.53 11.22 14.39
C GLU A 786 -15.49 10.31 15.06
N GLU A 787 -15.58 9.01 14.82
CA GLU A 787 -14.65 8.09 15.45
C GLU A 787 -13.25 8.20 14.85
N TYR A 788 -13.14 8.60 13.59
CA TYR A 788 -11.84 8.87 12.97
C TYR A 788 -11.36 10.28 13.26
N CYS A 789 -12.26 11.26 13.28
CA CYS A 789 -11.85 12.62 13.64
C CYS A 789 -11.26 12.66 15.04
N LYS A 790 -11.80 11.86 15.97
CA LYS A 790 -11.24 11.79 17.31
C LYS A 790 -9.82 11.23 17.27
N ALA A 791 -9.61 10.16 16.51
CA ALA A 791 -8.28 9.55 16.44
C ALA A 791 -7.25 10.53 15.91
N LEU A 792 -7.59 11.24 14.82
CA LEU A 792 -6.66 12.24 14.27
C LEU A 792 -6.54 13.44 15.19
N GLY A 793 -7.65 13.86 15.80
CA GLY A 793 -7.59 15.03 16.68
C GLY A 793 -6.65 14.82 17.85
N LYS A 794 -6.70 13.65 18.48
CA LYS A 794 -5.84 13.36 19.61
C LYS A 794 -4.37 13.37 19.19
N ALA A 795 -4.08 12.73 18.06
CA ALA A 795 -2.70 12.65 17.59
C ALA A 795 -2.14 14.03 17.26
N LEU A 796 -2.90 14.81 16.50
CA LEU A 796 -2.44 16.16 16.17
C LEU A 796 -2.38 17.05 17.40
N ALA A 797 -3.20 16.77 18.42
CA ALA A 797 -3.06 17.48 19.68
C ALA A 797 -1.71 17.21 20.32
N ASP A 798 -1.25 15.95 20.28
CA ASP A 798 0.04 15.65 20.88
C ASP A 798 1.20 16.17 20.04
N VAL A 799 1.05 16.23 18.71
CA VAL A 799 2.08 16.88 17.90
C VAL A 799 2.15 18.36 18.25
N ASN A 800 0.99 18.99 18.42
CA ASN A 800 0.95 20.40 18.82
C ASN A 800 1.56 20.62 20.19
N ASN A 801 1.44 19.64 21.09
CA ASN A 801 2.03 19.74 22.42
C ASN A 801 3.55 19.61 22.42
N GLY A 802 4.16 19.31 21.27
CA GLY A 802 5.60 19.17 21.18
C GLY A 802 6.16 17.81 21.50
N LEU A 803 5.31 16.78 21.57
CA LEU A 803 5.78 15.43 21.90
C LEU A 803 6.40 14.71 20.72
N TYR A 804 6.17 15.20 19.49
CA TYR A 804 6.62 14.52 18.27
C TYR A 804 7.44 15.48 17.42
N PRO A 805 8.76 15.56 17.65
CA PRO A 805 9.58 16.45 16.82
C PRO A 805 9.76 15.93 15.41
N LEU A 806 10.06 16.85 14.50
CA LEU A 806 10.15 16.57 13.08
C LEU A 806 11.62 16.47 12.66
N GLY A 807 11.95 15.39 11.96
CA GLY A 807 13.30 15.21 11.46
C GLY A 807 14.23 14.58 12.49
N GLY A 808 15.52 14.70 12.21
CA GLY A 808 16.53 14.06 13.01
C GLY A 808 17.10 14.94 14.10
N LYS A 809 17.90 14.32 14.98
CA LYS A 809 18.66 15.02 16.01
C LYS A 809 17.78 15.86 16.92
N SER A 810 16.60 15.34 17.27
CA SER A 810 15.81 15.98 18.33
C SER A 810 16.50 15.87 19.67
N ALA A 811 17.42 14.92 19.83
CA ALA A 811 18.12 14.75 21.11
C ALA A 811 18.88 16.01 21.50
N ILE A 812 19.38 16.77 20.52
CA ILE A 812 20.17 17.96 20.77
C ILE A 812 19.42 19.23 20.34
N GLY A 813 18.09 19.18 20.29
CA GLY A 813 17.27 20.37 20.19
C GLY A 813 16.76 20.73 18.82
N TYR A 814 16.94 19.89 17.81
CA TYR A 814 16.41 20.18 16.48
C TYR A 814 14.95 19.74 16.38
N GLY A 815 14.22 20.39 15.47
CA GLY A 815 12.91 19.90 15.10
C GLY A 815 11.81 20.11 16.12
N GLN A 816 11.99 21.05 17.05
CA GLN A 816 10.99 21.27 18.09
C GLN A 816 9.82 22.06 17.53
N VAL A 817 8.64 21.43 17.50
CA VAL A 817 7.44 22.09 17.01
C VAL A 817 6.92 23.04 18.09
N LYS A 818 6.71 24.30 17.72
CA LYS A 818 6.12 25.27 18.62
C LYS A 818 4.60 25.30 18.50
N SER A 819 4.06 25.09 17.31
CA SER A 819 2.62 24.98 17.13
C SER A 819 2.32 24.29 15.82
N LEU A 820 1.15 23.65 15.76
CA LEU A 820 0.62 23.05 14.55
C LEU A 820 -0.78 23.59 14.33
N GLY A 821 -1.03 24.16 13.15
CA GLY A 821 -2.32 24.73 12.82
C GLY A 821 -2.97 23.98 11.68
N ILE A 822 -4.30 23.93 11.71
CA ILE A 822 -5.09 23.13 10.78
C ILE A 822 -6.26 23.97 10.29
N LYS A 823 -6.51 23.95 8.98
CA LYS A 823 -7.64 24.64 8.38
C LYS A 823 -8.27 23.77 7.30
N GLY A 824 -9.56 23.95 7.09
CA GLY A 824 -10.31 23.20 6.10
C GLY A 824 -11.06 22.00 6.63
N ASP A 825 -10.97 21.71 7.92
CA ASP A 825 -11.72 20.61 8.51
C ASP A 825 -13.12 21.01 8.96
N ASP A 826 -13.49 22.27 8.86
CA ASP A 826 -14.71 22.79 9.48
C ASP A 826 -14.71 22.54 10.98
N LYS A 827 -13.50 22.61 11.57
CA LYS A 827 -13.28 22.43 12.99
C LYS A 827 -13.68 21.06 13.52
N ARG A 828 -13.86 20.08 12.63
CA ARG A 828 -14.16 18.73 13.09
C ARG A 828 -12.94 18.02 13.67
N ILE A 829 -11.73 18.39 13.27
CA ILE A 829 -10.50 17.87 13.88
C ILE A 829 -9.94 18.83 14.91
N SER A 830 -9.85 20.12 14.57
CA SER A 830 -9.21 21.08 15.47
C SER A 830 -9.99 21.33 16.75
N ARG A 831 -11.25 20.89 16.84
CA ARG A 831 -11.98 21.02 18.09
C ARG A 831 -11.32 20.24 19.22
N LEU A 832 -10.55 19.20 18.90
CA LEU A 832 -9.81 18.44 19.90
C LEU A 832 -8.44 19.02 20.20
N MET A 833 -7.97 20.01 19.45
CA MET A 833 -6.61 20.53 19.57
C MET A 833 -6.51 21.80 20.40
N ASN A 834 -7.48 22.09 21.27
CA ASN A 834 -7.36 23.26 22.11
C ASN A 834 -6.19 23.09 23.07
N PRO A 835 -5.48 24.17 23.43
CA PRO A 835 -4.29 24.02 24.26
C PRO A 835 -4.62 23.46 25.65
N ALA A 836 -3.71 22.64 26.17
CA ALA A 836 -3.92 22.03 27.48
C ALA A 836 -3.71 23.01 28.63
N PHE A 837 -2.91 24.06 28.42
CA PHE A 837 -2.59 25.07 29.43
C PHE A 837 -2.05 24.34 30.67
N ASP A 838 -2.56 24.60 31.87
CA ASP A 838 -1.92 24.12 33.10
C ASP A 838 -2.97 24.01 34.20
N GLU A 839 -2.54 23.41 35.31
CA GLU A 839 -3.44 22.97 36.36
C GLU A 839 -3.26 23.73 37.67
N THR A 840 -2.07 24.23 37.96
CA THR A 840 -1.72 24.66 39.30
C THR A 840 -0.50 25.59 39.20
N ASP A 841 -0.30 26.42 40.23
CA ASP A 841 0.71 27.47 40.21
C ASP A 841 1.62 27.41 41.43
N VAL A 842 1.95 26.20 41.90
CA VAL A 842 2.90 26.06 43.00
C VAL A 842 4.31 26.37 42.52
N ALA A 843 5.09 27.02 43.37
CA ALA A 843 6.46 27.40 43.03
C ALA A 843 7.42 26.24 43.26
N VAL A 844 8.54 26.27 42.55
CA VAL A 844 9.54 25.21 42.68
C VAL A 844 10.22 25.33 44.05
N PRO A 845 10.59 24.23 44.72
CA PRO A 845 11.27 24.36 46.01
C PRO A 845 12.67 24.94 45.89
N GLU A 846 13.18 25.41 47.02
CA GLU A 846 14.59 25.81 47.13
C GLU A 846 15.50 24.59 47.03
N LYS A 847 16.58 24.74 46.27
CA LYS A 847 17.59 23.68 46.21
C LYS A 847 18.37 23.63 47.52
N PRO A 848 18.74 22.45 48.01
CA PRO A 848 19.39 22.37 49.33
C PRO A 848 20.78 22.97 49.33
N LYS A 849 21.20 23.45 50.51
CA LYS A 849 22.57 23.89 50.70
C LYS A 849 23.49 22.67 50.73
N THR A 850 24.66 22.82 50.13
CA THR A 850 25.61 21.72 50.08
C THR A 850 26.32 21.55 51.41
N ASP A 851 26.63 20.30 51.75
CA ASP A 851 27.42 19.96 52.92
C ASP A 851 28.88 19.70 52.58
N ALA A 852 29.28 19.93 51.33
CA ALA A 852 30.68 19.79 50.95
C ALA A 852 31.52 20.88 51.60
N GLU A 853 32.75 20.54 51.95
CA GLU A 853 33.70 21.49 52.54
C GLU A 853 35.07 21.31 51.91
N VAL A 854 35.76 22.43 51.70
CA VAL A 854 37.13 22.42 51.20
C VAL A 854 37.94 23.41 52.04
N ARG A 855 39.09 22.97 52.54
CA ARG A 855 39.99 23.82 53.31
C ARG A 855 41.08 24.38 52.41
N ILE A 856 40.79 25.53 51.80
CA ILE A 856 41.77 26.25 51.02
C ILE A 856 42.75 26.95 51.94
N GLU A 857 44.03 26.92 51.59
CA GLU A 857 45.07 27.65 52.29
C GLU A 857 45.75 28.59 51.31
N ALA A 858 45.81 29.87 51.66
CA ALA A 858 46.15 30.92 50.69
C ALA A 858 47.58 30.81 50.19
N GLU A 859 48.48 30.20 50.94
CA GLU A 859 49.88 30.13 50.56
C GLU A 859 50.21 29.00 49.60
N LYS A 860 49.27 28.08 49.34
CA LYS A 860 49.53 26.84 48.64
C LYS A 860 48.94 26.91 47.23
N VAL A 861 49.41 25.98 46.38
CA VAL A 861 49.02 25.93 44.97
C VAL A 861 48.39 24.58 44.70
N TYR A 862 47.30 24.58 43.94
CA TYR A 862 46.53 23.39 43.63
C TYR A 862 46.59 23.07 42.14
N TYR A 863 46.15 21.87 41.79
CA TYR A 863 46.21 21.38 40.42
C TYR A 863 44.89 21.69 39.70
N PRO A 864 44.89 22.03 38.40
CA PRO A 864 43.61 22.42 37.77
C PRO A 864 42.55 21.34 37.69
N HIS A 865 42.90 20.05 37.82
CA HIS A 865 41.89 19.00 37.72
C HIS A 865 42.25 17.85 38.64
N TYR A 866 41.22 17.05 38.96
CA TYR A 866 41.36 15.82 39.73
C TYR A 866 40.39 14.80 39.18
N PHE A 867 40.59 13.54 39.57
CA PHE A 867 39.81 12.41 39.09
C PHE A 867 38.89 11.88 40.17
N VAL A 868 37.64 11.63 39.81
CA VAL A 868 36.69 10.93 40.68
C VAL A 868 36.83 9.43 40.44
N GLU A 869 37.15 8.69 41.49
CA GLU A 869 37.35 7.24 41.38
C GLU A 869 36.01 6.52 41.56
N PRO A 870 35.56 5.72 40.60
CA PRO A 870 34.20 5.18 40.69
C PRO A 870 34.08 3.99 41.64
N HIS A 871 32.81 3.66 41.94
CA HIS A 871 32.49 2.45 42.68
C HIS A 871 32.59 1.24 41.77
N LYS A 872 32.85 0.07 42.38
CA LYS A 872 33.16 -1.13 41.59
C LYS A 872 31.95 -1.68 40.83
N LYS A 873 30.73 -1.34 41.27
CA LYS A 873 29.51 -1.96 40.79
C LYS A 873 28.82 -1.05 39.79
N VAL A 874 28.39 -1.61 38.66
CA VAL A 874 27.59 -0.91 37.67
C VAL A 874 26.30 -1.70 37.50
N GLU A 875 25.17 -1.02 37.67
CA GLU A 875 23.85 -1.67 37.66
C GLU A 875 23.30 -1.65 36.25
N ARG A 876 23.20 -2.82 35.63
CA ARG A 876 22.82 -2.96 34.23
C ARG A 876 21.51 -3.74 34.10
N GLU A 877 20.76 -3.44 33.04
CA GLU A 877 19.52 -4.13 32.71
C GLU A 877 19.56 -4.61 31.27
N GLU A 878 19.08 -5.83 31.05
CA GLU A 878 19.20 -6.46 29.74
C GLU A 878 18.19 -5.92 28.73
N LYS A 879 16.99 -5.55 29.17
CA LYS A 879 15.93 -5.10 28.27
C LYS A 879 15.41 -3.74 28.73
N PRO A 880 15.72 -2.64 28.02
CA PRO A 880 15.24 -1.33 28.47
C PRO A 880 13.75 -1.11 28.31
N CYS A 881 13.31 0.11 28.62
CA CYS A 881 11.94 0.54 28.38
C CYS A 881 11.70 0.71 26.90
N GLY A 882 10.63 0.10 26.39
CA GLY A 882 10.31 0.25 24.98
C GLY A 882 9.68 1.61 24.67
N HIS A 883 9.86 2.05 23.43
CA HIS A 883 9.37 3.35 22.99
C HIS A 883 7.95 3.29 22.42
N GLN A 884 7.33 2.12 22.34
CA GLN A 884 6.13 1.96 21.54
C GLN A 884 4.85 2.47 22.20
N LYS A 885 4.91 2.94 23.44
CA LYS A 885 3.72 3.55 24.04
C LYS A 885 4.14 4.40 25.24
N PHE A 886 3.22 5.25 25.68
CA PHE A 886 3.37 5.95 26.95
C PHE A 886 3.01 4.99 28.07
N HIS A 887 4.01 4.56 28.82
CA HIS A 887 3.81 3.52 29.83
C HIS A 887 3.15 4.09 31.07
N GLU A 888 2.37 3.25 31.74
CA GLU A 888 1.75 3.62 33.00
C GLU A 888 2.78 3.56 34.13
N GLY A 889 2.65 4.49 35.07
CA GLY A 889 3.60 4.58 36.16
C GLY A 889 4.89 5.27 35.81
N ARG A 890 4.98 5.90 34.65
CA ARG A 890 6.18 6.59 34.20
C ARG A 890 5.80 7.99 33.71
N LEU A 891 6.75 8.90 33.75
CA LEU A 891 6.49 10.32 33.61
C LEU A 891 6.92 10.84 32.25
N THR A 892 6.12 11.74 31.69
CA THR A 892 6.39 12.39 30.41
C THR A 892 6.06 13.86 30.57
N GLY A 893 6.95 14.73 30.10
CA GLY A 893 6.74 16.15 30.31
C GLY A 893 7.94 16.98 29.89
N LYS A 894 8.04 18.17 30.50
CA LYS A 894 9.05 19.16 30.17
C LYS A 894 9.61 19.78 31.44
N ILE A 895 10.92 20.06 31.42
CA ILE A 895 11.58 20.86 32.45
C ILE A 895 12.04 22.15 31.80
N ARG A 896 11.80 23.28 32.46
CA ARG A 896 12.28 24.57 32.01
C ARG A 896 13.28 25.11 33.02
N CYS A 897 14.40 25.62 32.53
CA CYS A 897 15.57 25.94 33.35
C CYS A 897 16.08 27.34 33.05
N LYS A 898 16.72 27.94 34.04
CA LYS A 898 17.56 29.13 33.84
C LYS A 898 19.01 28.81 34.19
N LEU A 899 19.92 29.24 33.34
CA LEU A 899 21.36 29.09 33.55
C LEU A 899 21.97 30.46 33.73
N ILE A 900 22.87 30.57 34.72
CA ILE A 900 23.51 31.84 35.09
C ILE A 900 25.01 31.64 35.12
N THR A 901 25.75 32.56 34.52
CA THR A 901 27.21 32.53 34.55
C THR A 901 27.72 33.08 35.88
N LYS A 902 28.54 32.29 36.56
CA LYS A 902 29.26 32.70 37.75
C LYS A 902 30.67 33.16 37.44
N THR A 903 31.15 32.94 36.22
CA THR A 903 32.51 33.18 35.79
C THR A 903 32.46 33.36 34.28
N PRO A 904 33.39 34.12 33.68
CA PRO A 904 33.25 34.40 32.25
C PRO A 904 33.20 33.14 31.40
N LEU A 905 32.38 33.20 30.35
CA LEU A 905 31.99 32.05 29.55
C LEU A 905 32.43 32.22 28.11
N ILE A 906 33.02 31.18 27.54
CA ILE A 906 33.41 31.14 26.14
C ILE A 906 32.67 29.97 25.49
N VAL A 907 31.89 30.26 24.48
CA VAL A 907 31.28 29.23 23.63
C VAL A 907 31.50 29.69 22.18
N PRO A 908 32.55 29.20 21.50
CA PRO A 908 32.97 29.85 20.26
C PRO A 908 32.07 29.53 19.08
N ASP A 909 31.95 30.51 18.17
CA ASP A 909 31.36 30.30 16.85
C ASP A 909 32.49 29.87 15.92
N THR A 910 32.67 28.56 15.79
CA THR A 910 33.78 28.00 15.03
C THR A 910 33.56 28.02 13.52
N SER A 911 32.48 28.65 13.03
CA SER A 911 32.30 28.77 11.58
C SER A 911 33.31 29.71 10.96
N ASN A 912 33.96 30.57 11.76
CA ASN A 912 34.92 31.55 11.24
C ASN A 912 35.97 31.76 12.32
N ASP A 913 37.20 31.33 12.05
CA ASP A 913 38.28 31.37 13.02
C ASP A 913 39.25 32.54 12.80
N ASP A 914 38.82 33.57 12.06
CA ASP A 914 39.64 34.74 11.76
C ASP A 914 38.86 36.02 12.07
N PHE A 915 38.10 36.00 13.17
CA PHE A 915 37.08 37.02 13.41
C PHE A 915 37.70 38.38 13.74
N PHE A 916 38.76 38.42 14.54
CA PHE A 916 39.29 39.67 15.04
C PHE A 916 40.43 40.26 14.21
N ARG A 917 40.73 39.70 13.04
CA ARG A 917 41.69 40.35 12.16
C ARG A 917 41.13 41.70 11.70
N PRO A 918 41.91 42.79 11.75
CA PRO A 918 41.38 44.08 11.31
C PRO A 918 40.99 44.06 9.84
N ALA A 919 39.97 44.85 9.50
CA ALA A 919 39.47 44.88 8.14
C ALA A 919 40.52 45.39 7.15
N ASP A 920 41.41 46.28 7.60
CA ASP A 920 42.38 46.87 6.68
C ASP A 920 43.41 45.85 6.21
N LYS A 921 43.60 44.76 6.94
CA LYS A 921 44.49 43.68 6.50
C LYS A 921 43.77 42.77 5.51
N GLU A 922 43.52 43.34 4.34
CA GLU A 922 42.65 42.74 3.34
C GLU A 922 43.19 41.40 2.83
N ALA A 923 42.33 40.38 2.88
CA ALA A 923 42.48 39.17 2.08
C ALA A 923 43.84 38.50 2.24
N ARG A 924 44.38 38.50 3.46
CA ARG A 924 45.60 37.75 3.72
C ARG A 924 45.27 36.27 3.90
N LYS A 925 45.40 35.52 2.80
CA LYS A 925 45.02 34.11 2.77
C LYS A 925 45.80 33.45 1.64
N GLU A 926 46.81 32.66 2.00
CA GLU A 926 47.64 31.97 1.03
C GLU A 926 47.98 30.56 1.50
N LYS A 927 47.10 29.95 2.29
CA LYS A 927 47.39 28.75 3.08
C LYS A 927 48.63 28.98 3.95
N ASP A 928 48.79 30.20 4.44
CA ASP A 928 49.58 30.42 5.64
C ASP A 928 48.79 29.91 6.85
N GLU A 929 49.47 29.87 8.00
CA GLU A 929 48.82 29.49 9.25
C GLU A 929 49.02 30.62 10.25
N TYR A 930 48.02 30.82 11.10
CA TYR A 930 47.76 32.14 11.68
C TYR A 930 47.12 31.99 13.05
N HIS A 931 47.15 33.11 13.79
CA HIS A 931 46.51 33.22 15.10
C HIS A 931 45.00 33.22 14.92
N LYS A 932 44.32 32.21 15.46
CA LYS A 932 42.89 32.06 15.25
C LYS A 932 42.09 32.88 16.26
N SER A 933 40.90 33.29 15.84
CA SER A 933 40.11 34.26 16.59
C SER A 933 38.63 33.94 16.40
N TYR A 934 37.88 33.88 17.51
CA TYR A 934 36.50 33.42 17.51
C TYR A 934 35.56 34.41 18.17
N ALA A 935 34.33 34.46 17.66
CA ALA A 935 33.22 35.15 18.29
C ALA A 935 32.44 34.19 19.19
N PHE A 936 31.55 34.76 19.99
CA PHE A 936 30.61 33.94 20.75
C PHE A 936 29.53 33.39 19.82
N PHE A 937 29.02 32.21 20.16
CA PHE A 937 28.02 31.53 19.34
C PHE A 937 26.78 32.38 19.19
N ARG A 938 26.38 32.60 17.94
CA ARG A 938 25.17 33.33 17.58
C ARG A 938 24.41 32.59 16.49
N LEU A 939 23.09 32.74 16.51
CA LEU A 939 22.22 32.18 15.48
C LEU A 939 21.16 33.23 15.14
N HIS A 940 21.14 33.66 13.88
CA HIS A 940 20.35 34.82 13.46
C HIS A 940 20.65 36.03 14.33
N LYS A 941 21.93 36.26 14.58
CA LYS A 941 22.42 37.37 15.40
C LYS A 941 21.89 37.32 16.82
N GLN A 942 21.46 36.16 17.29
CA GLN A 942 20.96 35.97 18.66
C GLN A 942 21.92 35.07 19.41
N ILE A 943 22.37 35.53 20.58
CA ILE A 943 23.38 34.80 21.35
C ILE A 943 22.73 33.58 22.00
N MET A 944 23.36 32.42 21.83
CA MET A 944 22.76 31.17 22.25
C MET A 944 23.85 30.18 22.66
N ILE A 945 23.42 29.10 23.31
CA ILE A 945 24.26 27.95 23.60
C ILE A 945 23.63 26.74 22.92
N PRO A 946 24.38 25.93 22.16
CA PRO A 946 23.77 24.72 21.58
C PRO A 946 23.31 23.74 22.64
N GLY A 947 22.28 22.96 22.30
CA GLY A 947 21.84 21.88 23.17
C GLY A 947 22.80 20.71 23.21
N SER A 948 23.65 20.55 22.20
CA SER A 948 24.64 19.48 22.24
C SER A 948 25.65 19.71 23.36
N GLU A 949 26.03 20.97 23.60
CA GLU A 949 26.90 21.28 24.72
C GLU A 949 26.24 20.92 26.05
N LEU A 950 24.99 21.33 26.24
CA LEU A 950 24.32 21.14 27.52
C LEU A 950 24.05 19.67 27.78
N ARG A 951 23.71 18.89 26.75
CA ARG A 951 23.51 17.46 26.93
C ARG A 951 24.78 16.81 27.45
N GLY A 952 25.93 17.11 26.82
CA GLY A 952 27.17 16.49 27.22
C GLY A 952 27.61 16.90 28.61
N MET A 953 27.38 18.16 28.97
CA MET A 953 27.74 18.63 30.30
C MET A 953 26.94 17.92 31.38
N VAL A 954 25.62 17.86 31.21
CA VAL A 954 24.76 17.23 32.22
C VAL A 954 24.96 15.71 32.20
N SER A 955 25.19 15.14 31.01
CA SER A 955 25.43 13.70 30.90
C SER A 955 26.61 13.28 31.76
N SER A 956 27.67 14.08 31.77
CA SER A 956 28.87 13.71 32.50
C SER A 956 28.62 13.63 34.00
N VAL A 957 27.83 14.56 34.53
CA VAL A 957 27.51 14.53 35.96
C VAL A 957 26.56 13.37 36.26
N TYR A 958 25.55 13.17 35.42
CA TYR A 958 24.62 12.07 35.63
C TYR A 958 25.32 10.73 35.55
N GLU A 959 26.27 10.59 34.62
CA GLU A 959 27.06 9.37 34.55
C GLU A 959 27.79 9.10 35.86
N THR A 960 28.28 10.17 36.51
CA THR A 960 29.05 10.01 37.74
C THR A 960 28.15 9.75 38.93
N VAL A 961 27.01 10.45 39.01
CA VAL A 961 26.12 10.30 40.16
C VAL A 961 25.55 8.88 40.21
N THR A 962 25.27 8.29 39.05
CA THR A 962 24.74 6.94 38.96
C THR A 962 25.82 5.87 38.90
N ASN A 963 27.09 6.25 38.83
CA ASN A 963 28.18 5.29 38.66
C ASN A 963 27.98 4.46 37.39
N SER A 964 27.76 5.15 36.28
CA SER A 964 27.60 4.51 34.99
C SER A 964 28.96 4.15 34.41
N CYS A 965 28.94 3.55 33.24
CA CYS A 965 30.16 3.34 32.47
C CYS A 965 30.69 4.67 31.93
N PHE A 966 31.90 4.61 31.39
CA PHE A 966 32.49 5.73 30.66
C PHE A 966 31.88 5.73 29.28
N ARG A 967 30.91 6.63 29.02
CA ARG A 967 30.18 6.55 27.76
C ARG A 967 31.11 6.77 26.57
N ILE A 968 32.05 7.70 26.68
CA ILE A 968 33.01 8.00 25.62
C ILE A 968 34.40 7.74 26.19
N PHE A 969 35.18 6.93 25.48
CA PHE A 969 36.48 6.51 25.97
C PHE A 969 37.24 5.84 24.85
N ASP A 970 38.50 6.26 24.65
CA ASP A 970 39.34 5.74 23.57
C ASP A 970 39.99 4.42 23.98
N GLU A 971 39.16 3.38 24.04
CA GLU A 971 39.58 2.11 24.63
C GLU A 971 40.55 1.32 23.76
N THR A 972 40.70 1.66 22.49
CA THR A 972 41.65 0.99 21.61
C THR A 972 42.96 1.75 21.44
N LYS A 973 43.20 2.77 22.27
CA LYS A 973 44.48 3.46 22.25
C LYS A 973 45.54 2.63 22.95
N ARG A 974 46.79 2.73 22.49
CA ARG A 974 47.91 1.96 23.02
C ARG A 974 48.96 2.94 23.54
N LEU A 975 49.29 2.81 24.83
CA LEU A 975 50.18 3.75 25.51
C LEU A 975 51.65 3.41 25.24
N SER A 976 52.52 4.38 25.54
CA SER A 976 53.96 4.16 25.47
C SER A 976 54.68 5.12 26.41
N TRP A 977 55.89 4.74 26.80
CA TRP A 977 56.73 5.53 27.69
C TRP A 977 58.18 5.48 27.21
N ARG A 978 58.94 6.50 27.60
CA ARG A 978 60.38 6.53 27.29
C ARG A 978 61.14 5.58 28.21
N MET A 979 62.16 4.93 27.66
CA MET A 979 63.02 4.08 28.47
C MET A 979 63.90 4.93 29.39
N ASP A 980 64.12 4.42 30.61
CA ASP A 980 64.98 5.11 31.56
C ASP A 980 66.44 4.85 31.25
N ALA A 981 67.24 5.92 31.24
CA ALA A 981 68.68 5.75 31.00
C ALA A 981 69.38 5.05 32.15
N ASP A 982 68.80 5.05 33.35
CA ASP A 982 69.34 4.27 34.47
C ASP A 982 68.22 3.74 35.37
N ILE A 1230 58.64 -13.50 13.95
CA ILE A 1230 58.26 -12.91 15.23
C ILE A 1230 56.75 -13.05 15.45
N PRO A 1231 56.31 -13.06 16.71
CA PRO A 1231 54.86 -12.99 16.96
C PRO A 1231 54.28 -11.69 16.43
N GLU A 1232 53.03 -11.74 15.98
CA GLU A 1232 52.37 -10.52 15.53
C GLU A 1232 52.25 -9.49 16.65
N LYS A 1233 52.34 -9.92 17.91
CA LYS A 1233 52.48 -8.98 19.02
C LYS A 1233 53.68 -8.06 18.82
N ALA A 1234 54.84 -8.63 18.51
CA ALA A 1234 56.03 -7.81 18.35
C ALA A 1234 55.93 -6.89 17.16
N ARG A 1235 55.16 -7.28 16.13
CA ARG A 1235 55.02 -6.43 14.95
C ARG A 1235 54.10 -5.25 15.20
N ILE A 1236 52.94 -5.48 15.82
CA ILE A 1236 52.03 -4.36 16.07
C ILE A 1236 52.66 -3.38 17.06
N LYS A 1237 53.39 -3.88 18.06
CA LYS A 1237 54.10 -2.99 18.97
C LYS A 1237 55.14 -2.16 18.23
N TYR A 1238 55.91 -2.79 17.34
CA TYR A 1238 56.92 -2.06 16.59
C TYR A 1238 56.31 -1.02 15.66
N LYS A 1239 55.23 -1.36 14.97
CA LYS A 1239 54.63 -0.39 14.07
C LYS A 1239 53.95 0.72 14.86
N GLU A 1240 53.54 0.47 16.10
CA GLU A 1240 53.13 1.55 16.97
C GLU A 1240 54.32 2.45 17.30
N LEU A 1241 55.47 1.84 17.59
CA LEU A 1241 56.68 2.63 17.86
C LEU A 1241 57.07 3.46 16.64
N LEU A 1242 56.91 2.91 15.44
CA LEU A 1242 57.32 3.62 14.23
C LEU A 1242 56.46 4.87 14.01
N ARG A 1243 55.14 4.76 14.21
CA ARG A 1243 54.28 5.91 14.01
C ARG A 1243 54.54 7.00 15.05
N VAL A 1244 54.75 6.62 16.31
CA VAL A 1244 54.93 7.64 17.34
C VAL A 1244 56.26 8.37 17.15
N TYR A 1245 57.28 7.69 16.63
CA TYR A 1245 58.50 8.39 16.24
C TYR A 1245 58.24 9.38 15.11
N ASN A 1246 57.42 8.99 14.13
CA ASN A 1246 57.26 9.83 12.94
C ASN A 1246 56.41 11.06 13.22
N ASN A 1247 55.37 10.91 14.03
CA ASN A 1247 54.35 11.93 14.21
C ASN A 1247 54.54 12.74 15.49
N ASN A 1248 55.79 13.10 15.81
CA ASN A 1248 56.12 13.80 17.06
C ASN A 1248 56.03 15.30 16.85
N PRO A 1249 55.16 16.02 17.57
CA PRO A 1249 55.12 17.49 17.41
C PRO A 1249 56.23 18.27 18.09
N GLN A 1250 57.12 17.60 18.82
CA GLN A 1250 58.22 18.26 19.54
C GLN A 1250 59.60 17.92 18.98
N ALA A 1251 59.68 17.12 17.93
CA ALA A 1251 60.97 16.84 17.32
C ALA A 1251 61.46 18.05 16.52
N VAL A 1252 62.76 18.26 16.52
CA VAL A 1252 63.36 19.29 15.69
C VAL A 1252 63.36 18.81 14.23
N ASP A 1286 59.34 -7.36 22.39
CA ASP A 1286 60.02 -6.07 22.44
C ASP A 1286 60.97 -6.05 21.25
N ILE A 1287 60.82 -5.04 20.39
CA ILE A 1287 61.78 -4.75 19.33
C ILE A 1287 61.99 -3.24 19.35
N VAL A 1288 63.24 -2.81 19.32
CA VAL A 1288 63.61 -1.41 19.47
C VAL A 1288 64.73 -1.07 18.49
N PRO A 1289 64.66 0.05 17.75
CA PRO A 1289 65.71 0.37 16.78
C PRO A 1289 66.89 1.16 17.34
N VAL A 1290 66.83 1.60 18.59
CA VAL A 1290 67.82 2.55 19.10
C VAL A 1290 67.99 2.29 20.60
N ARG A 1291 69.19 2.58 21.10
CA ARG A 1291 69.61 1.98 22.37
C ARG A 1291 68.79 2.49 23.55
N ILE A 1292 68.34 3.73 23.53
CA ILE A 1292 67.37 4.24 24.51
C ILE A 1292 66.18 4.78 23.72
N SER A 1293 65.00 4.24 24.00
CA SER A 1293 63.90 4.37 23.05
C SER A 1293 62.57 4.28 23.78
N ARG A 1294 61.52 4.06 22.99
CA ARG A 1294 60.16 3.90 23.48
C ARG A 1294 59.92 2.51 24.07
N THR A 1295 59.09 2.46 25.10
CA THR A 1295 58.45 1.22 25.54
C THR A 1295 56.97 1.32 25.19
N VAL A 1296 56.47 0.35 24.43
CA VAL A 1296 55.08 0.32 24.01
C VAL A 1296 54.33 -0.73 24.82
N ASP A 1297 53.13 -0.40 25.24
CA ASP A 1297 52.35 -1.29 26.10
C ASP A 1297 51.95 -2.55 25.33
N ASP A 1298 51.95 -3.68 26.05
CA ASP A 1298 51.44 -4.92 25.47
C ASP A 1298 49.94 -4.84 25.19
N ARG A 1299 49.22 -4.01 25.93
CA ARG A 1299 47.76 -4.02 25.99
C ARG A 1299 47.19 -2.68 25.54
N MET A 1300 45.95 -2.75 25.05
CA MET A 1300 45.17 -1.55 24.80
C MET A 1300 44.84 -0.87 26.13
N ILE A 1301 44.56 0.44 26.06
CA ILE A 1301 44.21 1.15 27.29
C ILE A 1301 42.89 0.65 27.86
N GLY A 1302 42.05 0.01 27.03
CA GLY A 1302 40.82 -0.56 27.55
C GLY A 1302 41.06 -1.63 28.59
N LYS A 1303 42.14 -2.39 28.45
CA LYS A 1303 42.47 -3.44 29.42
C LYS A 1303 42.95 -2.87 30.75
N ARG A 1304 43.27 -1.58 30.84
CA ARG A 1304 43.69 -0.96 32.08
C ARG A 1304 42.50 -0.42 32.89
N MET A 1305 41.28 -0.72 32.45
CA MET A 1305 40.07 -0.29 33.12
C MET A 1305 39.24 -1.52 33.47
N SER A 1306 38.51 -1.45 34.58
CA SER A 1306 37.63 -2.55 34.95
C SER A 1306 36.61 -2.80 33.85
N ALA A 1307 36.37 -4.08 33.54
CA ALA A 1307 35.55 -4.42 32.39
C ALA A 1307 34.12 -3.92 32.50
N ASP A 1308 33.63 -3.67 33.72
CA ASP A 1308 32.28 -3.17 33.89
C ASP A 1308 32.18 -1.65 33.69
N LEU A 1309 33.30 -0.94 33.68
CA LEU A 1309 33.31 0.50 33.47
C LEU A 1309 33.52 0.88 32.01
N ARG A 1310 33.88 -0.07 31.15
CA ARG A 1310 33.98 0.21 29.73
C ARG A 1310 32.60 0.44 29.13
N PRO A 1311 32.51 1.10 27.97
CA PRO A 1311 31.20 1.36 27.37
C PRO A 1311 30.39 0.09 27.18
N CYS A 1312 29.09 0.20 27.39
CA CYS A 1312 28.22 -0.96 27.19
C CYS A 1312 28.25 -1.44 25.75
N HIS A 1313 28.25 -0.50 24.80
CA HIS A 1313 28.36 -0.80 23.36
C HIS A 1313 29.69 -0.19 22.91
N GLY A 1314 30.75 -0.99 22.93
CA GLY A 1314 32.09 -0.50 22.75
C GLY A 1314 32.78 -1.04 21.51
N ASP A 1315 34.09 -0.82 21.47
CA ASP A 1315 34.95 -1.30 20.40
C ASP A 1315 35.57 -2.64 20.81
N TRP A 1316 35.97 -3.41 19.80
CA TRP A 1316 36.65 -4.68 20.04
C TRP A 1316 38.07 -4.41 20.54
N VAL A 1317 38.42 -5.01 21.69
CA VAL A 1317 39.67 -4.74 22.35
C VAL A 1317 40.46 -6.00 22.68
N GLU A 1318 39.95 -7.18 22.31
CA GLU A 1318 40.66 -8.43 22.56
C GLU A 1318 41.65 -8.72 21.43
N ASP A 1319 42.22 -9.92 21.47
CA ASP A 1319 43.10 -10.40 20.42
C ASP A 1319 42.31 -10.91 19.22
N GLY A 1320 42.93 -10.84 18.06
CA GLY A 1320 42.29 -11.32 16.85
C GLY A 1320 41.37 -10.28 16.25
N ASP A 1321 41.32 -10.28 14.92
CA ASP A 1321 40.54 -9.28 14.18
C ASP A 1321 39.09 -9.74 14.08
N LEU A 1322 38.20 -8.93 14.64
CA LEU A 1322 36.77 -9.21 14.58
C LEU A 1322 36.21 -9.02 13.18
N SER A 1323 36.98 -8.42 12.27
CA SER A 1323 36.53 -8.21 10.90
C SER A 1323 36.30 -9.52 10.14
N ALA A 1324 36.80 -10.65 10.67
CA ALA A 1324 36.50 -11.93 10.05
C ALA A 1324 35.00 -12.19 9.96
N LEU A 1325 34.21 -11.63 10.87
CA LEU A 1325 32.78 -11.90 10.99
C LEU A 1325 31.90 -10.79 10.45
N ASN A 1326 32.45 -9.80 9.75
CA ASN A 1326 31.65 -8.59 9.49
C ASN A 1326 30.49 -8.84 8.51
N ALA A 1327 30.39 -10.02 7.92
CA ALA A 1327 29.25 -10.35 7.06
C ALA A 1327 28.05 -10.91 7.81
N TYR A 1328 28.22 -11.29 9.08
CA TYR A 1328 27.26 -12.06 9.84
C TYR A 1328 26.68 -11.25 11.02
N PRO A 1329 25.39 -11.38 11.30
CA PRO A 1329 24.75 -10.43 12.23
C PRO A 1329 25.14 -10.61 13.70
N GLU A 1330 25.57 -11.79 14.12
CA GLU A 1330 25.87 -11.97 15.54
C GLU A 1330 27.19 -11.32 15.95
N LYS A 1331 27.92 -10.73 15.00
CA LYS A 1331 29.09 -9.92 15.34
C LYS A 1331 28.74 -8.86 16.37
N ARG A 1332 27.54 -8.28 16.26
CA ARG A 1332 27.15 -7.20 17.17
C ARG A 1332 27.07 -7.68 18.62
N LEU A 1333 26.93 -8.99 18.85
CA LEU A 1333 26.89 -9.50 20.21
C LEU A 1333 28.26 -9.58 20.86
N LEU A 1334 29.35 -9.63 20.09
CA LEU A 1334 30.67 -9.56 20.69
C LEU A 1334 30.96 -8.18 21.23
N LEU A 1335 30.28 -7.15 20.72
CA LEU A 1335 30.57 -5.76 21.07
C LEU A 1335 29.68 -5.22 22.18
N ARG A 1336 28.79 -6.04 22.74
CA ARG A 1336 27.83 -5.61 23.75
C ARG A 1336 28.09 -6.35 25.06
N HIS A 1337 27.86 -5.66 26.17
CA HIS A 1337 28.20 -6.21 27.47
C HIS A 1337 27.22 -7.34 27.82
N PRO A 1338 27.66 -8.41 28.53
CA PRO A 1338 26.76 -9.55 28.76
C PRO A 1338 25.49 -9.24 29.53
N LYS A 1339 25.46 -8.10 30.25
CA LYS A 1339 24.43 -7.80 31.21
C LYS A 1339 23.57 -6.59 30.85
N GLY A 1340 23.82 -5.96 29.70
CA GLY A 1340 22.96 -4.90 29.20
C GLY A 1340 23.46 -3.48 29.42
N LEU A 1341 22.53 -2.56 29.64
CA LEU A 1341 22.81 -1.12 29.65
C LEU A 1341 22.79 -0.55 31.06
N CYS A 1342 23.76 0.32 31.34
CA CYS A 1342 23.84 1.00 32.62
C CYS A 1342 22.86 2.17 32.65
N PRO A 1343 22.69 2.84 33.79
CA PRO A 1343 21.64 3.87 33.88
C PRO A 1343 21.77 4.99 32.85
N ALA A 1344 22.98 5.48 32.60
CA ALA A 1344 23.13 6.61 31.68
C ALA A 1344 22.80 6.21 30.26
N CYS A 1345 23.19 5.00 29.85
CA CYS A 1345 22.86 4.53 28.51
C CYS A 1345 21.37 4.24 28.36
N ARG A 1346 20.71 3.86 29.45
CA ARG A 1346 19.24 3.72 29.41
C ARG A 1346 18.54 5.06 29.28
N LEU A 1347 19.09 6.13 29.85
CA LEU A 1347 18.46 7.44 29.77
C LEU A 1347 18.88 8.21 28.52
N PHE A 1348 20.19 8.36 28.31
CA PHE A 1348 20.69 9.13 27.17
C PHE A 1348 20.81 8.32 25.90
N GLY A 1349 20.79 6.99 25.98
CA GLY A 1349 20.67 6.16 24.80
C GLY A 1349 21.99 5.70 24.22
N THR A 1350 21.86 4.84 23.22
CA THR A 1350 23.00 4.32 22.46
C THR A 1350 22.64 4.34 20.98
N GLY A 1351 23.61 3.95 20.15
CA GLY A 1351 23.36 3.83 18.73
C GLY A 1351 22.40 2.73 18.34
N SER A 1352 22.05 1.84 19.28
CA SER A 1352 21.07 0.79 19.06
C SER A 1352 19.79 1.03 19.83
N TYR A 1353 19.66 2.14 20.54
CA TYR A 1353 18.50 2.39 21.39
C TYR A 1353 18.34 3.89 21.56
N LYS A 1354 17.20 4.43 21.15
CA LYS A 1354 16.95 5.86 21.25
C LYS A 1354 16.82 6.29 22.71
N GLY A 1355 17.32 7.47 23.00
CA GLY A 1355 17.27 8.01 24.34
C GLY A 1355 15.92 8.60 24.69
N ARG A 1356 15.76 8.95 25.97
CA ARG A 1356 14.49 9.41 26.53
C ARG A 1356 14.52 10.86 26.99
N VAL A 1357 15.57 11.62 26.71
CA VAL A 1357 15.64 13.04 27.06
C VAL A 1357 16.08 13.84 25.84
N ARG A 1358 15.56 15.06 25.72
CA ARG A 1358 15.88 15.99 24.64
C ARG A 1358 16.28 17.33 25.23
N PHE A 1359 17.38 17.90 24.74
CA PHE A 1359 17.92 19.15 25.24
C PHE A 1359 17.76 20.22 24.17
N GLY A 1360 17.16 21.35 24.54
CA GLY A 1360 17.00 22.47 23.62
C GLY A 1360 18.16 23.45 23.66
N PHE A 1361 18.16 24.35 22.68
CA PHE A 1361 19.08 25.48 22.69
C PHE A 1361 18.73 26.44 23.82
N ALA A 1362 19.74 27.11 24.35
CA ALA A 1362 19.58 28.12 25.39
C ALA A 1362 19.70 29.51 24.78
N SER A 1363 18.79 30.40 25.17
CA SER A 1363 18.75 31.76 24.68
C SER A 1363 19.09 32.75 25.80
N LEU A 1364 19.93 33.71 25.49
CA LEU A 1364 20.25 34.77 26.44
C LEU A 1364 19.02 35.63 26.70
N GLU A 1365 18.77 35.92 27.98
CA GLU A 1365 17.61 36.70 28.38
C GLU A 1365 17.87 38.20 28.35
N ASN A 1366 18.92 38.64 29.04
CA ASN A 1366 19.25 40.05 29.13
C ASN A 1366 19.99 40.51 27.87
N ASP A 1367 20.22 41.81 27.78
CA ASP A 1367 21.20 42.31 26.83
C ASP A 1367 22.60 41.91 27.30
N PRO A 1368 23.53 41.60 26.38
CA PRO A 1368 24.79 40.98 26.81
C PRO A 1368 25.61 41.88 27.72
N GLU A 1369 26.32 41.26 28.65
CA GLU A 1369 27.37 41.89 29.44
C GLU A 1369 28.69 41.21 29.07
N TRP A 1370 29.59 41.96 28.46
CA TRP A 1370 30.81 41.41 27.92
C TRP A 1370 31.98 41.55 28.89
N LEU A 1371 32.98 40.70 28.71
CA LEU A 1371 34.16 40.75 29.58
C LEU A 1371 35.01 41.98 29.26
N ILE A 1372 35.20 42.27 27.97
CA ILE A 1372 36.01 43.40 27.52
C ILE A 1372 35.08 44.40 26.83
N PRO A 1373 35.22 45.71 27.04
CA PRO A 1373 34.13 46.64 26.67
C PRO A 1373 33.76 46.66 25.19
N GLY A 1374 34.66 46.25 24.29
CA GLY A 1374 34.32 46.20 22.88
C GLY A 1374 34.88 47.34 22.05
N LYS A 1375 35.15 47.07 20.77
CA LYS A 1375 35.93 48.00 19.95
C LYS A 1375 35.12 49.22 19.51
N ASN A 1376 33.80 49.09 19.39
CA ASN A 1376 32.95 50.22 19.01
C ASN A 1376 32.06 50.59 20.19
N PRO A 1377 32.28 51.73 20.85
CA PRO A 1377 31.41 52.08 22.00
C PRO A 1377 29.93 52.17 21.66
N GLY A 1378 29.58 52.39 20.41
CA GLY A 1378 28.18 52.58 20.07
C GLY A 1378 27.37 51.31 19.90
N ASP A 1379 27.98 50.14 20.01
CA ASP A 1379 27.33 48.87 19.73
C ASP A 1379 27.41 47.97 20.97
N PRO A 1380 26.30 47.70 21.67
CA PRO A 1380 26.39 46.85 22.87
C PRO A 1380 26.34 45.36 22.60
N PHE A 1381 26.11 44.94 21.35
CA PHE A 1381 25.88 43.53 21.03
C PHE A 1381 27.15 42.81 20.58
N HIS A 1382 28.32 43.43 20.65
CA HIS A 1382 29.58 42.76 20.40
C HIS A 1382 30.59 43.14 21.48
N GLY A 1383 31.38 42.15 21.91
CA GLY A 1383 32.37 42.34 22.95
C GLY A 1383 33.79 42.38 22.40
N GLY A 1384 34.72 42.66 23.30
CA GLY A 1384 36.12 42.77 22.95
C GLY A 1384 36.89 41.47 23.11
N PRO A 1385 38.09 41.40 22.53
CA PRO A 1385 38.85 40.14 22.59
C PRO A 1385 39.66 39.98 23.87
N VAL A 1386 39.75 38.74 24.34
CA VAL A 1386 40.76 38.32 25.30
C VAL A 1386 41.63 37.28 24.61
N MET A 1387 42.93 37.29 24.91
CA MET A 1387 43.88 36.35 24.32
C MET A 1387 44.26 35.31 25.36
N LEU A 1388 44.18 34.04 24.98
CA LEU A 1388 44.36 32.94 25.91
C LEU A 1388 45.76 32.35 25.80
N SER A 1389 46.14 31.59 26.83
CA SER A 1389 47.38 30.82 26.79
C SER A 1389 47.18 29.56 25.95
N LEU A 1390 48.24 28.77 25.84
CA LEU A 1390 48.22 27.53 25.07
C LEU A 1390 47.25 26.50 25.64
N LEU A 1391 46.21 26.17 24.87
CA LEU A 1391 45.38 25.00 25.17
C LEU A 1391 46.03 23.77 24.55
N GLU A 1392 46.30 22.76 25.37
CA GLU A 1392 47.22 21.69 25.00
C GLU A 1392 46.60 20.32 25.33
N ARG A 1393 47.14 19.31 24.65
CA ARG A 1393 46.59 17.96 24.72
C ARG A 1393 46.67 17.42 26.15
N PRO A 1394 45.65 16.69 26.62
CA PRO A 1394 45.82 15.90 27.85
C PRO A 1394 46.85 14.78 27.66
N ARG A 1395 47.44 14.36 28.78
CA ARG A 1395 48.50 13.37 28.78
C ARG A 1395 48.15 12.20 29.69
N PRO A 1396 47.60 11.10 29.18
CA PRO A 1396 47.38 9.94 30.05
C PRO A 1396 48.65 9.29 30.56
N THR A 1397 49.80 9.55 29.94
CA THR A 1397 51.05 9.00 30.45
C THR A 1397 51.44 9.60 31.79
N TRP A 1398 50.91 10.76 32.14
CA TRP A 1398 51.17 11.36 33.45
C TRP A 1398 50.45 10.62 34.56
N SER A 1399 49.16 10.34 34.38
CA SER A 1399 48.36 9.69 35.42
C SER A 1399 48.39 8.17 35.38
N ILE A 1400 48.83 7.59 34.27
CA ILE A 1400 49.16 6.16 34.21
C ILE A 1400 50.68 6.12 34.06
N PRO A 1401 51.44 6.16 35.17
CA PRO A 1401 52.87 6.50 35.06
C PRO A 1401 53.73 5.47 34.34
N GLY A 1402 53.31 4.21 34.21
CA GLY A 1402 54.25 3.22 33.70
C GLY A 1402 53.57 1.98 33.18
N SER A 1403 54.41 1.11 32.60
CA SER A 1403 53.95 -0.12 31.98
C SER A 1403 53.39 -1.13 32.97
N ASP A 1404 53.67 -0.96 34.27
CA ASP A 1404 53.27 -1.94 35.25
C ASP A 1404 51.76 -2.13 35.24
N ASN A 1405 51.33 -3.37 35.50
CA ASN A 1405 49.91 -3.69 35.44
C ASN A 1405 49.13 -3.00 36.55
N LYS A 1406 49.78 -2.65 37.66
CA LYS A 1406 49.06 -2.05 38.77
C LYS A 1406 48.56 -0.65 38.44
N PHE A 1407 49.12 0.01 37.43
CA PHE A 1407 48.68 1.35 37.03
C PHE A 1407 47.45 1.23 36.15
N LYS A 1408 46.29 1.23 36.80
CA LYS A 1408 45.00 1.22 36.13
C LYS A 1408 44.48 2.64 35.95
N VAL A 1409 43.44 2.78 35.13
CA VAL A 1409 42.87 4.11 34.87
C VAL A 1409 42.35 4.71 36.16
N PRO A 1410 42.66 5.98 36.50
CA PRO A 1410 42.27 6.52 37.80
C PRO A 1410 40.80 6.89 37.96
N GLY A 1411 40.17 7.51 36.96
CA GLY A 1411 38.78 7.90 37.13
C GLY A 1411 38.38 8.99 36.14
N ARG A 1412 37.31 9.70 36.49
CA ARG A 1412 36.70 10.71 35.63
C ARG A 1412 37.23 12.10 35.97
N LYS A 1413 37.71 12.80 34.95
CA LYS A 1413 38.33 14.11 35.15
C LYS A 1413 37.27 15.18 35.36
N PHE A 1414 37.48 16.05 36.35
CA PHE A 1414 36.71 17.27 36.54
C PHE A 1414 37.66 18.42 36.84
N TYR A 1415 37.33 19.60 36.32
CA TYR A 1415 38.13 20.81 36.52
C TYR A 1415 37.54 21.63 37.66
N VAL A 1416 38.41 22.17 38.50
CA VAL A 1416 37.96 22.88 39.70
C VAL A 1416 37.62 24.33 39.36
N HIS A 1417 36.99 25.00 40.32
CA HIS A 1417 36.52 26.37 40.17
C HIS A 1417 37.52 27.33 40.79
N HIS A 1418 37.90 28.36 40.04
CA HIS A 1418 38.90 29.31 40.48
C HIS A 1418 38.90 30.51 39.54
N HIS A 1419 39.65 31.54 39.93
CA HIS A 1419 39.56 32.87 39.34
C HIS A 1419 40.84 33.29 38.61
N ALA A 1420 41.54 32.34 37.98
CA ALA A 1420 42.72 32.72 37.21
C ALA A 1420 42.38 33.55 35.98
N TRP A 1421 41.11 33.57 35.58
CA TRP A 1421 40.68 34.39 34.45
C TRP A 1421 40.99 35.87 34.66
N LYS A 1422 41.10 36.31 35.91
CA LYS A 1422 41.46 37.69 36.18
C LYS A 1422 42.88 37.99 35.69
N THR A 1423 43.81 37.06 35.92
CA THR A 1423 45.18 37.24 35.44
C THR A 1423 45.21 37.33 33.92
N ILE A 1424 44.30 36.62 33.26
CA ILE A 1424 44.33 36.55 31.80
C ILE A 1424 43.76 37.81 31.16
N LYS A 1425 42.69 38.37 31.74
CA LYS A 1425 42.18 39.61 31.21
C LYS A 1425 43.15 40.77 31.44
N ASP A 1426 44.03 40.66 32.44
CA ASP A 1426 45.15 41.59 32.58
C ASP A 1426 46.25 41.31 31.56
N GLY A 1427 46.18 40.21 30.82
CA GLY A 1427 47.14 39.90 29.79
C GLY A 1427 48.33 39.07 30.21
N ASN A 1428 48.26 38.40 31.36
CA ASN A 1428 49.39 37.69 31.94
C ASN A 1428 49.12 36.20 32.04
N HIS A 1429 50.19 35.42 31.90
CA HIS A 1429 50.09 33.97 31.94
C HIS A 1429 49.84 33.51 33.38
N PRO A 1430 48.96 32.52 33.59
CA PRO A 1430 48.59 32.19 34.98
C PRO A 1430 49.75 31.70 35.84
N THR A 1431 50.55 30.75 35.37
CA THR A 1431 51.60 30.18 36.20
C THR A 1431 52.72 31.18 36.45
N THR A 1432 53.31 31.70 35.37
CA THR A 1432 54.40 32.67 35.44
C THR A 1432 53.87 33.98 34.88
N GLY A 1433 53.86 35.02 35.71
CA GLY A 1433 53.02 36.18 35.44
C GLY A 1433 53.44 37.10 34.30
N LYS A 1434 54.24 36.59 33.36
CA LYS A 1434 54.69 37.34 32.21
C LYS A 1434 53.58 37.45 31.16
N ALA A 1435 53.76 38.40 30.24
CA ALA A 1435 52.71 38.74 29.30
C ALA A 1435 52.45 37.59 28.32
N ILE A 1436 51.19 37.44 27.93
CA ILE A 1436 50.81 36.50 26.88
C ILE A 1436 51.10 37.16 25.53
N GLU A 1437 51.57 36.36 24.57
CA GLU A 1437 52.08 36.88 23.31
C GLU A 1437 51.39 36.18 22.14
N GLN A 1438 51.09 36.96 21.10
CA GLN A 1438 50.36 36.44 19.96
C GLN A 1438 51.21 35.44 19.18
N SER A 1439 50.65 34.30 18.86
CA SER A 1439 51.34 33.27 18.09
C SER A 1439 50.28 32.39 17.45
N PRO A 1440 50.64 31.61 16.41
CA PRO A 1440 49.64 30.71 15.80
C PRO A 1440 49.15 29.60 16.70
N ASN A 1441 49.75 29.40 17.88
CA ASN A 1441 49.29 28.39 18.81
C ASN A 1441 48.32 28.92 19.87
N ASN A 1442 48.29 30.24 20.08
CA ASN A 1442 47.31 30.86 20.96
C ASN A 1442 45.99 31.13 20.24
N ARG A 1443 44.97 31.46 21.03
CA ARG A 1443 43.66 31.82 20.52
C ARG A 1443 43.21 33.12 21.16
N THR A 1444 42.39 33.87 20.43
CA THR A 1444 41.67 35.03 20.95
C THR A 1444 40.18 34.75 20.84
N VAL A 1445 39.41 35.21 21.83
CA VAL A 1445 37.99 34.87 21.91
C VAL A 1445 37.19 36.03 22.48
N GLU A 1446 35.90 36.00 22.19
CA GLU A 1446 34.91 36.94 22.73
C GLU A 1446 34.13 36.22 23.83
N ALA A 1447 34.21 36.77 25.05
CA ALA A 1447 33.70 36.09 26.24
C ALA A 1447 32.64 36.94 26.94
N LEU A 1448 31.58 36.28 27.40
CA LEU A 1448 30.59 36.90 28.26
C LEU A 1448 31.10 36.97 29.69
N ALA A 1449 30.63 37.97 30.42
CA ALA A 1449 31.02 38.15 31.81
C ALA A 1449 30.08 37.34 32.72
N GLY A 1450 30.44 37.30 34.00
CA GLY A 1450 29.54 36.74 34.99
C GLY A 1450 28.30 37.59 35.16
N GLY A 1451 27.18 36.93 35.47
CA GLY A 1451 25.91 37.59 35.63
C GLY A 1451 24.97 37.50 34.45
N ASN A 1452 25.40 36.90 33.35
CA ASN A 1452 24.51 36.70 32.21
C ASN A 1452 23.60 35.50 32.45
N SER A 1453 22.38 35.58 31.94
CA SER A 1453 21.34 34.61 32.26
C SER A 1453 20.76 34.02 30.97
N PHE A 1454 20.63 32.70 30.95
CA PHE A 1454 20.09 31.95 29.81
C PHE A 1454 18.87 31.17 30.27
N SER A 1455 18.01 30.82 29.32
CA SER A 1455 16.87 29.94 29.57
C SER A 1455 16.84 28.83 28.53
N PHE A 1456 16.47 27.62 28.96
CA PHE A 1456 16.38 26.47 28.07
C PHE A 1456 15.45 25.44 28.68
N GLU A 1457 15.06 24.47 27.85
CA GLU A 1457 14.01 23.51 28.20
C GLU A 1457 14.47 22.10 27.86
N ILE A 1458 14.17 21.16 28.76
CA ILE A 1458 14.44 19.74 28.56
C ILE A 1458 13.10 19.00 28.49
N ALA A 1459 12.94 18.17 27.47
CA ALA A 1459 11.81 17.26 27.34
C ALA A 1459 12.23 15.85 27.74
N PHE A 1460 11.29 15.12 28.34
CA PHE A 1460 11.56 13.77 28.82
C PHE A 1460 10.32 12.91 28.66
N GLU A 1461 10.54 11.61 28.49
CA GLU A 1461 9.49 10.67 28.11
C GLU A 1461 9.75 9.31 28.74
N ASN A 1462 8.72 8.75 29.37
CA ASN A 1462 8.78 7.41 29.98
C ASN A 1462 9.94 7.27 30.96
N LEU A 1463 10.09 8.25 31.85
CA LEU A 1463 11.04 8.15 32.95
C LEU A 1463 10.39 7.57 34.20
N LYS A 1464 11.17 6.83 34.96
CA LYS A 1464 10.80 6.48 36.31
C LYS A 1464 11.02 7.67 37.25
N GLU A 1465 10.37 7.61 38.40
CA GLU A 1465 10.45 8.73 39.34
C GLU A 1465 11.88 8.91 39.85
N TRP A 1466 12.58 7.81 40.12
CA TRP A 1466 13.97 7.92 40.56
C TRP A 1466 14.87 8.43 39.45
N GLU A 1467 14.54 8.17 38.18
CA GLU A 1467 15.33 8.73 37.09
C GLU A 1467 15.16 10.24 37.01
N LEU A 1468 13.92 10.72 37.13
CA LEU A 1468 13.68 12.17 37.10
C LEU A 1468 14.28 12.84 38.32
N GLY A 1469 14.28 12.15 39.46
CA GLY A 1469 14.89 12.71 40.66
C GLY A 1469 16.37 12.97 40.51
N LEU A 1470 17.10 11.98 40.00
CA LEU A 1470 18.54 12.13 39.82
C LEU A 1470 18.88 12.99 38.61
N LEU A 1471 17.96 13.16 37.66
CA LEU A 1471 18.19 14.11 36.58
C LEU A 1471 18.08 15.53 37.08
N ILE A 1472 17.04 15.83 37.87
CA ILE A 1472 16.91 17.16 38.45
C ILE A 1472 18.08 17.44 39.39
N HIS A 1473 18.51 16.42 40.13
CA HIS A 1473 19.68 16.57 40.99
C HIS A 1473 20.92 16.92 40.17
N SER A 1474 21.08 16.29 39.00
CA SER A 1474 22.27 16.55 38.19
C SER A 1474 22.21 17.94 37.55
N LEU A 1475 21.02 18.42 37.22
CA LEU A 1475 20.87 19.79 36.73
C LEU A 1475 21.07 20.79 37.86
N GLN A 1476 20.32 20.60 38.95
CA GLN A 1476 20.19 21.59 40.01
C GLN A 1476 21.43 21.63 40.91
N LEU A 1477 22.00 20.47 41.23
CA LEU A 1477 23.07 20.35 42.23
C LEU A 1477 22.59 20.97 43.54
N GLU A 1478 23.40 21.79 44.21
CA GLU A 1478 23.10 22.30 45.54
C GLU A 1478 23.66 23.71 45.62
N LYS A 1479 23.16 24.51 46.55
CA LYS A 1479 23.73 25.84 46.73
C LYS A 1479 25.16 25.70 47.25
N GLY A 1480 26.09 26.34 46.57
CA GLY A 1480 27.51 26.16 46.80
C GLY A 1480 28.23 25.31 45.77
N LEU A 1481 27.52 24.76 44.79
CA LEU A 1481 28.10 23.95 43.73
C LEU A 1481 27.78 24.57 42.38
N ALA A 1482 28.58 24.23 41.38
CA ALA A 1482 28.41 24.79 40.04
C ALA A 1482 28.91 23.80 38.99
N HIS A 1483 28.53 24.05 37.74
CA HIS A 1483 28.96 23.29 36.59
C HIS A 1483 30.13 23.97 35.90
N LYS A 1484 30.70 23.27 34.92
CA LYS A 1484 31.69 23.83 34.00
C LYS A 1484 31.18 23.66 32.58
N LEU A 1485 31.19 24.75 31.81
CA LEU A 1485 30.68 24.76 30.45
C LEU A 1485 31.64 25.52 29.55
N GLY A 1486 31.86 25.01 28.35
CA GLY A 1486 32.59 25.75 27.34
C GLY A 1486 34.10 25.58 27.38
N MET A 1487 34.77 26.50 26.69
CA MET A 1487 36.19 26.42 26.44
C MET A 1487 36.99 26.89 27.65
N ALA A 1488 38.22 26.37 27.75
CA ALA A 1488 39.24 26.91 28.65
C ALA A 1488 38.87 26.74 30.12
N LYS A 1489 38.44 25.53 30.48
CA LYS A 1489 37.99 25.26 31.83
C LYS A 1489 39.13 25.42 32.84
N SER A 1490 40.32 24.94 32.51
CA SER A 1490 41.42 24.91 33.47
C SER A 1490 41.95 26.31 33.78
N MET A 1491 41.65 27.30 32.94
CA MET A 1491 42.10 28.66 33.13
C MET A 1491 41.12 29.49 33.95
N GLY A 1492 40.04 28.88 34.46
CA GLY A 1492 39.07 29.55 35.31
C GLY A 1492 37.73 29.78 34.66
N PHE A 1493 37.69 29.86 33.33
CA PHE A 1493 36.46 30.15 32.62
C PHE A 1493 35.46 29.01 32.78
N GLY A 1494 34.18 29.34 32.61
CA GLY A 1494 33.15 28.35 32.32
C GLY A 1494 32.22 27.96 33.46
N SER A 1495 32.31 28.61 34.62
CA SER A 1495 31.45 28.22 35.74
C SER A 1495 30.03 28.73 35.53
N VAL A 1496 29.06 27.82 35.64
CA VAL A 1496 27.65 28.14 35.47
C VAL A 1496 26.83 27.43 36.53
N GLU A 1497 25.66 27.97 36.83
CA GLU A 1497 24.69 27.38 37.75
C GLU A 1497 23.34 27.29 37.06
N ILE A 1498 22.58 26.24 37.36
CA ILE A 1498 21.28 25.98 36.76
C ILE A 1498 20.22 25.92 37.86
N ASP A 1499 19.07 26.54 37.60
CA ASP A 1499 17.92 26.49 38.47
C ASP A 1499 16.71 26.03 37.68
N VAL A 1500 15.92 25.12 38.26
CA VAL A 1500 14.71 24.64 37.62
C VAL A 1500 13.60 25.67 37.83
N GLU A 1501 12.98 26.10 36.73
CA GLU A 1501 11.93 27.11 36.80
C GLU A 1501 10.54 26.48 36.91
N SER A 1502 10.29 25.36 36.23
CA SER A 1502 9.03 24.64 36.39
C SER A 1502 9.16 23.27 35.75
N VAL A 1503 8.28 22.37 36.19
CA VAL A 1503 8.11 21.04 35.60
C VAL A 1503 6.64 20.89 35.22
N ARG A 1504 6.40 20.44 33.99
CA ARG A 1504 5.06 20.26 33.46
C ARG A 1504 4.92 18.82 32.96
N LEU A 1505 3.82 18.17 33.34
CA LEU A 1505 3.63 16.74 33.12
C LEU A 1505 2.41 16.48 32.24
N ARG A 1506 2.55 15.52 31.33
CA ARG A 1506 1.44 15.02 30.52
C ARG A 1506 0.66 13.99 31.33
N LYS A 1507 -0.60 14.31 31.66
CA LYS A 1507 -1.48 13.27 32.17
C LYS A 1507 -2.03 12.43 31.02
N ASP A 1508 -2.58 13.09 30.00
CA ASP A 1508 -3.01 12.42 28.78
C ASP A 1508 -2.96 13.45 27.66
N TRP A 1509 -3.59 13.11 26.53
CA TRP A 1509 -3.53 13.97 25.36
C TRP A 1509 -4.13 15.34 25.61
N LYS A 1510 -5.12 15.44 26.49
CA LYS A 1510 -5.86 16.69 26.69
C LYS A 1510 -5.47 17.45 27.94
N GLN A 1511 -4.91 16.79 28.96
CA GLN A 1511 -4.61 17.44 30.24
C GLN A 1511 -3.12 17.39 30.50
N TRP A 1512 -2.53 18.56 30.72
CA TRP A 1512 -1.18 18.74 31.24
C TRP A 1512 -1.28 19.42 32.60
N ARG A 1513 -0.33 19.16 33.47
CA ARG A 1513 -0.43 19.63 34.85
C ARG A 1513 0.93 20.01 35.41
N ASN A 1514 0.90 20.92 36.39
CA ASN A 1514 2.11 21.40 37.05
C ASN A 1514 2.66 20.34 37.99
N GLY A 1515 3.95 20.06 37.87
CA GLY A 1515 4.63 19.07 38.69
C GLY A 1515 5.52 19.61 39.78
N ASN A 1516 5.49 20.92 40.05
CA ASN A 1516 6.45 21.52 40.98
C ASN A 1516 6.33 20.94 42.39
N SER A 1517 5.12 20.58 42.80
CA SER A 1517 4.90 20.10 44.17
C SER A 1517 5.46 18.70 44.42
N GLU A 1518 5.88 17.99 43.37
CA GLU A 1518 6.31 16.61 43.49
C GLU A 1518 7.83 16.44 43.46
N ILE A 1519 8.58 17.51 43.20
CA ILE A 1519 10.04 17.44 43.11
C ILE A 1519 10.64 16.91 44.41
N PRO A 1520 10.17 17.31 45.60
CA PRO A 1520 10.74 16.70 46.82
C PRO A 1520 10.57 15.19 46.89
N ASN A 1521 9.49 14.65 46.32
CA ASN A 1521 9.29 13.20 46.35
C ASN A 1521 10.27 12.51 45.38
N TRP A 1522 10.43 13.06 44.18
CA TRP A 1522 11.32 12.44 43.19
C TRP A 1522 12.76 12.40 43.69
N LEU A 1523 13.24 13.50 44.28
CA LEU A 1523 14.60 13.53 44.82
C LEU A 1523 14.79 12.45 45.88
N GLY A 1524 13.81 12.30 46.75
CA GLY A 1524 13.89 11.28 47.78
C GLY A 1524 14.02 9.88 47.20
N LYS A 1525 13.23 9.59 46.18
CA LYS A 1525 13.28 8.25 45.61
C LYS A 1525 14.57 8.02 44.84
N GLY A 1526 15.16 9.08 44.27
CA GLY A 1526 16.47 8.93 43.66
C GLY A 1526 17.55 8.59 44.67
N PHE A 1527 17.58 9.31 45.79
CA PHE A 1527 18.56 8.98 46.82
C PHE A 1527 18.29 7.62 47.43
N ALA A 1528 17.01 7.23 47.51
CA ALA A 1528 16.67 5.89 47.96
C ALA A 1528 17.22 4.84 47.00
N LYS A 1529 17.16 5.10 45.70
CA LYS A 1529 17.73 4.17 44.74
C LYS A 1529 19.24 4.05 44.91
N LEU A 1530 19.92 5.18 45.14
CA LEU A 1530 21.36 5.09 45.34
C LEU A 1530 21.70 4.32 46.61
N LYS A 1531 20.92 4.51 47.67
CA LYS A 1531 21.14 3.70 48.87
C LYS A 1531 20.87 2.23 48.61
N GLU A 1532 19.87 1.93 47.78
CA GLU A 1532 19.56 0.55 47.43
C GLU A 1532 20.72 -0.10 46.69
N TRP A 1533 21.36 0.65 45.78
CA TRP A 1533 22.47 0.07 45.02
C TRP A 1533 23.75 -0.04 45.84
N PHE A 1534 24.16 1.04 46.53
CA PHE A 1534 25.50 1.12 47.07
C PHE A 1534 25.60 1.06 48.60
N ARG A 1535 24.47 1.08 49.31
CA ARG A 1535 24.43 0.76 50.75
C ARG A 1535 25.44 1.57 51.55
N ASP A 1536 25.41 2.88 51.38
CA ASP A 1536 26.24 3.87 52.08
C ASP A 1536 27.73 3.75 51.77
N GLU A 1537 28.13 2.88 50.83
CA GLU A 1537 29.49 2.84 50.33
C GLU A 1537 29.62 3.89 49.23
N LEU A 1538 29.28 5.12 49.57
CA LEU A 1538 28.86 6.14 48.60
C LEU A 1538 29.88 7.27 48.48
N ASP A 1539 31.17 6.97 48.58
CA ASP A 1539 32.20 8.01 48.65
C ASP A 1539 32.37 8.75 47.34
N PHE A 1540 32.10 8.09 46.21
CA PHE A 1540 32.32 8.72 44.91
C PHE A 1540 31.44 9.96 44.72
N ILE A 1541 30.31 10.06 45.44
CA ILE A 1541 29.48 11.24 45.33
C ILE A 1541 30.09 12.41 46.09
N GLU A 1542 30.61 12.17 47.31
CA GLU A 1542 31.18 13.27 48.06
C GLU A 1542 32.47 13.77 47.41
N ASN A 1543 33.21 12.89 46.74
CA ASN A 1543 34.36 13.35 45.96
C ASN A 1543 33.90 14.19 44.78
N LEU A 1544 32.78 13.83 44.15
CA LEU A 1544 32.26 14.65 43.07
C LEU A 1544 31.85 16.03 43.55
N LYS A 1545 31.03 16.08 44.60
CA LYS A 1545 30.52 17.37 45.09
C LYS A 1545 31.66 18.28 45.52
N LYS A 1546 32.74 17.68 46.01
CA LYS A 1546 33.90 18.45 46.46
C LYS A 1546 34.68 19.06 45.30
N LEU A 1547 34.53 18.53 44.08
CA LEU A 1547 35.07 19.16 42.89
C LEU A 1547 34.09 20.11 42.21
N LEU A 1548 32.80 19.98 42.48
CA LEU A 1548 31.81 20.94 42.01
C LEU A 1548 31.70 22.16 42.91
N TRP A 1549 32.41 22.16 44.04
CA TRP A 1549 32.37 23.25 45.00
C TRP A 1549 32.90 24.54 44.39
N PHE A 1550 32.22 25.65 44.68
CA PHE A 1550 32.59 26.97 44.17
C PHE A 1550 33.12 27.83 45.31
N PRO A 1551 34.31 28.45 45.19
CA PRO A 1551 34.87 29.16 46.34
C PRO A 1551 34.03 30.37 46.75
N GLU A 1552 34.05 30.66 48.05
CA GLU A 1552 33.15 31.62 48.66
C GLU A 1552 33.95 32.81 49.21
N GLY A 1553 33.48 34.01 48.90
CA GLY A 1553 33.94 35.21 49.58
C GLY A 1553 35.42 35.46 49.38
N ASP A 1554 36.15 35.54 50.50
CA ASP A 1554 37.55 35.90 50.47
C ASP A 1554 38.45 34.80 49.89
N GLN A 1555 37.92 33.60 49.70
CA GLN A 1555 38.73 32.48 49.24
C GLN A 1555 39.16 32.70 47.79
N ALA A 1556 40.42 32.39 47.50
CA ALA A 1556 40.97 32.57 46.15
C ALA A 1556 42.08 31.55 45.93
N PRO A 1557 41.72 30.31 45.59
CA PRO A 1557 42.74 29.33 45.18
C PRO A 1557 43.41 29.80 43.89
N ARG A 1558 44.63 29.30 43.63
CA ARG A 1558 45.51 30.03 42.72
C ARG A 1558 44.96 30.06 41.30
N VAL A 1559 44.81 28.92 40.60
CA VAL A 1559 45.14 27.50 40.60
C VAL A 1559 45.89 27.31 39.27
N CYS A 1560 46.93 26.48 39.18
CA CYS A 1560 47.63 26.38 37.91
C CYS A 1560 48.49 25.13 37.83
N TYR A 1561 48.89 24.80 36.59
CA TYR A 1561 49.84 23.71 36.34
C TYR A 1561 51.26 24.13 36.71
N PRO A 1562 52.12 23.18 37.06
CA PRO A 1562 53.54 23.50 37.24
C PRO A 1562 54.20 23.87 35.92
N MET A 1563 55.32 24.59 36.03
CA MET A 1563 56.21 24.72 34.89
C MET A 1563 57.03 23.45 34.70
N LEU A 1564 57.64 23.33 33.52
CA LEU A 1564 58.40 22.14 33.17
C LEU A 1564 59.62 21.98 34.05
N ARG A 1565 60.16 23.09 34.58
CA ARG A 1565 61.32 23.06 35.45
C ARG A 1565 61.18 24.13 36.53
N LYS A 1566 61.92 23.93 37.63
CA LYS A 1566 61.92 24.91 38.72
C LYS A 1566 62.47 26.25 38.25
N LYS A 1567 63.62 26.23 37.58
CA LYS A 1567 64.28 27.47 37.17
C LYS A 1567 63.52 28.21 36.07
N ASP A 1568 62.58 27.55 35.40
CA ASP A 1568 61.74 28.23 34.43
C ASP A 1568 60.66 29.09 35.07
N ASP A 1569 60.46 28.98 36.39
CA ASP A 1569 59.39 29.67 37.09
C ASP A 1569 59.98 30.75 37.98
N PRO A 1570 59.68 32.04 37.81
CA PRO A 1570 60.22 33.03 38.75
C PRO A 1570 59.67 32.91 40.16
N ASN A 1571 58.53 32.24 40.36
CA ASN A 1571 58.02 32.04 41.71
C ASN A 1571 58.81 30.99 42.47
N GLY A 1572 59.58 30.16 41.78
CA GLY A 1572 60.43 29.18 42.45
C GLY A 1572 59.75 27.92 42.91
N ASN A 1573 58.48 27.71 42.54
CA ASN A 1573 57.82 26.46 42.87
C ASN A 1573 58.43 25.31 42.07
N SER A 1574 58.09 24.09 42.49
CA SER A 1574 58.89 22.90 42.15
C SER A 1574 59.01 22.69 40.65
N GLY A 1575 57.89 22.68 39.94
CA GLY A 1575 57.91 22.32 38.53
C GLY A 1575 58.00 20.82 38.31
N TYR A 1576 57.61 20.35 37.12
CA TYR A 1576 57.42 18.93 36.90
C TYR A 1576 58.70 18.12 37.13
N GLU A 1577 59.85 18.60 36.61
CA GLU A 1577 61.06 17.79 36.68
C GLU A 1577 61.43 17.49 38.12
N GLU A 1578 61.22 18.45 39.03
CA GLU A 1578 61.47 18.26 40.44
C GLU A 1578 60.31 17.56 41.14
N LEU A 1579 59.10 17.77 40.66
CA LEU A 1579 57.92 17.25 41.33
C LEU A 1579 57.82 15.73 41.16
N LYS A 1580 58.32 15.19 40.04
CA LYS A 1580 58.31 13.75 39.84
C LYS A 1580 59.21 13.01 40.82
N ASP A 1581 60.14 13.72 41.46
CA ASP A 1581 61.09 13.12 42.38
C ASP A 1581 60.69 13.31 43.85
N GLY A 1582 59.48 13.79 44.10
CA GLY A 1582 58.98 13.94 45.46
C GLY A 1582 57.55 14.44 45.49
N GLU A 1583 56.70 13.73 46.26
CA GLU A 1583 55.27 13.98 46.45
C GLU A 1583 54.43 13.60 45.24
N PHE A 1584 55.05 13.38 44.08
CA PHE A 1584 54.38 12.83 42.90
C PHE A 1584 55.24 11.77 42.23
N LYS A 1585 55.98 11.01 43.03
CA LYS A 1585 56.62 9.81 42.52
C LYS A 1585 55.58 8.88 41.92
N LYS A 1586 56.03 7.98 41.05
CA LYS A 1586 55.10 7.10 40.33
C LYS A 1586 54.21 6.32 41.29
N GLU A 1587 54.73 5.93 42.44
CA GLU A 1587 53.95 5.14 43.38
C GLU A 1587 52.90 5.98 44.11
N ASP A 1588 53.16 7.28 44.28
CA ASP A 1588 52.26 8.15 45.02
C ASP A 1588 51.28 8.92 44.12
N ARG A 1589 51.57 8.99 42.83
CA ARG A 1589 50.94 10.00 41.99
C ARG A 1589 49.42 9.80 41.86
N GLN A 1590 48.97 8.55 41.71
CA GLN A 1590 47.54 8.33 41.53
C GLN A 1590 46.76 8.70 42.77
N LYS A 1591 47.33 8.46 43.96
CA LYS A 1591 46.65 8.85 45.19
C LYS A 1591 46.53 10.35 45.30
N LYS A 1592 47.57 11.08 44.87
CA LYS A 1592 47.50 12.54 44.85
C LYS A 1592 46.39 13.02 43.92
N LEU A 1593 46.32 12.48 42.71
CA LEU A 1593 45.44 13.01 41.67
C LEU A 1593 43.98 12.62 41.89
N THR A 1594 43.70 11.55 42.64
CA THR A 1594 42.34 11.14 42.93
C THR A 1594 41.84 11.68 44.27
N THR A 1595 42.58 12.61 44.90
CA THR A 1595 42.15 13.26 46.13
C THR A 1595 41.86 14.72 45.82
N PRO A 1596 40.60 15.17 45.84
CA PRO A 1596 40.29 16.54 45.43
C PRO A 1596 41.03 17.60 46.25
N TRP A 1597 41.45 18.66 45.57
CA TRP A 1597 42.12 19.80 46.21
C TRP A 1597 43.36 19.38 47.00
N THR A 1598 44.15 18.47 46.43
CA THR A 1598 45.48 18.20 46.97
C THR A 1598 46.46 19.22 46.42
N PRO A 1599 47.21 19.95 47.25
CA PRO A 1599 48.17 20.91 46.73
C PRO A 1599 49.44 20.25 46.22
N TRP A 1600 50.03 20.87 45.20
CA TRP A 1600 51.31 20.44 44.64
C TRP A 1600 52.46 21.37 45.00
N ALA A 1601 52.19 22.51 45.65
CA ALA A 1601 53.25 23.36 46.19
C ALA A 1601 52.77 24.11 47.42
N ASN B 3 16.06 -13.67 25.34
CA ASN B 3 15.79 -15.13 25.13
C ASN B 3 16.73 -15.79 24.09
N PRO B 4 16.75 -15.36 22.82
CA PRO B 4 17.60 -16.08 21.86
C PRO B 4 19.09 -15.91 22.11
N ILE B 5 19.54 -14.77 22.63
CA ILE B 5 20.98 -14.59 22.85
C ILE B 5 21.48 -15.57 23.90
N ARG B 6 20.68 -15.80 24.94
CA ARG B 6 21.06 -16.76 25.97
C ARG B 6 21.21 -18.17 25.40
N ASP B 7 20.39 -18.50 24.39
CA ASP B 7 20.51 -19.81 23.77
C ASP B 7 21.83 -19.95 23.03
N ILE B 8 22.23 -18.92 22.28
CA ILE B 8 23.51 -18.95 21.57
C ILE B 8 24.65 -19.18 22.56
N GLN B 9 24.58 -18.52 23.73
CA GLN B 9 25.61 -18.66 24.73
C GLN B 9 25.73 -20.11 25.20
N ASP B 10 24.59 -20.77 25.40
CA ASP B 10 24.61 -22.16 25.82
C ASP B 10 25.25 -23.05 24.77
N ARG B 11 24.92 -22.83 23.50
CA ARG B 11 25.47 -23.64 22.42
C ARG B 11 26.96 -23.41 22.20
N LEU B 12 27.54 -22.40 22.82
CA LEU B 12 28.99 -22.21 22.81
C LEU B 12 29.67 -22.76 24.05
N LYS B 13 28.98 -22.77 25.20
CA LYS B 13 29.55 -23.40 26.39
C LYS B 13 29.78 -24.89 26.17
N THR B 14 28.85 -25.55 25.47
CA THR B 14 28.88 -26.99 25.24
C THR B 14 28.75 -27.27 23.75
N ALA B 15 29.88 -27.30 23.06
CA ALA B 15 29.88 -27.65 21.64
C ALA B 15 31.30 -27.89 21.18
N LYS B 16 31.52 -29.03 20.52
CA LYS B 16 32.70 -29.28 19.72
C LYS B 16 32.25 -29.78 18.36
N PHE B 17 32.94 -29.33 17.32
CA PHE B 17 32.49 -29.52 15.95
C PHE B 17 32.95 -30.83 15.32
N ASP B 18 33.54 -31.73 16.10
CA ASP B 18 33.64 -33.12 15.67
C ASP B 18 32.37 -33.90 16.00
N ASN B 19 31.35 -33.24 16.57
CA ASN B 19 30.00 -33.79 16.71
C ASN B 19 29.06 -32.91 15.91
N LYS B 20 28.29 -33.53 15.02
CA LYS B 20 27.35 -32.78 14.19
C LYS B 20 26.11 -32.32 14.96
N ASP B 21 25.75 -32.99 16.05
CA ASP B 21 24.63 -32.52 16.84
C ASP B 21 24.95 -31.17 17.47
N ASP B 22 26.18 -31.00 17.97
CA ASP B 22 26.61 -29.70 18.47
C ASP B 22 26.60 -28.66 17.37
N MET B 23 27.12 -29.01 16.20
CA MET B 23 27.15 -28.08 15.07
C MET B 23 25.73 -27.66 14.68
N MET B 24 24.83 -28.63 14.56
CA MET B 24 23.46 -28.32 14.16
C MET B 24 22.76 -27.44 15.19
N ASN B 25 22.87 -27.80 16.47
CA ASN B 25 22.16 -27.02 17.50
C ASN B 25 22.70 -25.60 17.57
N LEU B 26 24.00 -25.41 17.33
CA LEU B 26 24.53 -24.06 17.22
C LEU B 26 23.96 -23.33 16.02
N ALA B 27 23.97 -23.97 14.85
CA ALA B 27 23.49 -23.33 13.63
C ALA B 27 22.02 -22.93 13.77
N SER B 28 21.21 -23.76 14.42
CA SER B 28 19.80 -23.43 14.59
C SER B 28 19.62 -22.18 15.44
N SER B 29 20.40 -22.05 16.52
CA SER B 29 20.22 -20.91 17.42
C SER B 29 20.55 -19.60 16.72
N LEU B 30 21.59 -19.59 15.88
CA LEU B 30 21.93 -18.38 15.14
C LEU B 30 20.81 -18.00 14.17
N TYR B 31 20.21 -18.99 13.51
CA TYR B 31 19.16 -18.69 12.54
C TYR B 31 17.92 -18.09 13.22
N LYS B 32 17.49 -18.66 14.34
CA LYS B 32 16.29 -18.12 15.00
C LYS B 32 16.59 -16.76 15.61
N TYR B 33 17.82 -16.52 16.04
CA TYR B 33 18.19 -15.17 16.44
C TYR B 33 18.02 -14.19 15.29
N GLU B 34 18.60 -14.51 14.14
CA GLU B 34 18.65 -13.50 13.08
C GLU B 34 17.30 -13.31 12.41
N LYS B 35 16.41 -14.29 12.43
CA LYS B 35 15.11 -14.09 11.78
C LYS B 35 14.29 -13.02 12.50
N GLN B 36 14.17 -13.11 13.83
CA GLN B 36 13.35 -12.15 14.55
C GLN B 36 14.07 -10.83 14.77
N LEU B 37 15.38 -10.77 14.48
CA LEU B 37 16.03 -9.49 14.31
C LEU B 37 15.49 -8.75 13.09
N MET B 38 15.16 -9.48 12.02
CA MET B 38 14.58 -8.87 10.83
C MET B 38 13.12 -8.51 11.06
N ASP B 39 12.38 -9.37 11.76
CA ASP B 39 10.94 -9.17 11.95
C ASP B 39 10.61 -8.05 12.92
N SER B 40 11.58 -7.51 13.66
CA SER B 40 11.38 -6.35 14.53
C SER B 40 10.40 -6.66 15.66
N SER B 41 10.55 -7.81 16.29
CA SER B 41 9.74 -8.17 17.44
C SER B 41 10.20 -7.39 18.67
N GLU B 42 9.56 -7.67 19.81
CA GLU B 42 10.05 -7.15 21.07
C GLU B 42 11.45 -7.66 21.40
N ALA B 43 11.88 -8.76 20.78
CA ALA B 43 13.22 -9.28 21.04
C ALA B 43 14.31 -8.29 20.66
N THR B 44 14.00 -7.29 19.83
CA THR B 44 14.98 -6.28 19.48
C THR B 44 15.36 -5.39 20.67
N LEU B 45 14.57 -5.41 21.75
CA LEU B 45 14.96 -4.70 22.97
C LEU B 45 15.94 -5.45 23.84
N CYS B 46 16.18 -6.73 23.59
CA CYS B 46 17.24 -7.44 24.28
C CYS B 46 18.56 -6.83 23.87
N GLN B 47 19.23 -6.17 24.82
CA GLN B 47 20.30 -5.22 24.52
C GLN B 47 21.67 -5.74 24.92
N GLN B 48 21.78 -6.97 25.41
CA GLN B 48 23.01 -7.53 25.93
C GLN B 48 23.78 -8.29 24.84
N GLY B 49 24.98 -8.75 25.20
CA GLY B 49 25.85 -9.48 24.30
C GLY B 49 26.32 -10.81 24.85
N LEU B 50 27.42 -11.33 24.33
CA LEU B 50 27.92 -12.66 24.69
C LEU B 50 29.04 -12.57 25.72
N SER B 51 29.02 -13.51 26.66
CA SER B 51 30.10 -13.64 27.63
C SER B 51 31.27 -14.41 27.02
N ASN B 52 32.42 -14.30 27.68
CA ASN B 52 33.66 -14.95 27.22
C ASN B 52 33.98 -14.54 25.79
N ARG B 53 34.21 -13.24 25.60
CA ARG B 53 34.43 -12.67 24.27
C ARG B 53 35.50 -13.37 23.44
N PRO B 54 36.73 -13.57 23.91
CA PRO B 54 37.73 -14.19 23.04
C PRO B 54 37.39 -15.62 22.66
N ASN B 55 36.82 -16.39 23.58
CA ASN B 55 36.44 -17.76 23.26
C ASN B 55 35.25 -17.78 22.30
N SER B 56 34.27 -16.89 22.51
CA SER B 56 33.12 -16.85 21.62
C SER B 56 33.53 -16.45 20.21
N PHE B 57 34.45 -15.49 20.09
CA PHE B 57 34.96 -15.11 18.78
C PHE B 57 35.67 -16.28 18.11
N SER B 58 36.46 -17.03 18.87
CA SER B 58 37.16 -18.18 18.30
C SER B 58 36.18 -19.20 17.74
N GLN B 59 35.16 -19.56 18.53
CA GLN B 59 34.28 -20.64 18.14
C GLN B 59 33.34 -20.21 17.03
N LEU B 60 32.89 -18.95 17.04
CA LEU B 60 32.07 -18.45 15.94
C LEU B 60 32.86 -18.41 14.64
N SER B 61 34.10 -17.95 14.68
CA SER B 61 34.90 -17.89 13.45
C SER B 61 35.21 -19.29 12.94
N GLN B 62 35.44 -20.24 13.85
CA GLN B 62 35.60 -21.62 13.44
C GLN B 62 34.32 -22.14 12.79
N PHE B 63 33.18 -21.82 13.40
CA PHE B 63 31.90 -22.29 12.88
C PHE B 63 31.64 -21.78 11.47
N ARG B 64 31.89 -20.49 11.23
CA ARG B 64 31.67 -19.94 9.89
C ARG B 64 32.78 -20.33 8.90
N ASP B 65 33.98 -20.66 9.40
CA ASP B 65 34.98 -21.26 8.52
C ASP B 65 34.70 -22.72 8.22
N SER B 66 33.73 -23.34 8.88
CA SER B 66 33.37 -24.73 8.65
C SER B 66 31.86 -24.90 8.62
N LYS B 78 17.12 -21.83 7.08
CA LYS B 78 17.44 -23.23 6.91
C LYS B 78 16.18 -24.09 6.84
N PHE B 79 16.24 -25.08 5.95
CA PHE B 79 15.12 -25.98 5.72
C PHE B 79 14.78 -26.83 6.95
N TRP B 80 15.80 -27.28 7.70
CA TRP B 80 15.52 -28.01 8.93
C TRP B 80 14.68 -27.20 9.92
N GLN B 81 14.86 -25.88 9.98
CA GLN B 81 14.00 -25.10 10.87
C GLN B 81 12.61 -24.90 10.27
N ASN B 82 12.54 -24.32 9.08
CA ASN B 82 11.26 -23.94 8.51
C ASN B 82 10.36 -25.13 8.26
N GLU B 83 10.93 -26.35 8.25
CA GLU B 83 10.10 -27.55 8.25
C GLU B 83 9.21 -27.58 9.48
N TYR B 84 9.76 -27.19 10.64
CA TYR B 84 9.03 -27.34 11.90
C TYR B 84 7.89 -26.35 12.04
N GLU B 85 8.05 -25.12 11.55
CA GLU B 85 6.99 -24.13 11.68
C GLU B 85 5.79 -24.52 10.81
N ALA B 86 4.61 -24.11 11.27
CA ALA B 86 3.31 -24.43 10.68
C ALA B 86 2.94 -25.91 10.82
N CYS B 87 3.74 -26.69 11.55
CA CYS B 87 3.23 -27.95 12.08
C CYS B 87 2.18 -27.69 13.16
N LYS B 88 2.39 -26.64 13.95
CA LYS B 88 1.37 -26.18 14.88
C LYS B 88 0.27 -25.48 14.10
N ASN B 89 -0.98 -25.89 14.36
CA ASN B 89 -2.13 -25.37 13.62
C ASN B 89 -3.31 -25.08 14.54
N PHE B 90 -3.07 -24.90 15.84
CA PHE B 90 -4.10 -24.55 16.80
C PHE B 90 -4.36 -23.05 16.78
N GLN B 91 -4.66 -22.52 15.60
CA GLN B 91 -4.70 -21.08 15.38
C GLN B 91 -5.57 -20.78 14.18
N THR B 92 -6.00 -19.51 14.09
CA THR B 92 -6.99 -19.09 13.10
C THR B 92 -6.39 -19.04 11.70
N HIS B 93 -7.28 -18.84 10.72
CA HIS B 93 -6.88 -18.81 9.32
C HIS B 93 -5.99 -17.59 9.03
N LYS B 94 -6.22 -16.47 9.70
CA LYS B 94 -5.32 -15.34 9.57
C LYS B 94 -3.91 -15.71 10.04
N GLU B 95 -3.82 -16.41 11.18
CA GLU B 95 -2.52 -16.78 11.71
C GLU B 95 -1.84 -17.83 10.83
N ARG B 96 -2.62 -18.76 10.28
CA ARG B 96 -2.07 -19.71 9.31
C ARG B 96 -1.51 -18.99 8.10
N ARG B 97 -2.24 -17.98 7.60
CA ARG B 97 -1.79 -17.24 6.42
C ARG B 97 -0.48 -16.52 6.68
N GLU B 98 -0.31 -15.95 7.88
CA GLU B 98 0.91 -15.19 8.16
C GLU B 98 2.12 -16.12 8.21
N THR B 99 2.03 -17.23 8.93
CA THR B 99 3.18 -18.12 9.07
C THR B 99 3.56 -18.73 7.73
N LEU B 100 2.57 -19.08 6.90
CA LEU B 100 2.88 -19.63 5.58
C LEU B 100 3.62 -18.61 4.73
N GLU B 101 3.21 -17.34 4.79
CA GLU B 101 3.87 -16.33 3.98
C GLU B 101 5.30 -16.11 4.44
N GLN B 102 5.54 -16.14 5.76
CA GLN B 102 6.92 -16.03 6.24
C GLN B 102 7.78 -17.19 5.74
N ILE B 103 7.22 -18.40 5.76
CA ILE B 103 7.96 -19.56 5.22
C ILE B 103 8.33 -19.32 3.77
N ILE B 104 7.42 -18.75 2.98
CA ILE B 104 7.68 -18.53 1.56
C ILE B 104 8.79 -17.48 1.38
N ARG B 105 8.65 -16.33 2.06
CA ARG B 105 9.61 -15.25 1.81
C ARG B 105 10.97 -15.50 2.43
N PHE B 106 11.08 -16.42 3.39
CA PHE B 106 12.41 -16.80 3.88
C PHE B 106 13.07 -17.86 2.99
N LEU B 107 12.29 -18.80 2.44
CA LEU B 107 12.86 -19.91 1.70
C LEU B 107 12.91 -19.66 0.19
N GLN B 108 12.06 -18.77 -0.33
CA GLN B 108 12.10 -18.45 -1.76
C GLN B 108 13.48 -17.96 -2.17
N ASN B 109 14.21 -17.33 -1.25
CA ASN B 109 15.52 -16.78 -1.54
C ASN B 109 16.55 -17.88 -1.80
N GLY B 110 16.38 -19.04 -1.18
CA GLY B 110 17.36 -20.11 -1.27
C GLY B 110 17.01 -21.21 -2.25
N ALA B 111 15.72 -21.47 -2.44
CA ALA B 111 15.30 -22.55 -3.34
C ALA B 111 15.73 -22.31 -4.78
N GLU B 112 16.02 -21.06 -5.15
CA GLU B 112 16.45 -20.71 -6.50
C GLU B 112 17.96 -20.82 -6.69
N GLU B 113 18.67 -21.43 -5.74
CA GLU B 113 20.10 -21.62 -5.85
C GLU B 113 20.42 -22.64 -6.94
N LYS B 114 21.70 -22.71 -7.31
CA LYS B 114 22.11 -23.57 -8.43
C LYS B 114 21.65 -25.02 -8.25
N ASP B 115 21.86 -25.59 -7.06
CA ASP B 115 21.36 -26.92 -6.73
C ASP B 115 20.89 -26.90 -5.27
N ALA B 116 19.61 -26.61 -5.07
CA ALA B 116 19.04 -26.55 -3.73
C ALA B 116 18.76 -27.95 -3.20
N ASP B 117 18.59 -28.03 -1.88
CA ASP B 117 18.33 -29.30 -1.23
C ASP B 117 16.87 -29.71 -1.50
N ASP B 118 16.60 -31.00 -1.35
CA ASP B 118 15.25 -31.50 -1.54
C ASP B 118 14.29 -31.00 -0.44
N LEU B 119 14.73 -31.05 0.82
CA LEU B 119 13.83 -30.66 1.91
C LEU B 119 13.55 -29.17 1.91
N LEU B 120 14.48 -28.36 1.40
CA LEU B 120 14.18 -26.96 1.15
C LEU B 120 13.10 -26.81 0.09
N LEU B 121 13.27 -27.51 -1.04
CA LEU B 121 12.28 -27.47 -2.11
C LEU B 121 10.95 -28.05 -1.65
N LYS B 122 10.99 -29.15 -0.90
CA LYS B 122 9.77 -29.83 -0.49
C LYS B 122 8.99 -29.01 0.53
N THR B 123 9.69 -28.32 1.44
CA THR B 123 9.00 -27.46 2.40
C THR B 123 8.34 -26.29 1.70
N LEU B 124 9.06 -25.65 0.78
CA LEU B 124 8.52 -24.49 0.08
C LEU B 124 7.32 -24.87 -0.78
N ALA B 125 7.35 -26.05 -1.38
CA ALA B 125 6.22 -26.51 -2.19
C ALA B 125 4.97 -26.64 -1.33
N ARG B 126 5.09 -27.21 -0.14
CA ARG B 126 3.93 -27.30 0.76
C ARG B 126 3.41 -25.92 1.13
N ALA B 127 4.30 -24.97 1.40
CA ALA B 127 3.86 -23.64 1.77
C ALA B 127 3.07 -22.98 0.64
N TYR B 128 3.55 -23.11 -0.59
CA TYR B 128 2.80 -22.57 -1.73
C TYR B 128 1.46 -23.26 -1.90
N PHE B 129 1.42 -24.59 -1.75
CA PHE B 129 0.15 -25.30 -1.90
C PHE B 129 -0.83 -24.88 -0.82
N HIS B 130 -0.40 -24.86 0.44
CA HIS B 130 -1.32 -24.55 1.52
C HIS B 130 -1.74 -23.09 1.48
N ARG B 131 -0.83 -22.19 1.10
CA ARG B 131 -1.19 -20.79 0.95
C ARG B 131 -2.17 -20.60 -0.21
N GLY B 132 -2.05 -21.41 -1.27
CA GLY B 132 -3.01 -21.33 -2.36
C GLY B 132 -4.42 -21.66 -1.91
N LEU B 133 -4.56 -22.67 -1.05
CA LEU B 133 -5.88 -23.06 -0.56
C LEU B 133 -6.57 -21.92 0.18
N LEU B 134 -5.80 -21.00 0.76
CA LEU B 134 -6.35 -20.01 1.67
C LEU B 134 -6.85 -18.74 0.99
N TYR B 135 -6.67 -18.59 -0.32
CA TYR B 135 -7.09 -17.37 -0.99
C TYR B 135 -8.60 -17.20 -0.98
N ARG B 136 -9.04 -15.99 -0.63
CA ARG B 136 -10.45 -15.63 -0.62
C ARG B 136 -10.92 -15.31 -2.03
N PRO B 137 -11.99 -15.93 -2.52
CA PRO B 137 -12.54 -15.54 -3.83
C PRO B 137 -12.88 -14.06 -3.90
N LYS B 138 -13.02 -13.59 -5.14
CA LYS B 138 -13.24 -12.18 -5.43
C LYS B 138 -14.28 -11.92 -6.51
N GLY B 139 -14.74 -12.94 -7.22
CA GLY B 139 -15.75 -12.75 -8.24
C GLY B 139 -16.37 -14.06 -8.64
N PHE B 140 -16.88 -14.10 -9.87
CA PHE B 140 -17.37 -15.36 -10.43
C PHE B 140 -16.23 -16.25 -10.93
N SER B 141 -15.05 -15.69 -11.15
CA SER B 141 -13.89 -16.48 -11.56
C SER B 141 -13.07 -16.90 -10.34
N VAL B 142 -12.19 -17.88 -10.57
CA VAL B 142 -11.25 -18.31 -9.53
C VAL B 142 -10.18 -17.24 -9.37
N PRO B 143 -9.72 -16.92 -8.16
CA PRO B 143 -8.66 -15.91 -8.03
C PRO B 143 -7.37 -16.35 -8.72
N ALA B 144 -6.76 -15.43 -9.46
CA ALA B 144 -5.57 -15.76 -10.24
C ALA B 144 -4.38 -16.09 -9.35
N ARG B 145 -4.32 -15.50 -8.15
CA ARG B 145 -3.23 -15.82 -7.24
C ARG B 145 -3.22 -17.30 -6.89
N LYS B 146 -4.40 -17.90 -6.73
CA LYS B 146 -4.48 -19.30 -6.34
C LYS B 146 -3.92 -20.21 -7.42
N VAL B 147 -4.33 -20.00 -8.67
CA VAL B 147 -3.86 -20.87 -9.75
C VAL B 147 -2.36 -20.75 -9.91
N GLU B 148 -1.81 -19.53 -9.75
CA GLU B 148 -0.37 -19.36 -9.80
C GLU B 148 0.31 -20.09 -8.66
N ALA B 149 -0.28 -20.06 -7.46
CA ALA B 149 0.32 -20.73 -6.31
C ALA B 149 0.42 -22.23 -6.52
N MET B 150 -0.62 -22.84 -7.07
CA MET B 150 -0.58 -24.27 -7.35
C MET B 150 0.50 -24.59 -8.39
N LYS B 151 0.61 -23.77 -9.43
CA LYS B 151 1.63 -24.00 -10.45
C LYS B 151 3.03 -23.81 -9.88
N LYS B 152 3.19 -22.88 -8.93
CA LYS B 152 4.46 -22.77 -8.22
C LYS B 152 4.76 -24.02 -7.42
N ALA B 153 3.76 -24.58 -6.73
CA ALA B 153 3.99 -25.79 -5.95
C ALA B 153 4.45 -26.93 -6.84
N ILE B 154 3.83 -27.08 -8.01
CA ILE B 154 4.22 -28.12 -8.95
C ILE B 154 5.66 -27.93 -9.41
N ALA B 155 6.04 -26.68 -9.64
CA ALA B 155 7.36 -26.41 -10.23
C ALA B 155 8.49 -26.89 -9.33
N TYR B 156 8.38 -26.67 -8.01
CA TYR B 156 9.43 -27.11 -7.11
C TYR B 156 9.43 -28.62 -6.92
N CYS B 157 8.26 -29.25 -6.94
CA CYS B 157 8.23 -30.71 -6.86
C CYS B 157 8.94 -31.34 -8.06
N GLU B 158 8.77 -30.75 -9.25
CA GLU B 158 9.38 -31.32 -10.45
C GLU B 158 10.89 -31.19 -10.45
N ILE B 159 11.47 -30.30 -9.65
CA ILE B 159 12.93 -30.33 -9.45
C ILE B 159 13.32 -31.59 -8.69
N ILE B 160 12.57 -31.92 -7.63
CA ILE B 160 12.90 -33.10 -6.84
C ILE B 160 12.62 -34.37 -7.65
N LEU B 161 11.50 -34.39 -8.38
CA LEU B 161 11.15 -35.58 -9.15
C LEU B 161 12.01 -35.76 -10.38
N ASP B 162 12.65 -34.70 -10.89
CA ASP B 162 13.57 -34.87 -11.99
C ASP B 162 14.79 -35.70 -11.57
N LYS B 163 15.29 -35.46 -10.36
CA LYS B 163 16.43 -36.21 -9.84
C LYS B 163 16.04 -37.54 -9.20
N ASN B 164 14.77 -37.71 -8.81
CA ASN B 164 14.32 -38.96 -8.18
C ASN B 164 12.86 -39.17 -8.56
N GLU B 165 12.62 -40.07 -9.53
CA GLU B 165 11.30 -40.20 -10.13
C GLU B 165 10.22 -40.70 -9.19
N GLU B 166 10.57 -41.23 -8.02
CA GLU B 166 9.57 -41.74 -7.06
C GLU B 166 9.87 -41.27 -5.65
N GLU B 167 10.07 -39.95 -5.49
CA GLU B 167 10.05 -39.35 -4.16
C GLU B 167 8.59 -39.22 -3.74
N SER B 168 8.19 -40.00 -2.72
CA SER B 168 6.77 -40.16 -2.42
C SER B 168 6.12 -38.84 -2.02
N GLU B 169 6.80 -38.04 -1.19
CA GLU B 169 6.17 -36.81 -0.69
C GLU B 169 6.07 -35.76 -1.78
N ALA B 170 7.14 -35.60 -2.56
CA ALA B 170 7.06 -34.70 -3.71
C ALA B 170 6.01 -35.18 -4.70
N LEU B 171 5.89 -36.49 -4.87
CA LEU B 171 4.87 -37.04 -5.75
C LEU B 171 3.47 -36.71 -5.25
N ARG B 172 3.25 -36.83 -3.93
CA ARG B 172 1.92 -36.57 -3.40
C ARG B 172 1.59 -35.08 -3.41
N ILE B 173 2.58 -34.22 -3.14
CA ILE B 173 2.33 -32.78 -3.26
C ILE B 173 2.01 -32.42 -4.70
N TRP B 174 2.75 -32.99 -5.64
CA TRP B 174 2.51 -32.72 -7.06
C TRP B 174 1.08 -33.11 -7.43
N LEU B 175 0.63 -34.28 -6.98
CA LEU B 175 -0.72 -34.73 -7.30
C LEU B 175 -1.78 -33.88 -6.59
N TYR B 176 -1.57 -33.52 -5.32
CA TYR B 176 -2.53 -32.66 -4.65
C TYR B 176 -2.75 -31.36 -5.41
N ALA B 177 -1.65 -30.74 -5.84
CA ALA B 177 -1.78 -29.48 -6.58
C ALA B 177 -2.48 -29.70 -7.91
N ALA B 178 -2.19 -30.82 -8.59
CA ALA B 178 -2.82 -31.07 -9.88
C ALA B 178 -4.34 -31.24 -9.74
N MET B 179 -4.79 -31.91 -8.67
CA MET B 179 -6.22 -32.05 -8.45
C MET B 179 -6.88 -30.70 -8.20
N GLU B 180 -6.21 -29.81 -7.47
CA GLU B 180 -6.79 -28.49 -7.23
C GLU B 180 -6.93 -27.72 -8.54
N LEU B 181 -5.93 -27.81 -9.41
CA LEU B 181 -6.03 -27.19 -10.74
C LEU B 181 -7.27 -27.70 -11.47
N ARG B 182 -7.56 -29.00 -11.34
CA ARG B 182 -8.77 -29.54 -11.93
C ARG B 182 -10.02 -28.96 -11.27
N ARG B 183 -9.97 -28.75 -9.95
CA ARG B 183 -11.08 -28.10 -9.26
C ARG B 183 -11.27 -26.65 -9.70
N CYS B 184 -10.18 -25.95 -10.00
CA CYS B 184 -10.28 -24.57 -10.46
C CYS B 184 -10.82 -24.45 -11.88
N GLY B 185 -10.96 -25.55 -12.61
CA GLY B 185 -11.37 -25.51 -14.00
C GLY B 185 -10.24 -25.46 -14.99
N GLU B 186 -8.99 -25.57 -14.53
CA GLU B 186 -7.87 -25.74 -15.45
C GLU B 186 -7.84 -27.18 -15.96
N GLU B 187 -7.00 -27.43 -16.94
CA GLU B 187 -6.74 -28.79 -17.40
C GLU B 187 -5.67 -29.45 -16.54
N TYR B 188 -5.69 -30.77 -16.51
CA TYR B 188 -4.64 -31.51 -15.82
C TYR B 188 -3.28 -31.18 -16.42
N PRO B 189 -2.22 -31.19 -15.61
CA PRO B 189 -0.87 -31.09 -16.19
C PRO B 189 -0.56 -32.30 -17.06
N GLU B 190 0.57 -32.21 -17.74
CA GLU B 190 1.11 -33.35 -18.46
C GLU B 190 1.59 -34.41 -17.46
N ASN B 191 1.75 -35.64 -17.96
CA ASN B 191 2.26 -36.77 -17.19
C ASN B 191 1.42 -37.08 -15.96
N PHE B 192 0.17 -36.62 -15.90
CA PHE B 192 -0.67 -36.88 -14.74
C PHE B 192 -0.88 -38.38 -14.53
N ALA B 193 -1.11 -39.12 -15.62
CA ALA B 193 -1.28 -40.56 -15.50
C ALA B 193 0.01 -41.23 -15.03
N GLU B 194 1.16 -40.74 -15.48
CA GLU B 194 2.42 -41.36 -15.10
C GLU B 194 2.72 -41.16 -13.62
N LYS B 195 2.51 -39.95 -13.12
CA LYS B 195 2.72 -39.68 -11.71
C LYS B 195 1.73 -40.48 -10.86
N LEU B 196 0.47 -40.55 -11.31
CA LEU B 196 -0.52 -41.32 -10.58
C LEU B 196 -0.21 -42.81 -10.62
N PHE B 197 0.41 -43.30 -11.69
CA PHE B 197 0.82 -44.71 -11.72
C PHE B 197 1.91 -44.97 -10.68
N TYR B 198 2.90 -44.08 -10.57
CA TYR B 198 3.93 -44.26 -9.56
C TYR B 198 3.35 -44.28 -8.15
N LEU B 199 2.32 -43.47 -7.91
CA LEU B 199 1.63 -43.54 -6.64
C LEU B 199 0.97 -44.91 -6.45
N ALA B 200 0.38 -45.45 -7.52
CA ALA B 200 -0.17 -46.80 -7.43
C ALA B 200 0.92 -47.84 -7.23
N ASN B 201 2.14 -47.56 -7.66
CA ASN B 201 3.27 -48.42 -7.32
C ASN B 201 3.75 -48.18 -5.89
N ASP B 202 3.64 -46.94 -5.41
CA ASP B 202 4.01 -46.66 -4.03
C ASP B 202 3.12 -47.44 -3.07
N GLY B 203 1.82 -47.43 -3.32
CA GLY B 203 0.94 -48.51 -2.91
C GLY B 203 0.33 -48.43 -1.53
N PHE B 204 0.33 -47.27 -0.87
CA PHE B 204 -0.27 -47.20 0.45
C PHE B 204 -0.82 -45.81 0.74
N ILE B 205 -1.84 -45.78 1.61
CA ILE B 205 -2.52 -44.57 2.04
C ILE B 205 -1.73 -43.98 3.20
N SER B 206 -1.00 -42.89 2.95
CA SER B 206 -0.27 -42.22 4.02
C SER B 206 -1.19 -41.32 4.85
N GLU B 207 -2.22 -40.76 4.22
CA GLU B 207 -3.20 -39.92 4.90
C GLU B 207 -4.53 -40.09 4.18
N LEU B 208 -5.63 -39.80 4.88
CA LEU B 208 -6.95 -39.94 4.27
C LEU B 208 -7.09 -39.04 3.05
N TYR B 209 -6.30 -37.97 2.98
CA TYR B 209 -6.32 -37.08 1.82
C TYR B 209 -5.84 -37.78 0.56
N ASP B 210 -5.20 -38.96 0.70
CA ASP B 210 -4.70 -39.71 -0.45
C ASP B 210 -5.76 -40.57 -1.13
N ILE B 211 -6.77 -41.03 -0.39
CA ILE B 211 -7.70 -42.06 -0.90
C ILE B 211 -8.36 -41.59 -2.18
N ARG B 212 -8.65 -40.29 -2.28
CA ARG B 212 -9.22 -39.73 -3.51
C ARG B 212 -8.30 -39.93 -4.70
N LEU B 213 -6.98 -40.04 -4.49
CA LEU B 213 -6.08 -40.34 -5.60
C LEU B 213 -6.22 -41.79 -6.05
N PHE B 214 -6.29 -42.73 -5.12
CA PHE B 214 -6.49 -44.13 -5.48
C PHE B 214 -7.87 -44.36 -6.10
N LEU B 215 -8.85 -43.52 -5.75
CA LEU B 215 -10.13 -43.58 -6.44
C LEU B 215 -10.03 -43.00 -7.84
N GLU B 216 -9.25 -41.93 -8.02
CA GLU B 216 -9.00 -41.41 -9.35
C GLU B 216 -8.31 -42.47 -10.21
N TYR B 217 -7.31 -43.14 -9.65
CA TYR B 217 -6.65 -44.22 -10.37
C TYR B 217 -7.62 -45.34 -10.71
N THR B 218 -8.48 -45.72 -9.77
CA THR B 218 -9.44 -46.77 -10.03
C THR B 218 -10.39 -46.40 -11.16
N GLU B 219 -10.85 -45.15 -11.18
CA GLU B 219 -11.81 -44.73 -12.20
C GLU B 219 -11.15 -44.64 -13.57
N ARG B 220 -9.87 -44.26 -13.62
CA ARG B 220 -9.17 -44.15 -14.89
C ARG B 220 -8.70 -45.47 -15.45
N GLU B 221 -8.55 -46.50 -14.61
CA GLU B 221 -7.96 -47.76 -15.06
C GLU B 221 -8.68 -48.99 -14.52
N GLU B 222 -9.68 -48.85 -13.65
CA GLU B 222 -10.44 -49.97 -13.11
C GLU B 222 -9.55 -51.01 -12.43
N ASP B 223 -8.40 -50.60 -11.90
CA ASP B 223 -7.52 -51.50 -11.15
C ASP B 223 -7.95 -51.52 -9.68
N ASN B 224 -8.93 -52.38 -9.40
CA ASN B 224 -9.68 -52.36 -8.15
C ASN B 224 -8.90 -52.76 -6.89
N ASN B 225 -7.61 -53.08 -7.03
CA ASN B 225 -6.87 -53.68 -5.92
C ASN B 225 -6.92 -52.84 -4.65
N PHE B 226 -7.03 -51.52 -4.78
CA PHE B 226 -6.97 -50.63 -3.62
C PHE B 226 -8.28 -50.51 -2.86
N LEU B 227 -9.38 -51.00 -3.41
CA LEU B 227 -10.70 -50.72 -2.82
C LEU B 227 -10.88 -51.41 -1.48
N ASP B 228 -10.23 -52.56 -1.25
CA ASP B 228 -10.36 -53.23 0.05
C ASP B 228 -9.79 -52.37 1.16
N MET B 229 -8.67 -51.68 0.88
CA MET B 229 -8.07 -50.83 1.91
C MET B 229 -9.02 -49.69 2.28
N ILE B 230 -9.69 -49.11 1.29
CA ILE B 230 -10.56 -47.97 1.51
C ILE B 230 -11.75 -48.36 2.39
N LEU B 231 -12.34 -49.54 2.13
CA LEU B 231 -13.43 -50.00 2.97
C LEU B 231 -12.95 -50.42 4.34
N GLN B 232 -11.72 -50.94 4.44
CA GLN B 232 -11.21 -51.45 5.69
C GLN B 232 -10.74 -50.35 6.63
N GLU B 233 -10.63 -49.11 6.15
CA GLU B 233 -10.08 -48.02 6.95
C GLU B 233 -10.89 -47.79 8.22
N ASN B 234 -10.19 -47.37 9.27
CA ASN B 234 -10.79 -47.22 10.60
C ASN B 234 -11.61 -45.94 10.69
N GLN B 235 -12.72 -46.02 11.43
CA GLN B 235 -13.73 -44.97 11.48
C GLN B 235 -13.45 -43.85 12.49
N ASP B 236 -12.46 -44.00 13.38
CA ASP B 236 -12.21 -43.00 14.40
C ASP B 236 -11.43 -41.81 13.84
N ARG B 237 -12.08 -41.09 12.92
CA ARG B 237 -11.50 -39.96 12.21
C ARG B 237 -12.35 -38.72 12.42
N GLU B 238 -11.73 -37.54 12.26
CA GLU B 238 -12.43 -36.28 12.53
C GLU B 238 -13.42 -35.92 11.42
N ARG B 239 -13.12 -36.29 10.18
CA ARG B 239 -13.91 -35.87 9.02
C ARG B 239 -14.56 -37.08 8.37
N LEU B 240 -15.21 -37.89 9.23
CA LEU B 240 -15.86 -39.13 8.80
C LEU B 240 -16.82 -38.91 7.64
N PHE B 241 -17.51 -37.78 7.58
CA PHE B 241 -18.46 -37.56 6.47
C PHE B 241 -17.77 -37.70 5.12
N GLU B 242 -16.49 -37.32 5.03
CA GLU B 242 -15.75 -37.52 3.80
C GLU B 242 -15.39 -38.99 3.61
N LEU B 243 -15.05 -39.68 4.70
CA LEU B 243 -14.64 -41.08 4.60
C LEU B 243 -15.77 -41.96 4.10
N CYS B 244 -17.00 -41.71 4.56
CA CYS B 244 -18.13 -42.48 4.06
C CYS B 244 -18.35 -42.26 2.58
N LEU B 245 -18.16 -41.02 2.11
CA LEU B 245 -18.30 -40.75 0.69
C LEU B 245 -17.25 -41.51 -0.12
N TYR B 246 -16.03 -41.61 0.40
CA TYR B 246 -15.01 -42.40 -0.26
C TYR B 246 -15.31 -43.89 -0.16
N LYS B 247 -15.85 -44.35 0.97
CA LYS B 247 -16.28 -45.73 1.04
C LYS B 247 -17.43 -45.99 0.08
N ALA B 248 -18.37 -45.04 -0.04
CA ALA B 248 -19.47 -45.21 -0.98
C ALA B 248 -18.96 -45.34 -2.41
N ARG B 249 -17.98 -44.52 -2.80
CA ARG B 249 -17.42 -44.61 -4.14
C ARG B 249 -16.67 -45.93 -4.34
N ALA B 250 -15.86 -46.33 -3.37
CA ALA B 250 -15.21 -47.63 -3.45
C ALA B 250 -16.23 -48.76 -3.52
N CYS B 251 -17.31 -48.63 -2.75
CA CYS B 251 -18.32 -49.67 -2.71
C CYS B 251 -19.15 -49.73 -4.00
N PHE B 252 -19.19 -48.63 -4.75
CA PHE B 252 -19.83 -48.64 -6.07
C PHE B 252 -18.99 -49.40 -7.08
N HIS B 253 -17.68 -49.14 -7.11
CA HIS B 253 -16.81 -49.82 -8.08
C HIS B 253 -16.75 -51.31 -7.84
N LEU B 254 -17.03 -51.78 -6.63
CA LEU B 254 -17.12 -53.20 -6.33
C LEU B 254 -18.48 -53.78 -6.66
N ASN B 255 -19.45 -52.95 -7.05
CA ASN B 255 -20.83 -53.38 -7.26
C ASN B 255 -21.36 -54.02 -5.97
N GLN B 256 -21.56 -53.17 -4.97
CA GLN B 256 -22.26 -53.53 -3.74
C GLN B 256 -23.23 -52.39 -3.40
N LEU B 257 -24.38 -52.37 -4.07
CA LEU B 257 -25.15 -51.12 -4.16
C LEU B 257 -25.92 -50.81 -2.88
N ASN B 258 -26.28 -51.82 -2.08
CA ASN B 258 -26.97 -51.53 -0.83
C ASN B 258 -26.08 -50.72 0.11
N ASP B 259 -24.79 -51.06 0.18
CA ASP B 259 -23.88 -50.32 1.04
C ASP B 259 -23.52 -48.96 0.44
N VAL B 260 -23.57 -48.82 -0.89
CA VAL B 260 -23.43 -47.49 -1.48
C VAL B 260 -24.51 -46.57 -0.96
N ARG B 261 -25.74 -47.07 -0.90
CA ARG B 261 -26.85 -46.28 -0.36
C ARG B 261 -26.62 -45.95 1.12
N ILE B 262 -26.18 -46.93 1.91
CA ILE B 262 -26.01 -46.70 3.35
C ILE B 262 -24.89 -45.69 3.60
N TYR B 263 -23.74 -45.89 2.96
CA TYR B 263 -22.64 -44.94 3.13
C TYR B 263 -23.01 -43.57 2.58
N GLY B 264 -23.71 -43.52 1.45
CA GLY B 264 -24.06 -42.25 0.86
C GLY B 264 -24.93 -41.41 1.77
N GLU B 265 -25.97 -42.02 2.34
CA GLU B 265 -26.84 -41.29 3.26
C GLU B 265 -26.11 -40.92 4.54
N SER B 266 -25.26 -41.82 5.05
CA SER B 266 -24.48 -41.50 6.23
C SER B 266 -23.57 -40.31 5.99
N ALA B 267 -23.03 -40.19 4.78
CA ALA B 267 -22.18 -39.04 4.45
C ALA B 267 -22.97 -37.74 4.48
N ILE B 268 -24.12 -37.71 3.78
CA ILE B 268 -24.92 -36.50 3.72
C ILE B 268 -25.44 -36.12 5.09
N ASP B 269 -25.85 -37.11 5.88
CA ASP B 269 -26.43 -36.83 7.18
C ASP B 269 -25.44 -36.10 8.09
N ASN B 270 -24.15 -36.40 7.94
CA ASN B 270 -23.10 -35.82 8.75
C ASN B 270 -22.38 -34.67 8.05
N ALA B 271 -22.95 -34.14 6.97
CA ALA B 271 -22.22 -33.23 6.11
C ALA B 271 -21.85 -31.95 6.84
N PRO B 272 -20.77 -31.29 6.45
CA PRO B 272 -20.39 -30.02 7.10
C PRO B 272 -21.37 -28.92 6.75
N GLY B 273 -21.46 -27.93 7.64
CA GLY B 273 -22.38 -26.83 7.45
C GLY B 273 -21.92 -25.75 6.49
N ALA B 274 -20.68 -25.82 6.00
CA ALA B 274 -20.08 -24.78 5.18
C ALA B 274 -19.82 -25.33 3.78
N PHE B 275 -20.30 -24.61 2.76
CA PHE B 275 -20.06 -25.00 1.38
C PHE B 275 -18.61 -24.86 0.95
N ALA B 276 -17.77 -24.14 1.69
CA ALA B 276 -16.37 -24.05 1.30
C ALA B 276 -15.63 -25.38 1.47
N ASP B 277 -16.16 -26.29 2.28
CA ASP B 277 -15.53 -27.58 2.46
C ASP B 277 -15.61 -28.36 1.14
N PRO B 278 -14.50 -28.98 0.66
CA PRO B 278 -14.54 -29.69 -0.62
C PRO B 278 -15.56 -30.83 -0.69
N PHE B 279 -16.05 -31.29 0.47
CA PHE B 279 -17.05 -32.36 0.50
C PHE B 279 -18.22 -32.05 -0.42
N TRP B 280 -18.69 -30.81 -0.41
CA TRP B 280 -19.90 -30.48 -1.16
C TRP B 280 -19.66 -30.55 -2.66
N ASP B 281 -18.46 -30.18 -3.12
CA ASP B 281 -18.13 -30.34 -4.53
C ASP B 281 -17.99 -31.81 -4.89
N GLU B 282 -17.36 -32.59 -4.02
CA GLU B 282 -17.14 -34.01 -4.30
C GLU B 282 -18.46 -34.77 -4.27
N LEU B 283 -19.40 -34.36 -3.42
CA LEU B 283 -20.71 -35.00 -3.39
C LEU B 283 -21.46 -34.79 -4.70
N VAL B 284 -21.44 -33.56 -5.23
CA VAL B 284 -22.14 -33.29 -6.49
C VAL B 284 -21.51 -34.10 -7.62
N GLU B 285 -20.18 -34.21 -7.62
CA GLU B 285 -19.52 -35.01 -8.65
C GLU B 285 -19.86 -36.49 -8.50
N PHE B 286 -20.06 -36.94 -7.25
CA PHE B 286 -20.48 -38.32 -7.03
C PHE B 286 -21.87 -38.57 -7.60
N ILE B 287 -22.80 -37.64 -7.36
CA ILE B 287 -24.14 -37.76 -7.93
C ILE B 287 -24.06 -37.75 -9.45
N ARG B 288 -23.30 -36.81 -10.00
CA ARG B 288 -23.23 -36.66 -11.45
C ARG B 288 -22.51 -37.84 -12.10
N MET B 289 -21.60 -38.48 -11.36
CA MET B 289 -20.94 -39.67 -11.89
C MET B 289 -21.89 -40.85 -11.91
N LEU B 290 -22.69 -41.02 -10.85
CA LEU B 290 -23.69 -42.09 -10.83
C LEU B 290 -24.69 -41.90 -11.97
N ARG B 291 -25.05 -40.66 -12.25
CA ARG B 291 -25.99 -40.37 -13.32
C ARG B 291 -25.43 -40.75 -14.68
N ASN B 292 -24.19 -40.35 -14.96
CA ASN B 292 -23.63 -40.61 -16.28
C ASN B 292 -23.33 -42.09 -16.49
N LYS B 293 -23.11 -42.84 -15.41
CA LYS B 293 -23.08 -44.29 -15.49
C LYS B 293 -24.49 -44.89 -15.53
N LYS B 294 -25.52 -44.05 -15.48
CA LYS B 294 -26.91 -44.46 -15.64
C LYS B 294 -27.33 -45.46 -14.56
N SER B 295 -26.83 -45.26 -13.34
CA SER B 295 -27.39 -45.91 -12.17
C SER B 295 -28.71 -45.24 -11.79
N GLU B 296 -29.45 -45.92 -10.91
CA GLU B 296 -30.65 -45.35 -10.32
C GLU B 296 -30.41 -44.79 -8.92
N LEU B 297 -29.20 -44.93 -8.38
CA LEU B 297 -28.92 -44.45 -7.03
C LEU B 297 -28.84 -42.92 -6.97
N TRP B 298 -28.50 -42.28 -8.08
CA TRP B 298 -28.26 -40.84 -8.06
C TRP B 298 -29.53 -40.07 -7.70
N LYS B 299 -30.70 -40.60 -8.06
CA LYS B 299 -31.94 -39.88 -7.80
C LYS B 299 -32.17 -39.73 -6.30
N GLU B 300 -32.02 -40.82 -5.55
CA GLU B 300 -32.21 -40.79 -4.11
C GLU B 300 -31.20 -39.87 -3.44
N ILE B 301 -29.93 -39.99 -3.84
CA ILE B 301 -28.86 -39.24 -3.18
C ILE B 301 -28.98 -37.76 -3.49
N ALA B 302 -29.41 -37.41 -4.71
CA ALA B 302 -29.61 -36.00 -5.05
C ALA B 302 -30.71 -35.39 -4.19
N ILE B 303 -31.82 -36.10 -4.02
CA ILE B 303 -32.94 -35.58 -3.24
C ILE B 303 -32.51 -35.39 -1.79
N LYS B 304 -31.79 -36.36 -1.23
CA LYS B 304 -31.30 -36.23 0.14
C LYS B 304 -30.33 -35.06 0.27
N ALA B 305 -29.46 -34.88 -0.72
CA ALA B 305 -28.52 -33.77 -0.66
C ALA B 305 -29.23 -32.43 -0.69
N TRP B 306 -30.24 -32.28 -1.57
CA TRP B 306 -31.01 -31.05 -1.62
C TRP B 306 -31.65 -30.75 -0.27
N ASP B 307 -32.25 -31.77 0.36
CA ASP B 307 -32.92 -31.57 1.64
C ASP B 307 -31.96 -31.03 2.69
N LYS B 308 -30.70 -31.44 2.62
CA LYS B 308 -29.70 -30.98 3.57
C LYS B 308 -29.19 -29.57 3.26
N CYS B 309 -29.21 -29.15 1.99
CA CYS B 309 -28.62 -27.86 1.62
C CYS B 309 -29.47 -26.66 2.02
N ARG B 310 -30.66 -26.88 2.57
CA ARG B 310 -31.51 -25.78 3.01
C ARG B 310 -31.00 -25.17 4.31
N GLU B 311 -29.89 -24.44 4.22
CA GLU B 311 -29.25 -23.77 5.36
C GLU B 311 -29.01 -22.32 4.99
N LYS B 312 -29.38 -21.40 5.87
CA LYS B 312 -29.67 -20.02 5.48
C LYS B 312 -29.71 -19.13 6.71
N GLU B 313 -29.91 -17.84 6.46
CA GLU B 313 -30.10 -16.83 7.49
C GLU B 313 -31.36 -16.02 7.19
N MET B 314 -32.13 -15.72 8.24
CA MET B 314 -33.18 -14.71 8.15
C MET B 314 -32.61 -13.33 8.45
N LYS B 315 -32.94 -12.35 7.61
CA LYS B 315 -32.74 -10.96 7.98
C LYS B 315 -34.01 -10.42 8.64
N VAL B 316 -33.90 -9.21 9.19
CA VAL B 316 -35.09 -8.51 9.66
C VAL B 316 -35.98 -8.23 8.46
N GLY B 317 -37.29 -8.32 8.68
CA GLY B 317 -38.24 -8.48 7.60
C GLY B 317 -38.68 -9.92 7.56
N ASN B 318 -40.00 -10.13 7.61
CA ASN B 318 -40.54 -11.44 7.94
C ASN B 318 -40.20 -12.47 6.87
N ASN B 319 -40.00 -12.05 5.62
CA ASN B 319 -40.00 -12.97 4.49
C ASN B 319 -38.68 -13.05 3.72
N ILE B 320 -37.62 -12.38 4.17
CA ILE B 320 -36.41 -12.22 3.36
C ILE B 320 -35.27 -13.03 3.98
N TYR B 321 -34.54 -13.75 3.13
CA TYR B 321 -33.49 -14.66 3.52
C TYR B 321 -32.19 -14.32 2.80
N LEU B 322 -31.09 -14.80 3.36
CA LEU B 322 -29.74 -14.55 2.85
C LEU B 322 -28.94 -15.83 2.93
N SER B 323 -28.04 -16.05 1.95
CA SER B 323 -27.21 -17.23 1.92
C SER B 323 -25.83 -16.90 1.37
N TRP B 324 -24.88 -17.78 1.65
CA TRP B 324 -23.53 -17.65 1.12
C TRP B 324 -23.41 -18.38 -0.23
N TYR B 325 -22.60 -17.82 -1.11
CA TYR B 325 -22.53 -18.31 -2.48
C TYR B 325 -21.77 -19.63 -2.56
N TRP B 326 -22.31 -20.55 -3.36
CA TRP B 326 -21.66 -21.80 -3.68
C TRP B 326 -21.87 -22.06 -5.16
N ALA B 327 -20.78 -22.37 -5.87
CA ALA B 327 -20.79 -22.35 -7.32
C ALA B 327 -21.63 -23.46 -7.94
N ARG B 328 -21.73 -24.61 -7.28
CA ARG B 328 -22.44 -25.76 -7.83
C ARG B 328 -23.80 -26.00 -7.20
N GLN B 329 -24.31 -25.04 -6.42
CA GLN B 329 -25.64 -25.21 -5.82
C GLN B 329 -26.71 -25.33 -6.89
N ARG B 330 -26.63 -24.50 -7.93
CA ARG B 330 -27.63 -24.54 -8.99
C ARG B 330 -27.64 -25.90 -9.69
N GLU B 331 -26.47 -26.50 -9.86
CA GLU B 331 -26.39 -27.82 -10.49
C GLU B 331 -27.06 -28.88 -9.61
N LEU B 332 -26.88 -28.80 -8.30
CA LEU B 332 -27.52 -29.76 -7.41
C LEU B 332 -29.04 -29.64 -7.45
N TYR B 333 -29.55 -28.40 -7.42
CA TYR B 333 -30.99 -28.22 -7.45
C TYR B 333 -31.58 -28.67 -8.77
N ASP B 334 -30.84 -28.49 -9.86
CA ASP B 334 -31.30 -29.02 -11.15
C ASP B 334 -31.41 -30.54 -11.10
N LEU B 335 -30.41 -31.20 -10.51
CA LEU B 335 -30.41 -32.65 -10.40
C LEU B 335 -31.54 -33.14 -9.51
N ALA B 336 -31.73 -32.48 -8.36
CA ALA B 336 -32.80 -32.90 -7.46
C ALA B 336 -34.17 -32.69 -8.10
N PHE B 337 -34.32 -31.62 -8.87
CA PHE B 337 -35.57 -31.41 -9.60
C PHE B 337 -35.82 -32.53 -10.60
N MET B 338 -34.77 -32.94 -11.32
CA MET B 338 -34.92 -34.01 -12.30
C MET B 338 -35.15 -35.36 -11.63
N ALA B 339 -34.55 -35.58 -10.45
CA ALA B 339 -34.75 -36.82 -9.74
C ALA B 339 -36.19 -36.98 -9.28
N GLN B 340 -36.78 -35.91 -8.75
CA GLN B 340 -38.11 -36.01 -8.14
C GLN B 340 -39.17 -36.17 -9.22
N ASP B 341 -40.11 -37.08 -8.99
CA ASP B 341 -41.18 -37.37 -9.95
C ASP B 341 -42.50 -36.73 -9.58
N GLY B 342 -42.78 -36.53 -8.30
CA GLY B 342 -44.02 -35.92 -7.87
C GLY B 342 -44.04 -34.43 -8.17
N ILE B 343 -45.07 -33.96 -8.86
CA ILE B 343 -45.11 -32.55 -9.27
C ILE B 343 -45.20 -31.66 -8.04
N GLU B 344 -45.98 -32.07 -7.04
CA GLU B 344 -46.07 -31.29 -5.81
C GLU B 344 -44.70 -31.17 -5.15
N LYS B 345 -43.92 -32.25 -5.18
CA LYS B 345 -42.59 -32.21 -4.59
C LYS B 345 -41.58 -31.50 -5.49
N LYS B 346 -41.78 -31.56 -6.81
CA LYS B 346 -40.99 -30.73 -7.71
C LYS B 346 -41.15 -29.26 -7.38
N THR B 347 -42.39 -28.83 -7.09
CA THR B 347 -42.64 -27.42 -6.80
C THR B 347 -41.87 -26.97 -5.57
N ARG B 348 -41.83 -27.81 -4.54
CA ARG B 348 -41.13 -27.45 -3.31
C ARG B 348 -39.63 -27.32 -3.54
N ILE B 349 -39.06 -28.13 -4.44
CA ILE B 349 -37.66 -27.94 -4.81
C ILE B 349 -37.47 -26.61 -5.53
N ALA B 350 -38.32 -26.35 -6.53
CA ALA B 350 -38.22 -25.09 -7.26
C ALA B 350 -38.47 -23.90 -6.35
N ASP B 351 -39.46 -24.00 -5.46
CA ASP B 351 -39.79 -22.89 -4.59
C ASP B 351 -38.66 -22.56 -3.62
N SER B 352 -37.76 -23.52 -3.35
CA SER B 352 -36.72 -23.30 -2.37
C SER B 352 -35.66 -22.30 -2.83
N LEU B 353 -35.54 -22.07 -4.13
CA LEU B 353 -34.57 -21.11 -4.65
C LEU B 353 -35.01 -19.66 -4.53
N LYS B 354 -36.31 -19.42 -4.34
CA LYS B 354 -36.88 -18.12 -4.62
C LYS B 354 -36.88 -17.21 -3.40
N SER B 355 -36.84 -15.91 -3.65
CA SER B 355 -36.85 -14.88 -2.61
C SER B 355 -35.71 -15.08 -1.61
N ARG B 356 -34.52 -15.35 -2.14
CA ARG B 356 -33.33 -15.56 -1.33
C ARG B 356 -32.13 -14.95 -2.05
N THR B 357 -31.38 -14.12 -1.35
CA THR B 357 -30.16 -13.54 -1.90
C THR B 357 -28.96 -14.42 -1.57
N THR B 358 -27.99 -14.42 -2.49
CA THR B 358 -26.72 -15.11 -2.31
C THR B 358 -25.60 -14.09 -2.44
N LEU B 359 -24.75 -14.00 -1.41
CA LEU B 359 -23.68 -13.02 -1.33
C LEU B 359 -22.36 -13.72 -1.12
N ARG B 360 -21.28 -13.01 -1.45
CA ARG B 360 -19.92 -13.46 -1.20
C ARG B 360 -19.38 -12.81 0.08
N ILE B 361 -18.27 -13.36 0.55
CA ILE B 361 -17.66 -12.89 1.80
C ILE B 361 -17.15 -11.45 1.69
N GLN B 362 -17.13 -10.88 0.49
CA GLN B 362 -16.91 -9.44 0.36
C GLN B 362 -18.14 -8.67 0.81
N GLU B 363 -19.30 -8.99 0.23
CA GLU B 363 -20.52 -8.25 0.55
C GLU B 363 -21.07 -8.61 1.92
N LEU B 364 -20.80 -9.82 2.41
CA LEU B 364 -21.22 -10.15 3.77
C LEU B 364 -20.52 -9.26 4.79
N ASN B 365 -19.29 -8.85 4.51
CA ASN B 365 -18.63 -7.88 5.39
C ASN B 365 -19.27 -6.50 5.28
N GLU B 366 -19.77 -6.13 4.09
CA GLU B 366 -20.43 -4.84 3.95
C GLU B 366 -21.68 -4.77 4.82
N LEU B 367 -22.46 -5.85 4.85
CA LEU B 367 -23.62 -5.89 5.72
C LEU B 367 -23.21 -5.89 7.18
N ARG B 368 -22.11 -6.58 7.50
CA ARG B 368 -21.63 -6.59 8.87
C ARG B 368 -21.30 -5.19 9.35
N LYS B 369 -20.71 -4.36 8.48
CA LYS B 369 -20.43 -2.97 8.84
C LYS B 369 -21.72 -2.18 9.08
N ASP B 370 -22.71 -2.35 8.21
CA ASP B 370 -23.96 -1.59 8.37
C ASP B 370 -24.72 -2.06 9.61
N ALA B 371 -24.69 -3.35 9.90
CA ALA B 371 -25.29 -3.84 11.13
C ALA B 371 -24.60 -3.24 12.35
N HIS B 372 -23.27 -3.11 12.29
CA HIS B 372 -22.55 -2.46 13.37
C HIS B 372 -22.95 -1.00 13.50
N ARG B 373 -23.08 -0.31 12.37
CA ARG B 373 -23.44 1.11 12.38
C ARG B 373 -24.80 1.33 13.04
N LYS B 374 -25.71 0.37 12.87
CA LYS B 374 -27.02 0.40 13.51
C LYS B 374 -27.05 -0.32 14.85
N GLN B 375 -25.92 -0.88 15.29
CA GLN B 375 -25.84 -1.54 16.59
C GLN B 375 -26.86 -2.67 16.73
N ASN B 376 -26.89 -3.54 15.72
CA ASN B 376 -27.91 -4.58 15.61
C ASN B 376 -27.26 -5.95 15.81
N ARG B 377 -27.94 -6.81 16.58
CA ARG B 377 -27.37 -8.08 16.98
C ARG B 377 -27.37 -9.12 15.86
N ARG B 378 -27.90 -8.79 14.69
CA ARG B 378 -27.64 -9.60 13.48
C ARG B 378 -26.16 -9.61 13.13
N LEU B 379 -25.38 -8.67 13.67
CA LEU B 379 -23.93 -8.71 13.50
C LEU B 379 -23.34 -10.05 13.92
N GLU B 380 -23.91 -10.68 14.95
CA GLU B 380 -23.38 -11.97 15.40
C GLU B 380 -23.71 -13.09 14.44
N ASP B 381 -24.77 -12.94 13.64
CA ASP B 381 -25.06 -13.93 12.61
C ASP B 381 -23.99 -13.95 11.53
N LYS B 382 -23.17 -12.91 11.44
CA LYS B 382 -22.01 -12.92 10.56
C LYS B 382 -20.82 -13.67 11.14
N LEU B 383 -21.06 -14.53 12.13
CA LEU B 383 -20.21 -15.69 12.37
C LEU B 383 -20.21 -16.66 11.19
N ASP B 384 -21.09 -16.44 10.19
CA ASP B 384 -21.04 -17.20 8.95
C ASP B 384 -19.67 -17.11 8.28
N ARG B 385 -18.93 -16.03 8.55
CA ARG B 385 -17.55 -15.91 8.07
C ARG B 385 -16.62 -16.99 8.61
N ILE B 386 -17.11 -17.87 9.49
CA ILE B 386 -16.45 -19.15 9.76
C ILE B 386 -16.11 -19.88 8.47
N ILE B 387 -16.89 -19.64 7.40
CA ILE B 387 -16.62 -20.24 6.09
C ILE B 387 -15.20 -19.98 5.62
N GLU B 388 -14.59 -18.88 6.07
CA GLU B 388 -13.20 -18.62 5.69
C GLU B 388 -12.25 -19.62 6.35
N GLN B 389 -12.61 -20.16 7.51
CA GLN B 389 -11.80 -21.14 8.21
C GLN B 389 -12.12 -22.57 7.80
N GLU B 390 -12.90 -22.77 6.74
CA GLU B 390 -13.29 -24.09 6.27
C GLU B 390 -12.66 -24.45 4.93
N ASN B 391 -11.75 -23.61 4.41
CA ASN B 391 -11.19 -23.86 3.09
C ASN B 391 -10.33 -25.12 3.05
N GLU B 392 -9.70 -25.47 4.17
CA GLU B 392 -8.68 -26.53 4.20
C GLU B 392 -9.29 -27.83 4.73
N ALA B 393 -9.44 -28.82 3.86
CA ALA B 393 -9.55 -30.21 4.30
C ALA B 393 -8.19 -30.82 4.61
N ARG B 394 -7.12 -30.17 4.17
CA ARG B 394 -5.77 -30.70 4.33
C ARG B 394 -5.41 -30.96 5.79
N ASP B 395 -5.90 -30.12 6.70
CA ASP B 395 -5.54 -30.29 8.10
C ASP B 395 -6.11 -31.56 8.71
N GLY B 396 -7.15 -32.14 8.11
CA GLY B 396 -7.87 -33.20 8.78
C GLY B 396 -8.56 -32.72 10.04
N ALA B 397 -8.97 -31.46 10.08
CA ALA B 397 -9.58 -30.86 11.25
C ALA B 397 -10.95 -31.48 11.52
N ARG B 411 -38.12 -23.38 8.55
CA ARG B 411 -39.17 -22.65 7.84
C ARG B 411 -40.43 -23.50 7.70
N GLU B 412 -41.58 -22.89 7.97
CA GLU B 412 -42.85 -23.54 7.72
C GLU B 412 -43.06 -23.73 6.22
N GLU B 413 -43.68 -24.84 5.86
CA GLU B 413 -44.07 -25.12 4.49
C GLU B 413 -45.55 -24.76 4.39
N ILE B 414 -45.86 -23.84 3.48
CA ILE B 414 -47.24 -23.38 3.29
C ILE B 414 -47.97 -24.43 2.46
N PRO B 415 -49.04 -25.05 2.95
CA PRO B 415 -49.78 -25.98 2.09
C PRO B 415 -50.38 -25.27 0.88
N PHE B 416 -50.34 -25.94 -0.27
CA PHE B 416 -51.03 -25.42 -1.45
C PHE B 416 -52.53 -25.41 -1.28
N ALA B 417 -53.06 -26.12 -0.29
CA ALA B 417 -54.50 -26.11 -0.05
C ALA B 417 -55.03 -24.77 0.44
N ARG B 418 -54.16 -23.85 0.85
CA ARG B 418 -54.62 -22.55 1.33
C ARG B 418 -55.00 -21.60 0.20
N LEU B 419 -54.72 -21.97 -1.05
CA LEU B 419 -55.16 -21.15 -2.17
C LEU B 419 -56.68 -21.20 -2.26
N PRO B 420 -57.38 -20.06 -2.38
CA PRO B 420 -58.83 -20.11 -2.56
C PRO B 420 -59.19 -20.81 -3.87
N GLN B 421 -60.34 -21.50 -3.86
CA GLN B 421 -60.67 -22.42 -4.95
C GLN B 421 -60.95 -21.72 -6.27
N ASN B 422 -61.27 -20.43 -6.25
CA ASN B 422 -61.59 -19.73 -7.50
C ASN B 422 -60.34 -19.33 -8.29
N TRP B 423 -59.14 -19.68 -7.83
CA TRP B 423 -57.89 -19.27 -8.45
C TRP B 423 -57.20 -20.42 -9.18
N ILE B 424 -56.21 -20.03 -9.99
CA ILE B 424 -55.25 -20.94 -10.61
C ILE B 424 -53.87 -20.42 -10.24
N ALA B 425 -52.94 -21.35 -9.97
CA ALA B 425 -51.57 -21.01 -9.62
C ALA B 425 -50.60 -21.66 -10.58
N VAL B 426 -49.65 -20.88 -11.10
CA VAL B 426 -48.66 -21.33 -12.06
C VAL B 426 -47.28 -21.12 -11.44
N HIS B 427 -46.51 -22.19 -11.28
CA HIS B 427 -45.19 -22.17 -10.68
C HIS B 427 -44.16 -22.46 -11.76
N PHE B 428 -43.18 -21.57 -11.92
CA PHE B 428 -42.14 -21.72 -12.94
C PHE B 428 -40.82 -22.19 -12.34
N TYR B 429 -40.09 -22.97 -13.14
CA TYR B 429 -38.71 -23.34 -12.88
C TYR B 429 -37.96 -23.41 -14.20
N LEU B 430 -36.72 -22.89 -14.21
CA LEU B 430 -35.86 -22.90 -15.39
C LEU B 430 -34.66 -23.77 -15.07
N ASN B 431 -34.60 -24.95 -15.69
CA ASN B 431 -33.55 -25.94 -15.43
C ASN B 431 -32.42 -25.72 -16.43
N GLU B 432 -31.35 -25.09 -15.98
CA GLU B 432 -30.24 -24.77 -16.88
C GLU B 432 -29.51 -26.03 -17.35
N LEU B 433 -29.27 -26.96 -16.43
CA LEU B 433 -28.62 -28.22 -16.82
C LEU B 433 -29.42 -28.94 -17.87
N GLU B 434 -30.73 -29.08 -17.65
CA GLU B 434 -31.59 -29.74 -18.62
C GLU B 434 -31.63 -29.00 -19.94
N SER B 435 -31.46 -27.67 -19.90
CA SER B 435 -31.42 -26.88 -21.13
C SER B 435 -30.11 -27.08 -21.88
N HIS B 436 -28.98 -27.03 -21.17
CA HIS B 436 -27.68 -27.11 -21.83
C HIS B 436 -27.37 -28.52 -22.31
N GLU B 437 -28.02 -29.54 -21.74
CA GLU B 437 -28.01 -30.87 -22.31
C GLU B 437 -28.90 -30.99 -23.56
N GLY B 438 -29.52 -29.90 -24.01
CA GLY B 438 -30.29 -29.87 -25.23
C GLY B 438 -31.77 -30.12 -25.08
N GLY B 439 -32.27 -30.28 -23.86
CA GLY B 439 -33.68 -30.55 -23.63
C GLY B 439 -34.49 -29.29 -23.42
N LYS B 440 -35.80 -29.50 -23.23
CA LYS B 440 -36.73 -28.43 -22.87
C LYS B 440 -36.65 -28.24 -21.36
N GLY B 441 -35.84 -27.26 -20.95
CA GLY B 441 -35.57 -27.04 -19.54
C GLY B 441 -36.53 -26.12 -18.82
N GLY B 442 -37.43 -25.44 -19.53
CA GLY B 442 -38.42 -24.59 -18.89
C GLY B 442 -39.62 -25.43 -18.46
N HIS B 443 -40.09 -25.19 -17.24
CA HIS B 443 -41.19 -25.95 -16.65
C HIS B 443 -42.22 -25.00 -16.04
N ALA B 444 -43.50 -25.26 -16.32
CA ALA B 444 -44.61 -24.54 -15.71
C ALA B 444 -45.48 -25.57 -15.00
N LEU B 445 -45.51 -25.49 -13.67
CA LEU B 445 -46.24 -26.44 -12.84
C LEU B 445 -47.55 -25.77 -12.42
N ILE B 446 -48.66 -26.21 -13.02
CA ILE B 446 -49.94 -25.55 -12.90
C ILE B 446 -50.80 -26.31 -11.90
N TYR B 447 -51.39 -25.58 -10.95
CA TYR B 447 -52.17 -26.15 -9.86
C TYR B 447 -53.60 -25.63 -9.93
N ASP B 448 -54.55 -26.56 -9.95
CA ASP B 448 -55.98 -26.24 -9.99
C ASP B 448 -56.62 -26.79 -8.73
N PRO B 449 -57.12 -25.94 -7.81
CA PRO B 449 -57.63 -26.47 -6.54
C PRO B 449 -59.01 -27.11 -6.61
N GLN B 450 -59.70 -27.07 -7.76
CA GLN B 450 -61.06 -27.59 -7.84
C GLN B 450 -61.13 -29.05 -8.30
N LYS B 451 -60.04 -29.61 -8.81
CA LYS B 451 -60.09 -30.93 -9.42
C LYS B 451 -59.84 -32.02 -8.39
N ALA B 452 -60.15 -33.26 -8.78
CA ALA B 452 -59.93 -34.41 -7.91
C ALA B 452 -58.45 -34.52 -7.54
N GLU B 453 -58.20 -35.12 -6.38
CA GLU B 453 -56.91 -34.98 -5.72
C GLU B 453 -55.74 -35.50 -6.55
N LYS B 454 -55.97 -36.42 -7.50
CA LYS B 454 -54.90 -36.87 -8.38
C LYS B 454 -54.81 -36.09 -9.69
N ASP B 455 -55.72 -35.15 -9.96
CA ASP B 455 -55.74 -34.42 -11.21
C ASP B 455 -55.46 -32.93 -11.06
N GLN B 456 -55.02 -32.49 -9.87
CA GLN B 456 -54.90 -31.06 -9.61
C GLN B 456 -53.66 -30.46 -10.26
N TRP B 457 -52.60 -31.25 -10.46
CA TRP B 457 -51.30 -30.74 -10.89
C TRP B 457 -51.02 -31.14 -12.33
N GLN B 458 -50.50 -30.19 -13.11
CA GLN B 458 -50.00 -30.43 -14.45
C GLN B 458 -48.56 -29.92 -14.55
N ASP B 459 -47.78 -30.57 -15.41
CA ASP B 459 -46.35 -30.26 -15.58
C ASP B 459 -46.13 -30.04 -17.08
N LYS B 460 -46.17 -28.78 -17.49
CA LYS B 460 -46.03 -28.39 -18.89
C LYS B 460 -44.64 -27.81 -19.09
N SER B 461 -43.92 -28.29 -20.11
CA SER B 461 -42.53 -27.94 -20.33
C SER B 461 -42.36 -27.19 -21.64
N PHE B 462 -41.35 -26.31 -21.68
CA PHE B 462 -41.14 -25.43 -22.81
C PHE B 462 -39.66 -25.07 -22.91
N ASP B 463 -39.27 -24.58 -24.09
CA ASP B 463 -37.91 -24.16 -24.37
C ASP B 463 -37.85 -22.63 -24.32
N TYR B 464 -37.00 -22.09 -23.45
CA TYR B 464 -36.91 -20.66 -23.22
C TYR B 464 -35.71 -20.00 -23.86
N LYS B 465 -34.93 -20.71 -24.69
CA LYS B 465 -33.71 -20.13 -25.23
C LYS B 465 -34.01 -18.95 -26.14
N GLU B 466 -35.01 -19.10 -27.04
CA GLU B 466 -35.32 -18.00 -27.93
C GLU B 466 -36.09 -16.90 -27.23
N LEU B 467 -36.89 -17.26 -26.22
CA LEU B 467 -37.56 -16.24 -25.41
C LEU B 467 -36.54 -15.42 -24.63
N HIS B 468 -35.49 -16.07 -24.12
CA HIS B 468 -34.46 -15.33 -23.40
C HIS B 468 -33.69 -14.40 -24.32
N ARG B 469 -33.35 -14.86 -25.52
CA ARG B 469 -32.66 -14.02 -26.49
C ARG B 469 -33.47 -12.79 -26.85
N LYS B 470 -34.77 -12.97 -27.11
CA LYS B 470 -35.60 -11.83 -27.44
C LYS B 470 -35.76 -10.89 -26.25
N PHE B 471 -35.66 -11.40 -25.03
CA PHE B 471 -35.66 -10.50 -23.87
C PHE B 471 -34.40 -9.64 -23.85
N LEU B 472 -33.23 -10.26 -23.98
CA LEU B 472 -31.99 -9.49 -24.00
C LEU B 472 -31.99 -8.48 -25.14
N GLU B 473 -32.60 -8.85 -26.26
CA GLU B 473 -32.64 -7.94 -27.41
C GLU B 473 -33.51 -6.74 -27.12
N TRP B 474 -34.65 -6.94 -26.46
CA TRP B 474 -35.44 -5.80 -26.00
C TRP B 474 -34.67 -4.98 -24.98
N GLN B 475 -34.02 -5.66 -24.04
CA GLN B 475 -33.45 -4.98 -22.89
C GLN B 475 -32.38 -3.98 -23.31
N GLU B 476 -31.52 -4.35 -24.26
CA GLU B 476 -30.52 -3.41 -24.75
C GLU B 476 -31.17 -2.25 -25.48
N ASN B 477 -32.16 -2.52 -26.33
CA ASN B 477 -32.87 -1.44 -27.01
C ASN B 477 -33.59 -0.54 -26.02
N TYR B 478 -34.09 -1.11 -24.92
CA TYR B 478 -34.70 -0.30 -23.88
C TYR B 478 -33.69 0.59 -23.18
N ILE B 479 -32.53 0.04 -22.83
CA ILE B 479 -31.53 0.79 -22.07
C ILE B 479 -31.01 1.96 -22.90
N LEU B 480 -30.91 1.79 -24.22
CA LEU B 480 -30.41 2.86 -25.08
C LEU B 480 -31.50 3.85 -25.51
N ASN B 481 -32.77 3.43 -25.55
CA ASN B 481 -33.81 4.26 -26.16
C ASN B 481 -35.11 4.38 -25.38
N GLU B 482 -35.28 3.63 -24.28
CA GLU B 482 -36.55 3.62 -23.55
C GLU B 482 -37.72 3.33 -24.50
N GLU B 483 -38.60 4.31 -24.75
CA GLU B 483 -39.81 4.03 -25.52
C GLU B 483 -39.53 3.66 -26.96
N GLY B 484 -38.32 3.93 -27.47
CA GLY B 484 -37.95 3.46 -28.79
C GLY B 484 -37.93 1.94 -28.90
N SER B 485 -37.90 1.23 -27.77
CA SER B 485 -37.85 -0.22 -27.76
C SER B 485 -39.22 -0.88 -27.90
N ALA B 486 -40.27 -0.10 -28.17
CA ALA B 486 -41.63 -0.64 -28.07
C ALA B 486 -41.85 -1.81 -29.02
N ASP B 487 -41.29 -1.74 -30.23
CA ASP B 487 -41.47 -2.84 -31.18
C ASP B 487 -40.81 -4.12 -30.67
N PHE B 488 -39.66 -4.02 -30.01
CA PHE B 488 -39.04 -5.19 -29.44
C PHE B 488 -39.83 -5.74 -28.26
N LEU B 489 -40.48 -4.87 -27.49
CA LEU B 489 -41.39 -5.35 -26.46
C LEU B 489 -42.55 -6.12 -27.08
N VAL B 490 -43.17 -5.56 -28.11
CA VAL B 490 -44.29 -6.22 -28.79
C VAL B 490 -43.86 -7.57 -29.33
N THR B 491 -42.66 -7.64 -29.94
CA THR B 491 -42.17 -8.93 -30.43
C THR B 491 -41.93 -9.89 -29.28
N LEU B 492 -41.43 -9.39 -28.15
CA LEU B 492 -41.20 -10.24 -26.99
C LEU B 492 -42.51 -10.84 -26.47
N CYS B 493 -43.57 -10.04 -26.41
CA CYS B 493 -44.83 -10.53 -25.87
C CYS B 493 -45.41 -11.66 -26.71
N ARG B 494 -45.10 -11.69 -28.00
CA ARG B 494 -45.54 -12.82 -28.82
C ARG B 494 -44.70 -14.06 -28.57
N GLU B 495 -43.44 -13.90 -28.18
CA GLU B 495 -42.62 -15.06 -27.82
C GLU B 495 -43.11 -15.73 -26.55
N ILE B 496 -43.71 -14.98 -25.62
CA ILE B 496 -44.25 -15.58 -24.42
C ILE B 496 -45.33 -16.59 -24.79
N GLU B 497 -46.20 -16.21 -25.73
CA GLU B 497 -47.24 -17.14 -26.20
C GLU B 497 -46.63 -18.27 -27.01
N LYS B 498 -45.68 -17.97 -27.90
CA LYS B 498 -45.06 -19.01 -28.70
C LYS B 498 -44.32 -20.03 -27.84
N ALA B 499 -43.65 -19.56 -26.78
CA ALA B 499 -42.99 -20.48 -25.87
C ALA B 499 -43.99 -21.21 -24.99
N MET B 500 -45.13 -20.60 -24.70
CA MET B 500 -46.13 -21.16 -23.79
C MET B 500 -47.51 -21.11 -24.43
N PRO B 501 -47.78 -21.95 -25.43
CA PRO B 501 -49.14 -21.98 -26.00
C PRO B 501 -50.21 -22.36 -24.99
N PHE B 502 -49.85 -23.16 -23.98
CA PHE B 502 -50.81 -23.63 -22.98
C PHE B 502 -51.44 -22.52 -22.15
N LEU B 503 -50.89 -21.30 -22.18
CA LEU B 503 -51.55 -20.20 -21.47
C LEU B 503 -52.90 -19.86 -22.10
N PHE B 504 -53.09 -20.16 -23.38
CA PHE B 504 -54.33 -19.86 -24.09
C PHE B 504 -55.20 -21.09 -24.34
N LYS B 505 -54.97 -22.18 -23.62
CA LYS B 505 -55.80 -23.38 -23.72
C LYS B 505 -56.68 -23.47 -22.48
N SER B 506 -57.98 -23.64 -22.69
CA SER B 506 -58.92 -23.78 -21.58
C SER B 506 -58.70 -25.07 -20.81
N GLU B 507 -58.07 -26.08 -21.42
CA GLU B 507 -57.79 -27.32 -20.72
C GLU B 507 -56.67 -27.21 -19.71
N VAL B 508 -55.92 -26.11 -19.72
CA VAL B 508 -54.84 -25.88 -18.77
C VAL B 508 -55.15 -24.72 -17.83
N ILE B 509 -55.73 -23.65 -18.33
CA ILE B 509 -56.16 -22.51 -17.52
C ILE B 509 -57.64 -22.27 -17.84
N PRO B 510 -58.57 -22.82 -17.05
CA PRO B 510 -60.00 -22.64 -17.36
C PRO B 510 -60.39 -21.17 -17.49
N GLU B 511 -61.55 -20.94 -18.13
CA GLU B 511 -61.78 -19.72 -18.89
C GLU B 511 -61.76 -18.45 -18.05
N ASP B 512 -62.39 -18.47 -16.88
CA ASP B 512 -62.70 -17.24 -16.15
C ASP B 512 -61.84 -16.99 -14.92
N ARG B 513 -61.15 -17.99 -14.42
CA ARG B 513 -60.60 -17.92 -13.08
C ARG B 513 -59.30 -17.10 -13.05
N PRO B 514 -59.10 -16.26 -12.03
CA PRO B 514 -57.85 -15.51 -11.92
C PRO B 514 -56.64 -16.42 -11.78
N VAL B 515 -55.49 -15.92 -12.23
CA VAL B 515 -54.23 -16.66 -12.23
C VAL B 515 -53.28 -16.01 -11.24
N LEU B 516 -52.59 -16.83 -10.46
CA LEU B 516 -51.49 -16.39 -9.60
C LEU B 516 -50.18 -16.86 -10.23
N TRP B 517 -49.25 -15.92 -10.44
CA TRP B 517 -47.95 -16.21 -11.02
C TRP B 517 -46.91 -16.30 -9.92
N ILE B 518 -46.07 -17.33 -9.98
CA ILE B 518 -44.89 -17.43 -9.12
C ILE B 518 -43.68 -17.69 -10.03
N PRO B 519 -43.12 -16.65 -10.68
CA PRO B 519 -42.07 -16.89 -11.68
C PRO B 519 -40.74 -17.34 -11.10
N HIS B 520 -39.77 -17.53 -12.00
CA HIS B 520 -38.40 -17.87 -11.64
C HIS B 520 -37.45 -17.19 -12.61
N GLY B 521 -36.32 -16.71 -12.08
CA GLY B 521 -35.29 -16.14 -12.94
C GLY B 521 -35.76 -14.93 -13.71
N PHE B 522 -35.34 -14.86 -14.98
CA PHE B 522 -35.67 -13.72 -15.83
C PHE B 522 -37.15 -13.62 -16.14
N LEU B 523 -37.94 -14.65 -15.85
CA LEU B 523 -39.39 -14.54 -16.01
C LEU B 523 -40.00 -13.50 -15.08
N HIS B 524 -39.31 -13.13 -14.00
CA HIS B 524 -39.80 -12.03 -13.17
C HIS B 524 -39.86 -10.73 -13.94
N ARG B 525 -39.03 -10.56 -14.96
CA ARG B 525 -38.95 -9.32 -15.72
C ARG B 525 -40.02 -9.21 -16.80
N LEU B 526 -40.69 -10.31 -17.14
CA LEU B 526 -41.59 -10.34 -18.30
C LEU B 526 -42.99 -9.91 -17.91
N PRO B 527 -43.75 -9.27 -18.82
CA PRO B 527 -45.19 -9.07 -18.58
C PRO B 527 -46.01 -10.29 -18.96
N LEU B 528 -45.96 -11.32 -18.11
CA LEU B 528 -46.70 -12.55 -18.37
C LEU B 528 -48.19 -12.28 -18.54
N HIS B 529 -48.71 -11.31 -17.81
CA HIS B 529 -50.13 -10.96 -17.91
C HIS B 529 -50.50 -10.34 -19.25
N ALA B 530 -49.52 -9.99 -20.09
CA ALA B 530 -49.78 -9.30 -21.36
C ALA B 530 -49.37 -10.14 -22.57
N ALA B 531 -49.27 -11.45 -22.41
CA ALA B 531 -48.90 -12.31 -23.53
C ALA B 531 -49.91 -12.19 -24.66
N MET B 532 -49.41 -12.23 -25.89
CA MET B 532 -50.18 -11.92 -27.09
C MET B 532 -50.28 -13.16 -27.97
N LYS B 533 -51.50 -13.52 -28.36
CA LYS B 533 -51.73 -14.56 -29.35
C LYS B 533 -52.01 -13.90 -30.70
N SER B 534 -51.28 -14.33 -31.72
CA SER B 534 -51.36 -13.67 -33.03
C SER B 534 -52.74 -13.85 -33.65
N GLY B 535 -53.20 -15.10 -33.76
CA GLY B 535 -54.50 -15.38 -34.32
C GLY B 535 -54.63 -14.89 -35.75
N ASN B 536 -55.87 -14.62 -36.15
CA ASN B 536 -56.12 -14.01 -37.45
C ASN B 536 -55.61 -12.57 -37.45
N ASN B 537 -55.16 -12.12 -38.62
CA ASN B 537 -54.43 -10.85 -38.70
C ASN B 537 -55.25 -9.67 -38.20
N SER B 538 -56.57 -9.75 -38.21
CA SER B 538 -57.43 -8.68 -37.72
C SER B 538 -57.87 -8.87 -36.27
N ASN B 539 -57.42 -9.93 -35.60
CA ASN B 539 -57.99 -10.34 -34.32
C ASN B 539 -56.91 -10.69 -33.29
N ILE B 540 -55.91 -9.83 -33.09
CA ILE B 540 -54.94 -10.08 -32.03
C ILE B 540 -55.65 -10.13 -30.69
N GLU B 541 -55.16 -11.00 -29.79
CA GLU B 541 -55.78 -11.27 -28.50
C GLU B 541 -54.71 -11.21 -27.42
N ILE B 542 -55.04 -10.58 -26.29
CA ILE B 542 -54.10 -10.35 -25.20
C ILE B 542 -54.60 -11.09 -23.95
N PHE B 543 -53.66 -11.58 -23.16
CA PHE B 543 -53.99 -12.45 -22.03
C PHE B 543 -54.89 -11.74 -21.00
N TRP B 544 -54.62 -10.48 -20.70
CA TRP B 544 -55.41 -9.81 -19.66
C TRP B 544 -56.88 -9.66 -20.04
N GLU B 545 -57.23 -9.85 -21.31
CA GLU B 545 -58.63 -9.85 -21.70
C GLU B 545 -59.36 -11.10 -21.23
N ARG B 546 -58.62 -12.16 -20.89
CA ARG B 546 -59.19 -13.43 -20.44
C ARG B 546 -59.19 -13.58 -18.92
N HIS B 547 -58.05 -13.29 -18.27
CA HIS B 547 -57.84 -13.58 -16.87
C HIS B 547 -57.30 -12.37 -16.14
N ALA B 548 -57.70 -12.21 -14.87
CA ALA B 548 -56.99 -11.32 -13.97
C ALA B 548 -55.72 -11.99 -13.46
N SER B 549 -54.82 -11.19 -12.89
CA SER B 549 -53.50 -11.69 -12.52
C SER B 549 -52.99 -11.04 -11.24
N ARG B 550 -52.22 -11.80 -10.49
CA ARG B 550 -51.37 -11.29 -9.42
C ARG B 550 -50.09 -12.10 -9.36
N TYR B 551 -49.06 -11.51 -8.76
CA TYR B 551 -47.73 -12.10 -8.69
C TYR B 551 -47.30 -12.28 -7.24
N LEU B 552 -46.47 -13.29 -7.01
CA LEU B 552 -45.74 -13.47 -5.76
C LEU B 552 -44.29 -13.80 -6.08
N PRO B 553 -43.32 -13.23 -5.35
CA PRO B 553 -41.93 -13.66 -5.56
C PRO B 553 -41.72 -15.13 -5.30
N ALA B 554 -42.37 -15.67 -4.27
CA ALA B 554 -42.28 -17.09 -3.95
C ALA B 554 -43.55 -17.51 -3.23
N TRP B 555 -43.82 -18.81 -3.25
CA TRP B 555 -45.04 -19.30 -2.62
C TRP B 555 -45.03 -19.15 -1.11
N HIS B 556 -43.86 -19.25 -0.47
CA HIS B 556 -43.79 -19.17 0.98
C HIS B 556 -44.05 -17.76 1.51
N LEU B 557 -44.21 -16.77 0.63
CA LEU B 557 -44.67 -15.44 1.04
C LEU B 557 -46.20 -15.37 1.19
N PHE B 558 -46.92 -16.42 0.83
CA PHE B 558 -48.37 -16.44 0.90
C PHE B 558 -48.82 -16.39 2.36
N ASP B 559 -49.43 -15.26 2.75
CA ASP B 559 -49.98 -15.10 4.10
C ASP B 559 -51.05 -14.02 4.06
N PRO B 560 -52.27 -14.37 3.65
CA PRO B 560 -53.32 -13.35 3.49
C PRO B 560 -53.70 -12.69 4.82
N ALA B 561 -54.09 -11.43 4.73
CA ALA B 561 -54.66 -10.69 5.85
C ALA B 561 -55.60 -9.61 5.33
N PRO B 562 -56.53 -9.12 6.16
CA PRO B 562 -57.38 -8.01 5.72
C PRO B 562 -56.62 -6.71 5.53
N TYR B 563 -57.25 -5.77 4.83
CA TYR B 563 -56.68 -4.46 4.57
C TYR B 563 -56.71 -3.58 5.82
N SER B 564 -55.87 -2.54 5.81
CA SER B 564 -55.81 -1.60 6.91
C SER B 564 -57.13 -0.86 7.06
N ARG B 565 -57.56 -0.67 8.31
CA ARG B 565 -58.87 -0.11 8.62
C ARG B 565 -58.74 1.38 8.93
N GLU B 566 -58.32 2.13 7.92
CA GLU B 566 -58.07 3.57 8.06
C GLU B 566 -58.62 4.30 6.84
N GLU B 567 -58.78 5.62 7.00
CA GLU B 567 -59.09 6.49 5.87
C GLU B 567 -57.86 7.13 5.26
N SER B 568 -56.73 7.12 5.96
CA SER B 568 -55.56 7.90 5.55
C SER B 568 -55.02 7.40 4.21
N SER B 569 -54.80 8.34 3.29
CA SER B 569 -54.02 8.10 2.09
C SER B 569 -52.87 9.10 2.07
N THR B 570 -51.66 8.61 1.81
CA THR B 570 -50.45 9.42 1.90
C THR B 570 -49.65 9.32 0.60
N LEU B 571 -49.14 10.45 0.15
CA LEU B 571 -48.30 10.54 -1.04
C LEU B 571 -46.97 11.14 -0.65
N LEU B 572 -45.89 10.36 -0.81
CA LEU B 572 -44.53 10.81 -0.56
C LEU B 572 -43.85 10.98 -1.91
N LYS B 573 -43.44 12.20 -2.21
CA LYS B 573 -42.83 12.53 -3.49
C LYS B 573 -41.45 13.14 -3.28
N ASN B 574 -40.52 12.73 -4.15
CA ASN B 574 -39.31 13.46 -4.46
C ASN B 574 -39.08 13.17 -5.94
N PHE B 575 -39.77 13.95 -6.77
CA PHE B 575 -39.79 13.73 -8.22
C PHE B 575 -40.14 15.09 -8.82
N GLU B 576 -39.11 15.87 -9.14
CA GLU B 576 -39.33 17.25 -9.53
C GLU B 576 -39.65 17.41 -11.01
N GLU B 577 -39.48 16.35 -11.80
CA GLU B 577 -39.66 16.45 -13.24
C GLU B 577 -41.12 16.68 -13.65
N TYR B 578 -42.07 16.32 -12.79
CA TYR B 578 -43.47 16.26 -13.19
C TYR B 578 -44.35 16.62 -12.00
N ASP B 579 -45.53 17.16 -12.32
CA ASP B 579 -46.59 17.42 -11.34
C ASP B 579 -47.75 16.48 -11.62
N PHE B 580 -48.08 15.64 -10.65
CA PHE B 580 -49.17 14.67 -10.78
C PHE B 580 -50.47 15.38 -10.42
N GLN B 581 -51.02 16.10 -11.41
CA GLN B 581 -52.15 16.97 -11.18
C GLN B 581 -53.39 16.22 -10.71
N ASN B 582 -53.54 14.95 -11.08
CA ASN B 582 -54.72 14.18 -10.69
C ASN B 582 -54.54 13.55 -9.31
N LEU B 583 -53.31 13.18 -8.95
CA LEU B 583 -53.05 12.64 -7.62
C LEU B 583 -52.97 13.75 -6.57
N GLU B 584 -52.27 14.83 -6.88
CA GLU B 584 -51.97 15.84 -5.87
C GLU B 584 -53.17 16.70 -5.49
N ASN B 585 -54.11 16.91 -6.41
CA ASN B 585 -55.30 17.70 -6.16
C ASN B 585 -56.45 16.79 -5.77
N GLY B 586 -56.35 16.21 -4.58
CA GLY B 586 -57.38 15.30 -4.12
C GLY B 586 -57.32 15.10 -2.62
N GLU B 587 -57.99 14.04 -2.16
CA GLU B 587 -58.10 13.73 -0.74
C GLU B 587 -56.88 12.98 -0.22
N ILE B 588 -55.69 13.55 -0.40
CA ILE B 588 -54.43 12.85 -0.11
C ILE B 588 -53.57 13.73 0.77
N GLU B 589 -52.83 13.08 1.67
CA GLU B 589 -51.77 13.73 2.45
C GLU B 589 -50.55 13.79 1.54
N VAL B 590 -50.30 14.95 0.94
CA VAL B 590 -49.30 15.11 -0.11
C VAL B 590 -48.08 15.81 0.47
N TYR B 591 -46.91 15.23 0.23
CA TYR B 591 -45.62 15.83 0.56
C TYR B 591 -44.82 15.93 -0.74
N ALA B 592 -44.58 17.16 -1.21
CA ALA B 592 -44.01 17.36 -2.53
C ALA B 592 -42.52 17.04 -2.53
N PRO B 593 -41.72 17.61 -1.63
CA PRO B 593 -40.43 17.02 -1.32
C PRO B 593 -40.55 16.11 -0.10
N SER B 594 -39.54 15.27 0.09
CA SER B 594 -39.55 14.35 1.22
C SER B 594 -38.13 13.90 1.53
N SER B 595 -37.95 13.40 2.75
CA SER B 595 -36.66 13.03 3.30
C SER B 595 -36.81 11.66 3.95
N PRO B 596 -35.71 10.93 4.16
CA PRO B 596 -35.86 9.59 4.75
C PRO B 596 -36.56 9.58 6.09
N LYS B 597 -36.42 10.63 6.90
CA LYS B 597 -37.14 10.66 8.17
C LYS B 597 -38.65 10.66 7.94
N LYS B 598 -39.13 11.40 6.94
CA LYS B 598 -40.57 11.39 6.67
C LYS B 598 -41.02 10.03 6.13
N VAL B 599 -40.19 9.37 5.33
CA VAL B 599 -40.54 8.03 4.86
C VAL B 599 -40.66 7.09 6.06
N LYS B 600 -39.70 7.16 6.97
CA LYS B 600 -39.74 6.32 8.17
C LYS B 600 -40.98 6.62 9.00
N GLU B 601 -41.32 7.90 9.14
CA GLU B 601 -42.46 8.30 9.96
C GLU B 601 -43.77 7.80 9.36
N ALA B 602 -43.92 7.93 8.03
CA ALA B 602 -45.20 7.61 7.39
C ALA B 602 -45.53 6.12 7.51
N ILE B 603 -44.53 5.25 7.41
CA ILE B 603 -44.77 3.80 7.51
C ILE B 603 -44.99 3.34 8.94
N ARG B 604 -45.02 4.25 9.91
CA ARG B 604 -45.43 3.93 11.27
C ARG B 604 -46.88 4.30 11.57
N GLU B 605 -47.64 4.72 10.56
CA GLU B 605 -49.02 5.14 10.73
C GLU B 605 -50.02 4.20 10.06
N ASN B 606 -49.57 3.14 9.40
CA ASN B 606 -50.44 2.16 8.75
C ASN B 606 -51.51 2.77 7.84
N PRO B 607 -51.11 3.51 6.79
CA PRO B 607 -52.11 4.12 5.90
C PRO B 607 -52.93 3.07 5.16
N ALA B 608 -54.15 3.47 4.78
CA ALA B 608 -54.92 2.65 3.87
C ALA B 608 -54.24 2.54 2.50
N ILE B 609 -53.73 3.67 2.00
CA ILE B 609 -52.99 3.70 0.74
C ILE B 609 -51.74 4.56 0.96
N LEU B 610 -50.61 4.09 0.45
CA LEU B 610 -49.35 4.84 0.47
C LEU B 610 -48.80 4.89 -0.94
N LEU B 611 -48.57 6.10 -1.45
CA LEU B 611 -47.94 6.32 -2.74
C LEU B 611 -46.53 6.85 -2.52
N LEU B 612 -45.58 6.29 -3.24
CA LEU B 612 -44.16 6.64 -3.10
C LEU B 612 -43.60 6.88 -4.50
N LEU B 613 -43.37 8.14 -4.84
CA LEU B 613 -43.03 8.59 -6.20
C LEU B 613 -41.65 9.25 -6.18
N CYS B 614 -40.60 8.47 -6.45
CA CYS B 614 -39.25 9.00 -6.48
C CYS B 614 -38.33 8.06 -7.24
N HIS B 615 -37.13 8.55 -7.53
CA HIS B 615 -36.12 7.78 -8.25
C HIS B 615 -35.38 6.84 -7.29
N GLY B 616 -34.59 5.94 -7.89
CA GLY B 616 -33.71 5.07 -7.15
C GLY B 616 -32.59 4.59 -8.05
N GLU B 617 -31.55 4.04 -7.42
CA GLU B 617 -30.40 3.51 -8.14
C GLU B 617 -30.02 2.14 -7.60
N ALA B 618 -29.61 1.26 -8.49
CA ALA B 618 -29.21 -0.10 -8.12
C ALA B 618 -27.74 -0.15 -7.75
N ASP B 619 -27.39 -1.16 -6.96
CA ASP B 619 -26.01 -1.57 -6.75
C ASP B 619 -25.90 -2.99 -7.32
N MET B 620 -25.10 -3.15 -8.38
CA MET B 620 -25.02 -4.44 -9.05
C MET B 620 -24.38 -5.51 -8.18
N THR B 621 -23.49 -5.13 -7.27
CA THR B 621 -22.73 -6.09 -6.48
C THR B 621 -23.45 -6.53 -5.22
N ASN B 622 -24.26 -5.66 -4.62
CA ASN B 622 -24.87 -5.91 -3.32
C ASN B 622 -26.28 -5.34 -3.35
N PRO B 623 -27.32 -6.18 -3.51
CA PRO B 623 -28.68 -5.64 -3.64
C PRO B 623 -29.11 -4.76 -2.48
N PHE B 624 -28.68 -5.09 -1.26
CA PHE B 624 -29.16 -4.37 -0.09
C PHE B 624 -28.70 -2.92 -0.07
N ARG B 625 -27.63 -2.59 -0.79
CA ARG B 625 -27.16 -1.20 -0.88
C ARG B 625 -27.78 -0.44 -2.04
N SER B 626 -28.74 -1.02 -2.76
CA SER B 626 -29.59 -0.22 -3.64
C SER B 626 -30.42 0.74 -2.81
N CYS B 627 -30.69 1.93 -3.36
CA CYS B 627 -31.21 3.02 -2.56
C CYS B 627 -32.24 3.86 -3.29
N LEU B 628 -33.11 4.49 -2.50
CA LEU B 628 -34.08 5.47 -2.96
C LEU B 628 -33.48 6.87 -2.87
N LYS B 629 -33.85 7.74 -3.81
CA LYS B 629 -33.37 9.12 -3.85
C LYS B 629 -34.39 10.03 -3.18
N LEU B 630 -34.13 10.39 -1.92
CA LEU B 630 -34.88 11.44 -1.23
C LEU B 630 -34.04 12.72 -1.16
N LYS B 631 -34.65 13.79 -0.65
CA LYS B 631 -34.25 15.13 -1.06
C LYS B 631 -32.81 15.44 -0.69
N ASN B 632 -32.36 15.02 0.50
CA ASN B 632 -30.98 15.28 0.92
C ASN B 632 -30.20 14.04 1.34
N LYS B 633 -30.79 12.85 1.31
CA LYS B 633 -30.12 11.68 1.86
C LYS B 633 -30.72 10.42 1.24
N ASP B 634 -29.86 9.54 0.73
CA ASP B 634 -30.31 8.30 0.14
C ASP B 634 -30.69 7.29 1.22
N MET B 635 -31.71 6.50 0.92
CA MET B 635 -32.22 5.46 1.81
C MET B 635 -32.09 4.11 1.13
N THR B 636 -31.35 3.20 1.75
CA THR B 636 -31.09 1.90 1.14
C THR B 636 -32.22 0.92 1.43
N ILE B 637 -32.20 -0.21 0.73
CA ILE B 637 -33.09 -1.32 1.07
C ILE B 637 -32.80 -1.80 2.47
N PHE B 638 -31.51 -1.82 2.84
CA PHE B 638 -31.12 -2.21 4.19
C PHE B 638 -31.77 -1.30 5.22
N ASP B 639 -31.75 0.01 4.95
CA ASP B 639 -32.41 0.96 5.86
C ASP B 639 -33.91 0.72 5.92
N LEU B 640 -34.54 0.46 4.77
CA LEU B 640 -35.98 0.31 4.73
C LEU B 640 -36.44 -0.95 5.47
N LEU B 641 -35.66 -2.03 5.36
CA LEU B 641 -36.02 -3.27 6.06
C LEU B 641 -35.92 -3.12 7.57
N THR B 642 -34.93 -2.38 8.05
CA THR B 642 -34.57 -2.35 9.45
C THR B 642 -35.30 -1.27 10.27
N VAL B 643 -36.25 -0.55 9.68
CA VAL B 643 -36.94 0.50 10.42
C VAL B 643 -37.68 -0.11 11.60
N GLU B 644 -37.51 0.50 12.77
CA GLU B 644 -38.18 0.04 13.97
C GLU B 644 -39.61 0.58 14.04
N ASP B 645 -40.46 -0.16 14.74
CA ASP B 645 -41.81 0.27 15.10
C ASP B 645 -42.67 0.45 13.84
N VAL B 646 -42.32 -0.25 12.75
CA VAL B 646 -43.11 -0.15 11.54
C VAL B 646 -44.50 -0.73 11.78
N ARG B 647 -45.52 -0.04 11.28
CA ARG B 647 -46.91 -0.48 11.34
C ARG B 647 -47.48 -0.33 9.94
N LEU B 648 -47.45 -1.42 9.17
CA LEU B 648 -47.80 -1.37 7.77
C LEU B 648 -48.63 -2.57 7.31
N SER B 649 -49.08 -3.42 8.22
CA SER B 649 -49.87 -4.60 7.86
C SER B 649 -51.13 -4.19 7.13
N GLY B 650 -51.37 -4.80 5.97
CA GLY B 650 -52.59 -4.58 5.22
C GLY B 650 -52.65 -3.28 4.47
N SER B 651 -51.59 -2.49 4.47
CA SER B 651 -51.58 -1.25 3.71
C SER B 651 -51.38 -1.55 2.23
N ARG B 652 -52.19 -0.89 1.39
CA ARG B 652 -52.01 -0.94 -0.05
C ARG B 652 -50.99 0.12 -0.46
N ILE B 653 -50.10 -0.25 -1.38
CA ILE B 653 -48.95 0.57 -1.72
C ILE B 653 -48.84 0.67 -3.24
N LEU B 654 -48.48 1.86 -3.72
CA LEU B 654 -48.24 2.12 -5.14
C LEU B 654 -46.89 2.82 -5.28
N LEU B 655 -46.09 2.36 -6.23
CA LEU B 655 -44.70 2.78 -6.37
C LEU B 655 -44.46 3.42 -7.73
N GLY B 656 -43.57 4.40 -7.75
CA GLY B 656 -43.17 5.08 -8.97
C GLY B 656 -41.94 4.47 -9.62
N ALA B 657 -41.05 5.31 -10.12
CA ALA B 657 -39.90 4.84 -10.89
C ALA B 657 -38.90 4.04 -10.06
N CYS B 658 -38.95 4.15 -8.74
CA CYS B 658 -37.93 3.51 -7.90
C CYS B 658 -37.91 2.00 -8.09
N GLU B 659 -39.10 1.39 -8.18
CA GLU B 659 -39.16 -0.07 -8.28
C GLU B 659 -38.50 -0.56 -9.56
N SER B 660 -38.65 0.18 -10.66
CA SER B 660 -38.04 -0.21 -11.93
C SER B 660 -36.53 0.07 -11.95
N ASP B 661 -36.09 1.15 -11.30
CA ASP B 661 -34.72 1.62 -11.44
C ASP B 661 -33.75 0.99 -10.46
N MET B 662 -34.24 0.37 -9.38
CA MET B 662 -33.39 -0.27 -8.40
C MET B 662 -33.01 -1.70 -8.79
N VAL B 663 -33.35 -2.13 -9.99
CA VAL B 663 -33.08 -3.50 -10.46
C VAL B 663 -31.99 -3.40 -11.54
N PRO B 664 -30.90 -4.17 -11.44
CA PRO B 664 -29.84 -4.07 -12.45
C PRO B 664 -30.28 -4.64 -13.79
N PRO B 665 -29.50 -4.43 -14.85
CA PRO B 665 -29.67 -5.23 -16.06
C PRO B 665 -29.29 -6.69 -15.81
N LEU B 666 -30.07 -7.60 -16.40
CA LEU B 666 -29.86 -9.03 -16.19
C LEU B 666 -28.53 -9.50 -16.76
N GLU B 667 -27.88 -10.41 -16.03
CA GLU B 667 -26.67 -11.10 -16.48
C GLU B 667 -26.92 -12.55 -16.86
N PHE B 668 -27.60 -13.31 -16.01
CA PHE B 668 -27.87 -14.72 -16.24
C PHE B 668 -29.38 -14.97 -16.22
N SER B 669 -29.79 -16.04 -16.89
CA SER B 669 -31.20 -16.36 -17.03
C SER B 669 -31.86 -16.62 -15.68
N VAL B 670 -31.10 -17.14 -14.71
CA VAL B 670 -31.66 -17.52 -13.41
C VAL B 670 -31.34 -16.48 -12.33
N ASP B 671 -30.98 -15.25 -12.73
CA ASP B 671 -30.80 -14.17 -11.77
C ASP B 671 -32.13 -13.79 -11.13
N GLU B 672 -32.08 -13.46 -9.85
CA GLU B 672 -33.21 -12.82 -9.15
C GLU B 672 -32.66 -11.72 -8.25
N HIS B 673 -33.27 -10.54 -8.32
CA HIS B 673 -32.76 -9.35 -7.66
C HIS B 673 -33.82 -8.77 -6.72
N LEU B 674 -33.42 -8.49 -5.49
CA LEU B 674 -34.27 -7.83 -4.52
C LEU B 674 -34.52 -6.37 -4.92
N SER B 675 -35.67 -5.85 -4.52
CA SER B 675 -36.03 -4.48 -4.83
C SER B 675 -37.05 -3.98 -3.81
N VAL B 676 -37.38 -2.69 -3.92
CA VAL B 676 -38.19 -2.00 -2.90
C VAL B 676 -39.54 -2.67 -2.72
N SER B 677 -40.10 -3.26 -3.78
CA SER B 677 -41.38 -3.95 -3.63
C SER B 677 -41.26 -5.12 -2.65
N GLY B 678 -40.14 -5.85 -2.73
CA GLY B 678 -39.92 -6.94 -1.79
C GLY B 678 -39.68 -6.46 -0.38
N ALA B 679 -39.13 -5.26 -0.21
CA ALA B 679 -38.93 -4.72 1.12
C ALA B 679 -40.26 -4.42 1.80
N PHE B 680 -41.16 -3.75 1.07
CA PHE B 680 -42.47 -3.44 1.63
C PHE B 680 -43.26 -4.71 1.92
N LEU B 681 -43.16 -5.70 1.03
CA LEU B 681 -43.86 -6.96 1.25
C LEU B 681 -43.34 -7.68 2.48
N SER B 682 -42.07 -7.46 2.84
CA SER B 682 -41.54 -8.03 4.08
C SER B 682 -42.19 -7.43 5.31
N HIS B 683 -42.66 -6.18 5.22
CA HIS B 683 -43.40 -5.54 6.28
C HIS B 683 -44.89 -5.89 6.26
N LYS B 684 -45.25 -6.94 5.52
CA LYS B 684 -46.62 -7.45 5.48
C LYS B 684 -47.59 -6.47 4.84
N ALA B 685 -47.13 -5.69 3.87
CA ALA B 685 -48.05 -4.85 3.10
C ALA B 685 -49.09 -5.71 2.40
N GLY B 686 -50.27 -5.15 2.20
CA GLY B 686 -51.37 -5.89 1.62
C GLY B 686 -51.10 -6.30 0.19
N GLU B 687 -51.07 -5.33 -0.72
CA GLU B 687 -50.68 -5.61 -2.10
C GLU B 687 -50.07 -4.35 -2.69
N ILE B 688 -49.21 -4.54 -3.68
CA ILE B 688 -48.31 -3.51 -4.17
C ILE B 688 -48.48 -3.40 -5.68
N VAL B 689 -48.59 -2.17 -6.18
CA VAL B 689 -48.68 -1.88 -7.60
C VAL B 689 -47.38 -1.24 -8.03
N ALA B 690 -46.75 -1.80 -9.07
CA ALA B 690 -45.48 -1.31 -9.55
C ALA B 690 -45.32 -1.68 -11.01
N GLY B 691 -44.39 -1.01 -11.67
CA GLY B 691 -44.13 -1.21 -13.08
C GLY B 691 -42.93 -2.10 -13.35
N LEU B 692 -43.00 -2.84 -14.46
CA LEU B 692 -41.87 -3.67 -14.87
C LEU B 692 -40.77 -2.88 -15.55
N TRP B 693 -41.10 -1.74 -16.15
CA TRP B 693 -40.11 -0.83 -16.71
C TRP B 693 -40.61 0.58 -16.46
N THR B 694 -39.75 1.57 -16.76
CA THR B 694 -40.07 2.95 -16.42
C THR B 694 -41.40 3.38 -17.01
N VAL B 695 -42.21 4.01 -16.18
CA VAL B 695 -43.62 4.29 -16.48
C VAL B 695 -43.77 5.76 -16.83
N ASP B 696 -44.60 6.04 -17.83
CA ASP B 696 -44.86 7.41 -18.24
C ASP B 696 -45.65 8.11 -17.14
N SER B 697 -45.17 9.28 -16.73
CA SER B 697 -45.77 9.98 -15.60
C SER B 697 -47.24 10.31 -15.85
N GLU B 698 -47.57 10.67 -17.09
CA GLU B 698 -48.93 11.10 -17.41
C GLU B 698 -49.92 9.95 -17.26
N LYS B 699 -49.48 8.70 -17.42
CA LYS B 699 -50.35 7.55 -17.24
C LYS B 699 -50.17 6.86 -15.89
N VAL B 700 -49.10 7.15 -15.17
CA VAL B 700 -49.10 6.93 -13.72
C VAL B 700 -50.14 7.83 -13.07
N ASP B 701 -50.20 9.09 -13.51
CA ASP B 701 -51.16 10.04 -12.96
C ASP B 701 -52.59 9.51 -13.12
N GLU B 702 -52.91 8.99 -14.29
CA GLU B 702 -54.26 8.49 -14.54
C GLU B 702 -54.51 7.16 -13.84
N CYS B 703 -53.56 6.23 -13.97
CA CYS B 703 -53.77 4.87 -13.47
C CYS B 703 -53.94 4.84 -11.97
N TYR B 704 -53.01 5.46 -11.23
CA TYR B 704 -53.06 5.40 -9.79
C TYR B 704 -54.22 6.21 -9.23
N SER B 705 -54.66 7.25 -9.93
CA SER B 705 -55.85 7.97 -9.50
C SER B 705 -57.07 7.06 -9.54
N TYR B 706 -57.19 6.25 -10.59
CA TYR B 706 -58.32 5.34 -10.72
C TYR B 706 -58.33 4.28 -9.62
N LEU B 707 -57.17 3.69 -9.33
CA LEU B 707 -57.09 2.68 -8.28
C LEU B 707 -57.33 3.30 -6.90
N VAL B 708 -56.92 4.54 -6.70
CA VAL B 708 -57.19 5.21 -5.43
C VAL B 708 -58.69 5.45 -5.26
N GLU B 709 -59.37 5.83 -6.35
CA GLU B 709 -60.81 6.07 -6.26
C GLU B 709 -61.59 4.78 -6.07
N GLU B 710 -61.14 3.69 -6.67
CA GLU B 710 -61.84 2.40 -6.66
C GLU B 710 -60.82 1.35 -6.21
N LYS B 711 -60.79 1.10 -4.91
CA LYS B 711 -59.69 0.43 -4.24
C LYS B 711 -59.72 -1.09 -4.36
N ASP B 712 -60.49 -1.64 -5.31
CA ASP B 712 -60.41 -3.06 -5.65
C ASP B 712 -59.41 -3.20 -6.80
N PHE B 713 -58.13 -3.29 -6.44
CA PHE B 713 -57.07 -3.18 -7.44
C PHE B 713 -57.15 -4.26 -8.50
N LEU B 714 -57.47 -5.50 -8.11
CA LEU B 714 -57.40 -6.61 -9.04
C LEU B 714 -58.32 -6.40 -10.24
N ARG B 715 -59.55 -5.96 -10.00
CA ARG B 715 -60.49 -5.73 -11.10
C ARG B 715 -60.25 -4.39 -11.76
N ASN B 716 -59.94 -3.35 -10.97
CA ASN B 716 -59.83 -2.01 -11.54
C ASN B 716 -58.63 -1.86 -12.45
N LEU B 717 -57.53 -2.56 -12.17
CA LEU B 717 -56.40 -2.53 -13.09
C LEU B 717 -56.75 -3.21 -14.41
N GLN B 718 -57.51 -4.31 -14.35
CA GLN B 718 -57.95 -4.96 -15.58
C GLN B 718 -58.90 -4.05 -16.37
N GLU B 719 -59.79 -3.34 -15.65
CA GLU B 719 -60.68 -2.40 -16.33
C GLU B 719 -59.90 -1.30 -17.01
N TRP B 720 -58.86 -0.78 -16.35
CA TRP B 720 -58.04 0.25 -16.95
C TRP B 720 -57.32 -0.28 -18.19
N GLN B 721 -56.78 -1.49 -18.10
CA GLN B 721 -56.05 -2.06 -19.23
C GLN B 721 -56.97 -2.40 -20.38
N MET B 722 -58.17 -2.91 -20.09
CA MET B 722 -59.14 -3.20 -21.13
C MET B 722 -59.79 -1.94 -21.68
N ALA B 723 -59.74 -0.83 -20.94
CA ALA B 723 -60.17 0.45 -21.50
C ALA B 723 -59.17 0.97 -22.53
N GLU B 724 -57.88 0.91 -22.19
CA GLU B 724 -56.85 1.45 -23.08
C GLU B 724 -56.58 0.54 -24.27
N THR B 725 -56.80 -0.76 -24.13
CA THR B 725 -56.56 -1.67 -25.25
C THR B 725 -57.48 -1.40 -26.43
N GLU B 726 -58.62 -0.73 -26.19
CA GLU B 726 -59.44 -0.28 -27.30
C GLU B 726 -58.71 0.77 -28.14
N ASN B 727 -57.94 1.64 -27.49
CA ASN B 727 -57.14 2.61 -28.23
C ASN B 727 -55.99 1.94 -28.97
N PHE B 728 -55.41 0.91 -28.35
CA PHE B 728 -54.36 0.14 -29.02
C PHE B 728 -54.88 -0.54 -30.28
N ARG B 729 -56.08 -1.11 -30.20
CA ARG B 729 -56.65 -1.82 -31.35
C ARG B 729 -56.91 -0.90 -32.54
N SER B 730 -56.96 0.42 -32.35
CA SER B 730 -57.30 1.30 -33.46
C SER B 730 -56.23 1.25 -34.56
N GLU B 731 -54.96 1.28 -34.18
CA GLU B 731 -53.87 1.19 -35.16
C GLU B 731 -52.74 0.29 -34.68
N ASN B 732 -52.88 -0.38 -33.55
CA ASN B 732 -51.82 -1.25 -33.00
C ASN B 732 -50.52 -0.48 -32.81
N ASP B 733 -50.62 0.67 -32.13
CA ASP B 733 -49.44 1.42 -31.72
C ASP B 733 -48.70 0.66 -30.64
N SER B 734 -47.52 0.14 -30.97
CA SER B 734 -46.66 -0.43 -29.93
C SER B 734 -46.30 0.61 -28.88
N SER B 735 -46.22 1.88 -29.27
CA SER B 735 -45.87 2.92 -28.31
C SER B 735 -46.92 3.04 -27.22
N LEU B 736 -48.18 2.73 -27.52
CA LEU B 736 -49.22 2.77 -26.50
C LEU B 736 -49.20 1.50 -25.66
N PHE B 737 -49.02 0.34 -26.30
CA PHE B 737 -48.87 -0.90 -25.55
C PHE B 737 -47.71 -0.82 -24.57
N TYR B 738 -46.64 -0.15 -24.98
CA TYR B 738 -45.49 0.05 -24.10
C TYR B 738 -45.86 0.77 -22.81
N LYS B 739 -46.89 1.62 -22.84
CA LYS B 739 -47.24 2.43 -21.67
C LYS B 739 -48.22 1.75 -20.73
N ILE B 740 -49.07 0.86 -21.25
CA ILE B 740 -50.11 0.23 -20.43
C ILE B 740 -49.75 -1.19 -19.97
N ALA B 741 -48.77 -1.83 -20.60
CA ALA B 741 -48.31 -3.15 -20.18
C ALA B 741 -47.57 -3.23 -18.84
N PRO B 742 -46.77 -2.21 -18.42
CA PRO B 742 -45.81 -2.48 -17.33
C PRO B 742 -46.43 -2.75 -15.97
N PHE B 743 -47.63 -2.26 -15.72
CA PHE B 743 -48.19 -2.30 -14.37
C PHE B 743 -48.59 -3.72 -13.97
N ARG B 744 -48.30 -4.07 -12.72
CA ARG B 744 -48.67 -5.37 -12.18
C ARG B 744 -48.90 -5.25 -10.67
N ILE B 745 -49.62 -6.22 -10.12
CA ILE B 745 -49.93 -6.28 -8.69
C ILE B 745 -49.11 -7.40 -8.08
N ILE B 746 -48.47 -7.11 -6.95
CA ILE B 746 -47.73 -8.09 -6.16
C ILE B 746 -48.42 -8.24 -4.81
N GLY B 747 -48.57 -9.47 -4.37
CA GLY B 747 -49.14 -9.79 -3.07
C GLY B 747 -50.46 -10.53 -3.20
N PHE B 748 -50.98 -10.91 -2.03
CA PHE B 748 -52.19 -11.73 -1.96
C PHE B 748 -52.89 -11.45 -0.63
N PRO B 749 -53.75 -10.45 -0.57
CA PRO B 749 -54.52 -10.20 0.65
C PRO B 749 -55.73 -11.11 0.75
N ALA B 750 -56.35 -11.07 1.93
CA ALA B 750 -57.54 -11.87 2.21
C ALA B 750 -58.71 -11.47 1.31
#